data_7LKZ
#
_entry.id   7LKZ
#
_cell.length_a   1.00
_cell.length_b   1.00
_cell.length_c   1.00
_cell.angle_alpha   90.00
_cell.angle_beta   90.00
_cell.angle_gamma   90.00
#
_symmetry.space_group_name_H-M   'P 1'
#
loop_
_entity.id
_entity.type
_entity.pdbx_description
1 polymer 'Retinal-specific phospholipid-transporting ATPase ABCA4'
2 branched beta-D-mannopyranose-(1-4)-2-acetamido-2-deoxy-beta-D-glucopyranose-(1-4)-2-acetamido-2-deoxy-beta-D-glucopyranose
3 branched beta-D-mannopyranose-(1-3)-[beta-D-mannopyranose-(1-6)]beta-D-mannopyranose-(1-4)-2-acetamido-2-deoxy-beta-D-glucopyranose-(1-4)-2-acetamido-2-deoxy-beta-D-glucopyranose
4 non-polymer '[(2~{R})-1-[2-azanylethoxy(oxidanyl)phosphoryl]oxy-3-hexadecanoyloxy-propan-2-yl] (~{Z})-octadec-9-enoate'
5 non-polymer '(2S)-3-(hexadecanoyloxy)-2-[(9Z)-octadec-9-enoyloxy]propyl 2-(trimethylammonio)ethyl phosphate'
6 non-polymer 2-acetamido-2-deoxy-beta-D-glucopyranose
7 non-polymer 'MAGNESIUM ION'
8 non-polymer "ADENOSINE-5'-TRIPHOSPHATE"
#
_entity_poly.entity_id   1
_entity_poly.type   'polypeptide(L)'
_entity_poly.pdbx_seq_one_letter_code
;MGFVRQIQLLLWKNWTLRKRQKIRFVVELVWPLSLFLVLIWLRNANPLYSHHECHFPNKAMPSAGMLPWLQGIFCNVNNP
CFQSPTPGESPGIVSNYNNSILARVYRDFQELLMNAPESQHLGRIWTELHILSQFMDTLRTHPERIAGRGIRIRDILKDE
ETLTLFLIKNIGLSDSVVYLLINSQVRPEQFAHGVPDLALKDIACSEALLERFIIFSQRRGAKTVRYALCSLSQGTLQWI
EDTLYANVDFFKLFRVLPTLLDSRSQGINLRSWGGILSDMSPRIQEFIHRPSMQDLLWVTRPLMQNGGPETFTKLMGILS
DLLCGYPEGGGSRVLSFNWYEDNNYKAFLGIDSTRKDPIYSYDRRTTSFCNALIQSLESNPLTKIAWRAAKPLLMGKILY
TPDSPAARRILKNANSTFEELEHVRKLVKAWEEVGPQIWYFFDNSTQMNMIRDTLGNPTVKDFLNRQLGEEGITAEAILN
FLYKGPRESQADDMANFDWRDIFNITDRTLRLVNQYLECLVLDKFESYNDETQLTQRALSLLEENMFWAGVVFPDMYPWT
SSLPPHVKYKIRMDIDVVEKTNKIKDRYWDSGPRADPVEDFRYIWGGFAYLQDMVEQGITRSQVQAEAPVGIYLQQMPYP
CFVDDSFMIILNRCFPIFMVLAWIYSVSMTVKSIVLEKELRLKETLKNQGVSNAVIWCTWFLDSFSIMSMSIFLLTIFIM
HGRILHYSDPFILFLFLLAFSTATIMLCFLLSTFFSKASLAAACSGVIYFTLYLPHILCFAWQDRMTAELKKAVSLLSPV
AFGFGTEYLVRFEEQGLGLQWSNIGNSPTEGDEFSFLLSMQMMLLDAAVYGLLAWYLDQVFPGDYGTPLPWYFLLQESYW
LGGEGCSTREERALEKTEPLTEETEDPEHPEGIHDSFFEREHPGWVPGVCVKNLVKIFEPCGRPAVDRLNITFYENQITA
FLGHNGAGKTTTLSILTGLLPPTSGTVLVGGRDIETSLDAVRQSLGMCPQHNILFHHLTVAEHMLFYAQLKGKSQEEAQL
EMEAMLEDTGLHHKRNEEAQDLSGGMQRKLSVAIAFVGDAKVVILDQPTSGVDPYSRRSIWDLLLKYRSGRTIIMSTHHM
DEADLLGDRIAIIAQGRLYCSGTPLFLKNCFGTGLYLTLVRKMKNIQSQRKGSEGTCSCSSKGFSTTCPAHVDDLTPEQV
LDGDVNELMDVVLHHVPEAKLVECIGQELIFLLPNKNFKHRAYASLFRELEETLADLGLSSFGISDTPLEEIFLKVTEDS
DSGPLFAGGAQQKRENVNPRHPCLGPREKAGQTPQDSNVCSPGAPAAHPEGQPPPEPECPGPQLNTGTQLVLQHVQALLV
KRFQHTIRSHKDFLAQIVLPATFVFLALMLSIVIPPFGEYPALTLHPWIYGQQYTFFSMDEPGSEQFTVLADVLLNKPGF
GNRCLKEGWLPEYPCGNSTPWKTPSVSPNITQLFQKQKWTQVNPSPSCRCSTREKLTMLPECPEGAGGLPPPQRTQRSTE
ILQDLTDRNISDFLVKTYPALIRSSLKSKFWVNEQRYGGISIGGKLPVVPITGEALVGFLSDLGRIMNVSGGPITREASK
EIPDFLKHLETEDNIKVWFNNKGWHALVSFLNVAHNAILRASLPKDRSPEEYGITVISQPLNLTKEQLSEITVLTTSVDA
VVAICVIFSMSFVPASFVLYLIQERVNKSKHLQFISGVSPTTYWVTNFLWDIMNYSVSAGLVVGIFIGFQKKAYTSPENL
PALVALLLLYGWAVIPMMYPASFLFDVPSTAYVALSCANLFIGINSSAITFILELFENNRTLLRFNAVLRKLLIVFPHFC
LGRGLIDLALSQAVTDVYARFGEEHSANPFHWDLIGKNLFAMVVEGVVYFLLTLLVQRHFFLSQWIAEPTKEPIVDEDDD
VAEERQRIITGGNKTDILRLHELTKIYPGTSSPAVDRLCVGVRPGECFGLLGVNGAGKTTTFKMLTGDTTVTSGDATVAG
KSILTNISEVHQNMGYCPQFDAIDELLTGREHLYLYARLRGVPAEEIEKVANWSIKSLGLTVYADCLAGTYSGGNKRKLS
TAIALIGCPPLVLLDQPTTGMDPQARRMLWNVIVSIIREGRAVVLTSHSMEECEALCTRLAIMVKGAFRCMGTIQHLKSK
FGDGYIVTMKIKSPKDDLLPDLNPVEQFFQGNFPGSVQRERHYNMLQFQVSSSSLARIFQLLLSHKDSLLIEEYSVTQTT
LDQVFVNFAKQQTESHDLPLHPRAAGASRQAQD
;
_entity_poly.pdbx_strand_id   A
#
loop_
_chem_comp.id
_chem_comp.type
_chem_comp.name
_chem_comp.formula
6OU non-polymer '[(2~{R})-1-[2-azanylethoxy(oxidanyl)phosphoryl]oxy-3-hexadecanoyloxy-propan-2-yl] (~{Z})-octadec-9-enoate' 'C39 H76 N O8 P'
ATP non-polymer ADENOSINE-5'-TRIPHOSPHATE 'C10 H16 N5 O13 P3'
BMA D-saccharide, beta linking beta-D-mannopyranose 'C6 H12 O6'
MG non-polymer 'MAGNESIUM ION' 'Mg 2'
NAG D-saccharide, beta linking 2-acetamido-2-deoxy-beta-D-glucopyranose 'C8 H15 N O6'
POV non-polymer '(2S)-3-(hexadecanoyloxy)-2-[(9Z)-octadec-9-enoyloxy]propyl 2-(trimethylammonio)ethyl phosphate' 'C42 H82 N O8 P'
#
# COMPACT_ATOMS: atom_id res chain seq x y z
N PHE A 3 0.22 -10.93 -38.79
CA PHE A 3 -0.31 -10.29 -37.59
C PHE A 3 0.12 -11.10 -36.37
N VAL A 4 -0.13 -12.42 -36.41
CA VAL A 4 0.35 -13.28 -35.33
C VAL A 4 1.87 -13.31 -35.33
N ARG A 5 2.48 -13.24 -36.52
CA ARG A 5 3.94 -13.21 -36.59
C ARG A 5 4.49 -11.96 -35.91
N GLN A 6 3.81 -10.83 -36.07
CA GLN A 6 4.31 -9.59 -35.47
C GLN A 6 4.24 -9.65 -33.96
N ILE A 7 3.16 -10.21 -33.41
CA ILE A 7 3.09 -10.43 -31.97
C ILE A 7 4.18 -11.40 -31.53
N GLN A 8 4.42 -12.44 -32.32
CA GLN A 8 5.48 -13.38 -32.01
C GLN A 8 6.82 -12.66 -31.87
N LEU A 9 7.12 -11.77 -32.81
CA LEU A 9 8.39 -11.05 -32.79
C LEU A 9 8.49 -10.12 -31.58
N LEU A 10 7.42 -9.36 -31.31
CA LEU A 10 7.47 -8.45 -30.17
C LEU A 10 7.59 -9.21 -28.86
N LEU A 11 6.89 -10.34 -28.73
CA LEU A 11 7.00 -11.14 -27.52
C LEU A 11 8.40 -11.74 -27.39
N TRP A 12 9.01 -12.15 -28.50
CA TRP A 12 10.36 -12.66 -28.45
C TRP A 12 11.34 -11.59 -27.98
N LYS A 13 11.17 -10.36 -28.48
CA LYS A 13 12.04 -9.28 -28.05
C LYS A 13 11.85 -8.98 -26.56
N ASN A 14 10.59 -8.97 -26.10
CA ASN A 14 10.33 -8.73 -24.69
C ASN A 14 10.97 -9.80 -23.83
N TRP A 15 10.86 -11.06 -24.24
CA TRP A 15 11.39 -12.14 -23.42
C TRP A 15 12.92 -12.17 -23.47
N THR A 16 13.52 -11.74 -24.58
CA THR A 16 14.98 -11.61 -24.60
C THR A 16 15.45 -10.53 -23.63
N LEU A 17 14.84 -9.35 -23.71
CA LEU A 17 15.21 -8.30 -22.75
C LEU A 17 14.95 -8.72 -21.32
N ARG A 18 13.95 -9.59 -21.10
CA ARG A 18 13.66 -10.04 -19.75
C ARG A 18 14.66 -11.08 -19.28
N LYS A 19 15.13 -11.93 -20.20
CA LYS A 19 16.20 -12.87 -19.88
C LYS A 19 17.49 -12.15 -19.54
N ARG A 20 17.73 -11.00 -20.17
CA ARG A 20 18.95 -10.26 -19.86
C ARG A 20 18.96 -9.73 -18.43
N GLN A 21 17.79 -9.48 -17.83
CA GLN A 21 17.68 -8.94 -16.47
C GLN A 21 16.77 -9.85 -15.67
N LYS A 22 17.35 -10.74 -14.87
CA LYS A 22 16.57 -11.72 -14.12
C LYS A 22 16.13 -11.22 -12.76
N ILE A 23 16.83 -10.26 -12.17
CA ILE A 23 16.48 -9.80 -10.83
C ILE A 23 15.11 -9.13 -10.83
N ARG A 24 14.86 -8.26 -11.81
CA ARG A 24 13.54 -7.62 -11.89
C ARG A 24 12.44 -8.65 -12.10
N PHE A 25 12.70 -9.65 -12.93
CA PHE A 25 11.73 -10.72 -13.14
C PHE A 25 11.41 -11.46 -11.85
N VAL A 26 12.45 -11.86 -11.11
CA VAL A 26 12.22 -12.60 -9.87
C VAL A 26 11.46 -11.74 -8.86
N VAL A 27 11.82 -10.46 -8.74
CA VAL A 27 11.12 -9.60 -7.80
C VAL A 27 9.66 -9.45 -8.21
N GLU A 28 9.39 -9.32 -9.51
CA GLU A 28 8.01 -9.16 -9.96
C GLU A 28 7.20 -10.43 -9.71
N LEU A 29 7.85 -11.59 -9.75
CA LEU A 29 7.14 -12.83 -9.46
C LEU A 29 7.05 -13.15 -7.96
N VAL A 30 7.84 -12.48 -7.12
CA VAL A 30 7.88 -12.84 -5.72
C VAL A 30 7.21 -11.82 -4.80
N TRP A 31 7.03 -10.57 -5.24
CA TRP A 31 6.59 -9.52 -4.33
C TRP A 31 5.28 -9.83 -3.60
N PRO A 32 4.19 -10.23 -4.25
CA PRO A 32 2.96 -10.52 -3.48
C PRO A 32 3.13 -11.65 -2.48
N LEU A 33 3.87 -12.69 -2.85
CA LEU A 33 4.14 -13.77 -1.90
C LEU A 33 4.88 -13.25 -0.69
N SER A 34 5.82 -12.33 -0.89
CA SER A 34 6.51 -11.71 0.24
C SER A 34 5.55 -10.93 1.10
N LEU A 35 4.59 -10.24 0.48
CA LEU A 35 3.61 -9.49 1.27
C LEU A 35 2.75 -10.42 2.11
N PHE A 36 2.44 -11.60 1.59
CA PHE A 36 1.56 -12.56 2.29
C PHE A 36 2.32 -13.43 3.28
N LEU A 37 3.12 -12.84 4.16
CA LEU A 37 3.91 -13.61 5.11
C LEU A 37 3.44 -13.51 6.55
N VAL A 38 3.00 -12.33 6.98
CA VAL A 38 2.50 -12.19 8.34
C VAL A 38 1.27 -13.05 8.55
N LEU A 39 0.42 -13.19 7.53
CA LEU A 39 -0.76 -14.03 7.66
C LEU A 39 -0.38 -15.50 7.85
N ILE A 40 0.61 -15.99 7.09
CA ILE A 40 1.01 -17.38 7.25
C ILE A 40 1.67 -17.58 8.61
N TRP A 41 2.41 -16.59 9.09
CA TRP A 41 3.03 -16.71 10.39
C TRP A 41 1.99 -16.76 11.51
N LEU A 42 0.98 -15.89 11.43
CA LEU A 42 -0.10 -15.93 12.40
C LEU A 42 -0.86 -17.25 12.34
N ARG A 43 -1.12 -17.75 11.13
CA ARG A 43 -1.83 -19.02 11.01
C ARG A 43 -1.03 -20.16 11.62
N ASN A 44 0.28 -20.20 11.39
CA ASN A 44 1.13 -21.18 12.06
C ASN A 44 1.24 -20.92 13.55
N ALA A 45 0.84 -19.73 14.01
CA ALA A 45 0.93 -19.40 15.43
C ALA A 45 -0.31 -19.76 16.23
N ASN A 46 -1.48 -19.79 15.59
CA ASN A 46 -2.74 -20.00 16.31
C ASN A 46 -3.36 -21.35 15.96
N PRO A 47 -3.28 -22.34 16.83
CA PRO A 47 -3.94 -23.63 16.57
C PRO A 47 -5.45 -23.56 16.73
N LEU A 48 -6.12 -24.71 16.64
CA LEU A 48 -7.58 -24.74 16.65
C LEU A 48 -8.15 -24.69 18.07
N TYR A 49 -7.71 -25.60 18.94
CA TYR A 49 -8.15 -25.68 20.33
C TYR A 49 -9.67 -25.89 20.40
N SER A 50 -10.08 -27.09 19.99
CA SER A 50 -11.47 -27.49 20.14
C SER A 50 -11.87 -27.54 21.61
N HIS A 51 -13.12 -27.19 21.89
CA HIS A 51 -13.65 -27.16 23.25
C HIS A 51 -14.37 -28.45 23.58
N HIS A 52 -15.10 -28.45 24.70
CA HIS A 52 -15.83 -29.61 25.20
C HIS A 52 -17.33 -29.29 25.29
N GLU A 53 -18.06 -30.16 25.97
CA GLU A 53 -19.52 -30.09 25.98
C GLU A 53 -20.04 -28.77 26.53
N CYS A 54 -19.51 -28.31 27.67
CA CYS A 54 -19.97 -27.09 28.33
C CYS A 54 -21.46 -27.18 28.70
N HIS A 55 -21.73 -28.03 29.68
CA HIS A 55 -23.03 -28.07 30.31
C HIS A 55 -23.12 -27.01 31.41
N PHE A 56 -24.17 -26.20 31.36
CA PHE A 56 -24.35 -25.02 32.21
C PHE A 56 -25.28 -25.27 33.38
N PRO A 57 -25.11 -24.52 34.48
CA PRO A 57 -25.98 -24.70 35.65
C PRO A 57 -27.20 -23.79 35.65
N ASN A 58 -28.05 -23.95 36.68
CA ASN A 58 -29.27 -23.17 36.83
C ASN A 58 -28.97 -21.69 37.04
N LYS A 59 -30.03 -20.89 37.04
CA LYS A 59 -29.97 -19.48 37.39
C LYS A 59 -31.30 -19.12 38.04
N ALA A 60 -31.33 -19.08 39.37
CA ALA A 60 -32.57 -18.86 40.08
C ALA A 60 -33.12 -17.46 39.80
N MET A 61 -34.37 -17.24 40.18
CA MET A 61 -35.01 -15.96 40.00
C MET A 61 -35.85 -15.61 41.22
N PRO A 62 -36.08 -14.32 41.49
CA PRO A 62 -36.81 -13.94 42.71
C PRO A 62 -38.16 -14.60 42.89
N SER A 63 -38.71 -15.25 41.87
CA SER A 63 -39.90 -16.06 42.09
C SER A 63 -39.59 -17.35 42.83
N ALA A 64 -38.33 -17.78 42.81
CA ALA A 64 -37.91 -18.98 43.53
C ALA A 64 -37.47 -18.69 44.95
N GLY A 65 -37.92 -17.58 45.52
CA GLY A 65 -37.54 -17.21 46.87
C GLY A 65 -36.34 -16.29 46.89
N MET A 66 -35.82 -16.08 48.08
CA MET A 66 -34.62 -15.27 48.25
C MET A 66 -33.35 -16.09 48.37
N LEU A 67 -33.36 -17.20 49.10
CA LEU A 67 -32.12 -17.89 49.41
C LEU A 67 -31.49 -18.50 48.16
N PRO A 68 -32.19 -19.34 47.39
CA PRO A 68 -31.57 -19.82 46.15
C PRO A 68 -31.27 -18.72 45.18
N TRP A 69 -32.00 -17.60 45.23
CA TRP A 69 -31.66 -16.46 44.37
C TRP A 69 -30.27 -15.94 44.65
N LEU A 70 -29.95 -15.70 45.93
CA LEU A 70 -28.62 -15.20 46.27
C LEU A 70 -27.56 -16.27 46.04
N GLN A 71 -27.88 -17.54 46.30
CA GLN A 71 -26.90 -18.58 46.05
C GLN A 71 -26.56 -18.67 44.58
N GLY A 72 -27.56 -18.56 43.70
CA GLY A 72 -27.32 -18.57 42.27
C GLY A 72 -26.67 -17.31 41.75
N ILE A 73 -26.85 -16.19 42.45
CA ILE A 73 -26.10 -14.98 42.12
C ILE A 73 -24.63 -15.16 42.46
N PHE A 74 -24.34 -15.77 43.60
CA PHE A 74 -22.96 -15.84 44.08
C PHE A 74 -22.18 -16.92 43.34
N CYS A 75 -22.69 -18.16 43.31
CA CYS A 75 -21.90 -19.25 42.74
C CYS A 75 -21.79 -19.13 41.22
N ASN A 76 -22.90 -18.89 40.53
CA ASN A 76 -22.92 -18.92 39.07
C ASN A 76 -22.48 -17.62 38.43
N VAL A 77 -21.68 -16.81 39.13
CA VAL A 77 -21.29 -15.50 38.62
C VAL A 77 -20.34 -15.61 37.43
N ASN A 78 -19.83 -16.80 37.14
CA ASN A 78 -18.83 -16.96 36.08
C ASN A 78 -19.29 -17.81 34.91
N ASN A 79 -20.47 -18.45 34.97
CA ASN A 79 -20.84 -19.48 33.99
C ASN A 79 -19.79 -20.57 33.93
N PRO A 80 -19.75 -21.47 34.92
CA PRO A 80 -18.56 -22.33 35.08
C PRO A 80 -18.23 -23.26 33.92
N CYS A 81 -19.16 -23.61 33.02
CA CYS A 81 -18.83 -24.45 31.88
C CYS A 81 -18.28 -25.82 32.30
N PHE A 82 -19.13 -26.61 32.94
CA PHE A 82 -18.72 -27.98 33.26
C PHE A 82 -18.59 -28.81 31.98
N GLN A 83 -18.22 -30.07 32.17
CA GLN A 83 -18.07 -31.01 31.07
C GLN A 83 -19.07 -32.14 31.12
N SER A 84 -19.44 -32.58 32.32
CA SER A 84 -20.46 -33.56 32.67
C SER A 84 -21.74 -32.86 33.10
N PRO A 85 -22.90 -33.45 32.84
CA PRO A 85 -24.17 -32.78 33.16
C PRO A 85 -24.28 -32.42 34.63
N THR A 86 -24.85 -31.25 34.89
CA THR A 86 -25.15 -30.84 36.24
C THR A 86 -26.31 -31.68 36.78
N PRO A 87 -26.43 -31.79 38.10
CA PRO A 87 -27.63 -32.43 38.65
C PRO A 87 -28.87 -31.56 38.52
N GLY A 88 -28.75 -30.41 37.86
CA GLY A 88 -29.87 -29.53 37.66
C GLY A 88 -30.67 -29.83 36.41
N GLU A 89 -30.08 -30.55 35.47
CA GLU A 89 -30.77 -30.93 34.25
C GLU A 89 -31.44 -32.29 34.37
N SER A 90 -31.40 -32.90 35.56
CA SER A 90 -32.15 -34.11 35.81
C SER A 90 -33.65 -33.80 35.77
N PRO A 91 -34.50 -34.81 35.59
CA PRO A 91 -35.92 -34.54 35.35
C PRO A 91 -36.59 -33.68 36.42
N GLY A 92 -36.59 -34.14 37.66
CA GLY A 92 -37.29 -33.40 38.69
C GLY A 92 -36.41 -32.88 39.80
N ILE A 93 -35.22 -32.41 39.46
CA ILE A 93 -34.26 -31.92 40.45
C ILE A 93 -33.72 -30.58 39.99
N VAL A 94 -33.72 -29.59 40.87
CA VAL A 94 -33.37 -28.20 40.44
C VAL A 94 -32.30 -27.59 41.36
N SER A 95 -31.90 -28.28 42.43
CA SER A 95 -30.97 -27.65 43.40
C SER A 95 -29.59 -27.33 42.77
N ASN A 96 -28.95 -28.31 42.15
CA ASN A 96 -27.65 -28.08 41.44
C ASN A 96 -26.52 -27.86 42.46
N TYR A 97 -26.80 -27.95 43.77
CA TYR A 97 -25.77 -27.77 44.83
C TYR A 97 -25.91 -28.93 45.80
N ASN A 98 -25.54 -30.14 45.37
CA ASN A 98 -25.75 -31.35 46.21
C ASN A 98 -24.42 -31.76 46.83
N ASN A 99 -23.32 -31.20 46.32
CA ASN A 99 -21.97 -31.55 46.75
C ASN A 99 -21.42 -30.51 47.71
N SER A 100 -22.20 -29.49 48.04
CA SER A 100 -21.75 -28.48 48.99
C SER A 100 -21.57 -29.08 50.37
N ILE A 101 -20.58 -28.57 51.10
CA ILE A 101 -20.25 -29.11 52.41
C ILE A 101 -21.39 -28.89 53.40
N LEU A 102 -22.08 -27.74 53.31
CA LEU A 102 -23.27 -27.55 54.11
C LEU A 102 -24.33 -28.59 53.78
N ALA A 103 -24.50 -28.92 52.49
CA ALA A 103 -25.46 -29.94 52.12
C ALA A 103 -25.10 -31.28 52.74
N ARG A 104 -23.82 -31.65 52.71
CA ARG A 104 -23.40 -32.92 53.31
C ARG A 104 -23.62 -32.93 54.81
N VAL A 105 -23.27 -31.83 55.49
CA VAL A 105 -23.44 -31.77 56.94
C VAL A 105 -24.92 -31.86 57.31
N TYR A 106 -25.76 -31.14 56.58
CA TYR A 106 -27.20 -31.22 56.80
C TYR A 106 -27.74 -32.62 56.54
N ARG A 107 -27.25 -33.28 55.50
CA ARG A 107 -27.69 -34.64 55.21
C ARG A 107 -27.33 -35.58 56.35
N ASP A 108 -26.11 -35.47 56.87
CA ASP A 108 -25.70 -36.28 58.00
C ASP A 108 -26.54 -35.97 59.24
N PHE A 109 -26.80 -34.69 59.49
CA PHE A 109 -27.59 -34.31 60.65
C PHE A 109 -28.99 -34.92 60.58
N GLN A 110 -29.60 -34.85 59.40
CA GLN A 110 -30.94 -35.43 59.27
C GLN A 110 -30.91 -36.95 59.40
N GLU A 111 -29.98 -37.64 58.73
CA GLU A 111 -30.04 -39.09 58.72
C GLU A 111 -29.67 -39.68 60.08
N LEU A 112 -28.77 -39.02 60.81
CA LEU A 112 -28.43 -39.53 62.14
C LEU A 112 -29.40 -39.06 63.21
N LEU A 113 -29.52 -37.74 63.41
CA LEU A 113 -30.15 -37.25 64.63
C LEU A 113 -31.68 -37.26 64.54
N MET A 114 -32.24 -36.47 63.63
CA MET A 114 -33.67 -36.18 63.67
C MET A 114 -34.55 -37.40 63.43
N ASN A 115 -34.19 -38.23 62.45
CA ASN A 115 -35.01 -39.41 62.17
C ASN A 115 -34.96 -40.40 63.32
N ALA A 116 -33.86 -40.42 64.07
CA ALA A 116 -33.72 -41.32 65.21
C ALA A 116 -34.84 -41.09 66.21
N PRO A 117 -35.76 -42.04 66.36
CA PRO A 117 -36.90 -41.83 67.27
C PRO A 117 -36.49 -41.62 68.72
N GLU A 118 -35.43 -42.30 69.17
CA GLU A 118 -34.99 -42.15 70.56
C GLU A 118 -34.46 -40.75 70.82
N SER A 119 -33.80 -40.16 69.83
CA SER A 119 -33.31 -38.79 69.99
C SER A 119 -34.47 -37.81 70.14
N GLN A 120 -35.52 -37.96 69.34
CA GLN A 120 -36.68 -37.09 69.45
C GLN A 120 -37.36 -37.25 70.81
N HIS A 121 -37.50 -38.48 71.28
CA HIS A 121 -38.09 -38.72 72.59
C HIS A 121 -37.24 -38.11 73.70
N LEU A 122 -35.92 -38.25 73.59
CA LEU A 122 -35.04 -37.66 74.60
C LEU A 122 -35.13 -36.14 74.60
N GLY A 123 -35.18 -35.53 73.42
CA GLY A 123 -35.34 -34.08 73.35
C GLY A 123 -36.66 -33.62 73.94
N ARG A 124 -37.74 -34.32 73.62
CA ARG A 124 -39.04 -33.97 74.17
C ARG A 124 -39.06 -34.13 75.68
N ILE A 125 -38.43 -35.19 76.19
CA ILE A 125 -38.37 -35.39 77.64
C ILE A 125 -37.58 -34.28 78.30
N TRP A 126 -36.46 -33.88 77.70
CA TRP A 126 -35.68 -32.78 78.26
C TRP A 126 -36.45 -31.48 78.25
N THR A 127 -37.18 -31.20 77.16
CA THR A 127 -37.98 -29.99 77.09
C THR A 127 -39.09 -30.00 78.14
N GLU A 128 -39.75 -31.16 78.32
CA GLU A 128 -40.80 -31.26 79.33
C GLU A 128 -40.24 -31.08 80.72
N LEU A 129 -39.06 -31.65 80.99
CA LEU A 129 -38.43 -31.47 82.30
C LEU A 129 -38.07 -30.02 82.54
N HIS A 130 -37.55 -29.33 81.51
CA HIS A 130 -37.24 -27.91 81.64
C HIS A 130 -38.49 -27.10 81.91
N ILE A 131 -39.59 -27.42 81.21
CA ILE A 131 -40.84 -26.71 81.43
C ILE A 131 -41.36 -26.94 82.84
N LEU A 132 -41.26 -28.19 83.33
CA LEU A 132 -41.67 -28.49 84.69
C LEU A 132 -40.84 -27.72 85.71
N SER A 133 -39.53 -27.65 85.48
CA SER A 133 -38.67 -26.87 86.38
C SER A 133 -39.04 -25.40 86.34
N GLN A 134 -39.34 -24.86 85.15
CA GLN A 134 -39.75 -23.46 85.05
C GLN A 134 -41.06 -23.21 85.78
N PHE A 135 -41.99 -24.17 85.70
CA PHE A 135 -43.25 -24.04 86.43
C PHE A 135 -43.02 -23.99 87.94
N MET A 136 -42.11 -24.83 88.44
CA MET A 136 -41.77 -24.80 89.86
C MET A 136 -41.14 -23.46 90.25
N ASP A 137 -40.27 -22.93 89.40
CA ASP A 137 -39.62 -21.65 89.67
C ASP A 137 -40.62 -20.50 89.54
N TRP A 273 -34.49 -40.30 80.91
CA TRP A 273 -34.03 -38.98 81.33
C TRP A 273 -32.53 -38.84 81.19
N GLY A 274 -31.82 -38.91 82.31
CA GLY A 274 -30.36 -38.83 82.27
C GLY A 274 -29.76 -39.99 81.51
N GLY A 275 -30.29 -41.19 81.70
CA GLY A 275 -29.81 -42.35 80.94
C GLY A 275 -30.10 -42.19 79.46
N ILE A 276 -31.29 -41.67 79.11
CA ILE A 276 -31.62 -41.46 77.72
C ILE A 276 -30.69 -40.44 77.07
N LEU A 277 -30.38 -39.36 77.79
CA LEU A 277 -29.41 -38.39 77.29
C LEU A 277 -28.04 -39.01 77.14
N SER A 278 -27.62 -39.81 78.13
CA SER A 278 -26.35 -40.51 78.02
C SER A 278 -26.37 -41.55 76.90
N ASP A 279 -27.56 -42.05 76.55
CA ASP A 279 -27.68 -43.00 75.46
C ASP A 279 -27.37 -42.34 74.12
N MET A 280 -27.76 -41.09 73.95
CA MET A 280 -27.51 -40.40 72.68
C MET A 280 -26.14 -39.78 72.61
N SER A 281 -25.38 -39.79 73.70
CA SER A 281 -24.01 -39.25 73.65
C SER A 281 -23.13 -40.01 72.66
N PRO A 282 -23.10 -41.34 72.63
CA PRO A 282 -22.33 -42.01 71.56
C PRO A 282 -22.85 -41.70 70.17
N ARG A 283 -24.16 -41.48 70.02
CA ARG A 283 -24.74 -41.17 68.72
C ARG A 283 -24.14 -39.89 68.14
N ILE A 284 -23.76 -38.96 69.01
CA ILE A 284 -23.17 -37.70 68.54
C ILE A 284 -21.79 -37.95 67.92
N GLN A 285 -21.02 -38.87 68.49
CA GLN A 285 -19.61 -39.04 68.15
C GLN A 285 -19.36 -39.19 66.65
N GLU A 286 -19.91 -40.24 66.04
CA GLU A 286 -19.62 -40.51 64.64
C GLU A 286 -20.08 -39.38 63.73
N PHE A 287 -21.01 -38.55 64.20
CA PHE A 287 -21.45 -37.40 63.42
C PHE A 287 -20.30 -36.44 63.15
N ILE A 288 -19.48 -36.15 64.16
CA ILE A 288 -18.28 -35.34 63.92
C ILE A 288 -17.26 -36.13 63.12
N HIS A 289 -17.14 -37.44 63.40
CA HIS A 289 -16.06 -38.24 62.83
C HIS A 289 -16.13 -38.34 61.31
N ARG A 290 -17.32 -38.37 60.73
CA ARG A 290 -17.44 -38.58 59.30
C ARG A 290 -16.87 -37.35 58.56
N PRO A 291 -16.24 -37.55 57.40
CA PRO A 291 -15.49 -36.45 56.77
C PRO A 291 -16.28 -35.19 56.48
N SER A 292 -17.61 -35.20 56.60
CA SER A 292 -18.37 -33.97 56.41
C SER A 292 -18.06 -32.96 57.50
N MET A 293 -18.34 -33.33 58.75
CA MET A 293 -18.09 -32.42 59.87
C MET A 293 -16.60 -32.18 60.06
N GLN A 294 -15.79 -33.22 59.86
CA GLN A 294 -14.34 -33.08 59.93
C GLN A 294 -13.85 -32.08 58.90
N ASP A 295 -14.37 -32.16 57.67
CA ASP A 295 -13.99 -31.21 56.64
C ASP A 295 -14.46 -29.80 56.98
N LEU A 296 -15.64 -29.67 57.56
CA LEU A 296 -16.12 -28.35 57.96
C LEU A 296 -15.16 -27.70 58.95
N LEU A 297 -14.77 -28.45 59.98
CA LEU A 297 -13.82 -27.89 60.95
C LEU A 297 -12.46 -27.63 60.32
N TRP A 298 -11.98 -28.55 59.47
CA TRP A 298 -10.66 -28.35 58.88
C TRP A 298 -10.63 -27.15 57.95
N VAL A 299 -11.74 -26.85 57.28
CA VAL A 299 -11.78 -25.70 56.39
C VAL A 299 -12.11 -24.40 57.12
N THR A 300 -12.78 -24.47 58.28
CA THR A 300 -13.02 -23.26 59.06
C THR A 300 -11.85 -22.92 59.98
N ARG A 301 -10.92 -23.85 60.19
CA ARG A 301 -9.73 -23.53 60.95
C ARG A 301 -8.92 -22.37 60.36
N PRO A 302 -8.68 -22.28 59.04
CA PRO A 302 -7.98 -21.10 58.51
C PRO A 302 -8.72 -19.79 58.77
N LEU A 303 -10.02 -19.87 59.01
CA LEU A 303 -10.79 -18.69 59.37
C LEU A 303 -10.57 -18.39 60.85
N GLY A 308 -8.34 -14.99 57.47
CA GLY A 308 -8.38 -15.30 56.06
C GLY A 308 -7.37 -14.52 55.24
N PRO A 309 -6.13 -15.01 55.20
CA PRO A 309 -5.09 -14.33 54.41
C PRO A 309 -5.47 -14.31 52.94
N GLU A 310 -5.14 -13.20 52.27
CA GLU A 310 -5.51 -12.90 50.90
C GLU A 310 -7.02 -12.98 50.72
N THR A 311 -7.80 -12.13 51.40
CA THR A 311 -9.26 -12.17 51.42
C THR A 311 -9.75 -12.13 49.97
N PHE A 312 -9.26 -11.22 49.13
CA PHE A 312 -9.69 -11.17 47.74
C PHE A 312 -9.42 -12.48 47.01
N THR A 313 -8.29 -13.11 47.31
CA THR A 313 -7.94 -14.37 46.68
C THR A 313 -8.64 -15.55 47.33
N LYS A 314 -8.78 -15.54 48.66
CA LYS A 314 -9.14 -16.73 49.41
C LYS A 314 -10.56 -16.71 49.95
N LEU A 315 -11.05 -15.56 50.41
CA LEU A 315 -12.33 -15.54 51.11
C LEU A 315 -13.47 -16.03 50.20
N MET A 316 -13.50 -15.55 48.96
CA MET A 316 -14.47 -16.10 48.02
C MET A 316 -14.15 -17.55 47.68
N GLY A 317 -12.89 -17.96 47.76
CA GLY A 317 -12.58 -19.37 47.55
C GLY A 317 -13.19 -20.27 48.62
N ILE A 318 -12.99 -19.92 49.89
CA ILE A 318 -13.54 -20.73 50.97
C ILE A 318 -15.06 -20.65 50.99
N LEU A 319 -15.61 -19.47 50.63
CA LEU A 319 -17.07 -19.37 50.53
C LEU A 319 -17.61 -20.26 49.42
N SER A 320 -16.96 -20.25 48.25
CA SER A 320 -17.41 -21.03 47.10
C SER A 320 -17.27 -22.52 47.32
N ASP A 321 -16.28 -22.96 48.08
CA ASP A 321 -16.23 -24.35 48.50
C ASP A 321 -17.18 -24.64 49.65
N LEU A 322 -17.61 -23.60 50.36
CA LEU A 322 -18.49 -23.72 51.52
C LEU A 322 -19.96 -23.72 51.15
N LEU A 323 -20.42 -22.68 50.43
CA LEU A 323 -21.83 -22.51 50.12
C LEU A 323 -22.32 -23.49 49.06
N CYS A 324 -21.66 -23.51 47.91
CA CYS A 324 -21.90 -24.51 46.88
C CYS A 324 -20.67 -25.40 46.73
N GLY A 325 -20.77 -26.38 45.85
CA GLY A 325 -19.75 -27.41 45.79
C GLY A 325 -19.30 -27.82 44.40
N TYR A 326 -19.25 -26.87 43.48
CA TYR A 326 -19.05 -27.21 42.08
C TYR A 326 -17.76 -28.00 41.89
N PRO A 327 -17.77 -29.04 41.06
CA PRO A 327 -16.59 -29.89 40.86
C PRO A 327 -15.58 -29.27 39.88
N GLU A 328 -15.01 -28.13 40.28
CA GLU A 328 -13.95 -27.45 39.55
C GLU A 328 -14.40 -27.12 38.12
N GLY A 329 -15.34 -26.19 38.06
CA GLY A 329 -15.81 -25.64 36.80
C GLY A 329 -15.27 -24.23 36.61
N GLY A 330 -14.87 -23.92 35.38
CA GLY A 330 -14.32 -22.62 35.09
C GLY A 330 -14.44 -22.30 33.61
N GLY A 331 -14.57 -21.01 33.31
CA GLY A 331 -14.68 -20.55 31.94
C GLY A 331 -15.70 -19.45 31.75
N TRP A 339 -7.80 -0.79 22.73
CA TRP A 339 -9.16 -1.40 22.78
C TRP A 339 -9.21 -2.46 23.88
N TYR A 340 -10.41 -2.74 24.41
CA TYR A 340 -10.59 -3.73 25.51
C TYR A 340 -10.22 -3.08 26.85
N GLU A 341 -9.93 -1.78 26.84
CA GLU A 341 -9.53 -1.07 28.08
C GLU A 341 -8.34 -1.82 28.72
N ASP A 342 -7.41 -2.28 27.88
CA ASP A 342 -6.26 -3.07 28.40
C ASP A 342 -5.18 -2.10 28.88
N ASN A 343 -4.31 -2.58 29.78
CA ASN A 343 -3.31 -1.70 30.45
C ASN A 343 -2.16 -1.37 29.48
N ASN A 344 -2.17 -2.00 28.31
CA ASN A 344 -1.16 -1.79 27.25
C ASN A 344 -0.90 -0.29 27.12
N TYR A 345 -1.94 0.54 27.06
CA TYR A 345 -1.71 2.01 27.03
C TYR A 345 -2.37 2.67 28.23
N LYS A 346 -2.83 1.88 29.21
CA LYS A 346 -3.43 2.46 30.44
C LYS A 346 -2.35 3.15 31.27
N ALA A 347 -1.27 2.42 31.56
CA ALA A 347 -0.18 2.93 32.43
C ALA A 347 0.22 4.35 32.00
N PHE A 348 0.29 4.60 30.70
CA PHE A 348 0.75 5.93 30.19
C PHE A 348 -0.22 7.02 30.68
N LEU A 349 -1.53 6.75 30.65
CA LEU A 349 -2.55 7.74 31.08
C LEU A 349 -2.09 8.41 32.39
N GLY A 350 -1.82 7.63 33.43
CA GLY A 350 -1.58 8.20 34.74
C GLY A 350 -2.84 8.59 35.48
N TYR A 362 -18.25 14.17 50.19
CA TYR A 362 -19.62 13.68 49.88
C TYR A 362 -20.33 13.29 51.18
N ASP A 363 -21.30 14.11 51.62
CA ASP A 363 -22.04 13.80 52.87
C ASP A 363 -22.80 12.49 52.68
N ARG A 364 -23.45 12.35 51.51
CA ARG A 364 -24.09 11.10 51.04
C ARG A 364 -25.50 10.94 51.64
N ARG A 365 -25.91 11.87 52.52
CA ARG A 365 -27.10 11.68 53.38
C ARG A 365 -27.16 10.22 53.86
N THR A 366 -26.01 9.63 54.20
CA THR A 366 -25.97 8.25 54.74
C THR A 366 -24.93 8.16 55.86
N THR A 367 -25.05 7.16 56.73
CA THR A 367 -24.09 6.97 57.85
C THR A 367 -22.67 7.08 57.30
N SER A 368 -21.74 7.62 58.09
CA SER A 368 -20.36 7.82 57.62
C SER A 368 -19.79 6.47 57.20
N PHE A 369 -20.16 5.41 57.93
CA PHE A 369 -19.74 4.04 57.53
C PHE A 369 -19.84 3.90 56.01
N CYS A 370 -20.99 4.27 55.42
CA CYS A 370 -21.12 4.01 53.99
C CYS A 370 -20.42 5.08 53.16
N ASN A 371 -20.22 6.27 53.71
CA ASN A 371 -19.37 7.23 53.02
C ASN A 371 -17.98 6.64 52.79
N ALA A 372 -17.36 6.17 53.88
CA ALA A 372 -16.06 5.53 53.77
C ALA A 372 -16.13 4.28 52.90
N LEU A 373 -17.25 3.56 52.96
CA LEU A 373 -17.40 2.35 52.18
C LEU A 373 -17.38 2.63 50.68
N ILE A 374 -18.20 3.58 50.22
CA ILE A 374 -18.22 3.89 48.80
C ILE A 374 -16.88 4.46 48.35
N GLN A 375 -16.25 5.31 49.16
CA GLN A 375 -14.94 5.81 48.75
C GLN A 375 -13.92 4.67 48.62
N SER A 376 -13.94 3.74 49.58
CA SER A 376 -13.01 2.61 49.51
C SER A 376 -13.30 1.75 48.27
N LEU A 377 -14.57 1.62 47.92
CA LEU A 377 -14.95 0.98 46.63
C LEU A 377 -14.48 1.84 45.44
N GLU A 378 -14.84 3.13 45.43
CA GLU A 378 -14.52 4.03 44.27
C GLU A 378 -13.02 4.26 44.05
N SER A 379 -12.21 4.34 45.12
CA SER A 379 -10.78 4.72 44.97
C SER A 379 -9.96 3.77 44.09
N ASN A 380 -10.14 2.45 44.20
CA ASN A 380 -9.27 1.50 43.46
C ASN A 380 -10.02 0.81 42.32
N PRO A 381 -9.42 0.68 41.12
CA PRO A 381 -10.06 0.05 39.96
C PRO A 381 -10.45 -1.41 40.23
N LEU A 382 -9.63 -2.13 41.00
CA LEU A 382 -9.91 -3.56 41.32
C LEU A 382 -11.28 -3.58 41.99
N THR A 383 -11.56 -2.58 42.84
CA THR A 383 -12.90 -2.49 43.49
C THR A 383 -13.81 -1.56 42.67
N LYS A 384 -13.27 -0.86 41.67
CA LYS A 384 -14.05 0.22 41.06
C LYS A 384 -14.89 -0.29 39.90
N ILE A 385 -14.31 -1.12 39.04
CA ILE A 385 -15.06 -1.59 37.88
C ILE A 385 -16.13 -2.60 38.27
N ALA A 386 -15.93 -3.36 39.36
CA ALA A 386 -17.02 -4.21 39.83
C ALA A 386 -18.14 -3.38 40.47
N TRP A 387 -17.78 -2.38 41.27
CA TRP A 387 -18.78 -1.54 41.91
C TRP A 387 -19.58 -0.75 40.89
N ARG A 388 -18.97 -0.33 39.79
CA ARG A 388 -19.68 0.45 38.79
C ARG A 388 -20.89 -0.31 38.27
N ALA A 389 -20.77 -1.64 38.15
CA ALA A 389 -21.87 -2.45 37.65
C ALA A 389 -22.74 -3.04 38.76
N ALA A 390 -22.26 -3.09 40.00
CA ALA A 390 -23.07 -3.64 41.08
C ALA A 390 -23.85 -2.58 41.85
N LYS A 391 -23.48 -1.30 41.74
CA LYS A 391 -24.07 -0.26 42.59
C LYS A 391 -25.57 -0.04 42.41
N PRO A 392 -26.10 0.05 41.19
CA PRO A 392 -27.54 0.34 41.06
C PRO A 392 -28.43 -0.70 41.70
N LEU A 393 -28.04 -1.97 41.70
CA LEU A 393 -28.89 -3.00 42.30
C LEU A 393 -29.00 -2.83 43.81
N LEU A 394 -27.89 -2.52 44.48
CA LEU A 394 -27.93 -2.39 45.94
C LEU A 394 -28.40 -1.02 46.42
N MET A 395 -28.20 0.04 45.64
CA MET A 395 -28.53 1.38 46.11
C MET A 395 -29.45 2.14 45.18
N GLY A 396 -29.94 1.52 44.11
CA GLY A 396 -30.64 2.26 43.09
C GLY A 396 -32.10 2.53 43.40
N LYS A 397 -32.78 3.10 42.40
CA LYS A 397 -34.18 3.47 42.50
C LYS A 397 -34.94 2.93 41.31
N ILE A 398 -36.25 2.76 41.48
CA ILE A 398 -37.15 2.32 40.41
C ILE A 398 -38.30 3.30 40.32
N LEU A 399 -38.66 3.70 39.09
CA LEU A 399 -39.58 4.79 38.85
C LEU A 399 -40.70 4.32 37.95
N TYR A 400 -41.95 4.61 38.31
CA TYR A 400 -43.10 4.18 37.55
C TYR A 400 -44.01 5.36 37.24
N THR A 401 -44.47 5.47 36.00
CA THR A 401 -45.12 6.69 35.54
C THR A 401 -46.59 6.85 35.94
N PRO A 402 -47.48 5.89 35.67
CA PRO A 402 -48.91 6.22 35.70
C PRO A 402 -49.39 6.72 37.05
N ASP A 403 -48.76 6.30 38.15
CA ASP A 403 -49.08 6.74 39.51
C ASP A 403 -50.49 6.34 39.92
N SER A 404 -51.20 5.62 39.05
CA SER A 404 -52.56 5.20 39.35
C SER A 404 -52.56 4.18 40.48
N PRO A 405 -53.66 4.09 41.25
CA PRO A 405 -53.73 3.09 42.31
C PRO A 405 -53.58 1.67 41.80
N ALA A 406 -53.87 1.40 40.52
CA ALA A 406 -53.61 0.08 39.97
C ALA A 406 -52.11 -0.22 39.93
N ALA A 407 -51.31 0.72 39.43
CA ALA A 407 -49.86 0.54 39.45
C ALA A 407 -49.33 0.45 40.87
N ARG A 408 -49.91 1.23 41.77
CA ARG A 408 -49.53 1.14 43.18
C ARG A 408 -49.81 -0.24 43.74
N ARG A 409 -50.96 -0.82 43.38
CA ARG A 409 -51.28 -2.18 43.82
C ARG A 409 -50.28 -3.18 43.25
N ILE A 410 -49.97 -3.06 41.97
CA ILE A 410 -49.03 -3.98 41.33
C ILE A 410 -47.69 -3.93 42.05
N LEU A 411 -47.20 -2.74 42.35
CA LEU A 411 -45.85 -2.65 42.90
C LEU A 411 -45.82 -2.93 44.41
N LYS A 412 -46.94 -2.69 45.10
CA LYS A 412 -47.05 -3.17 46.48
C LYS A 412 -47.01 -4.69 46.52
N ASN A 413 -47.67 -5.35 45.56
CA ASN A 413 -47.54 -6.79 45.44
C ASN A 413 -46.16 -7.22 44.97
N ALA A 414 -45.35 -6.27 44.47
CA ALA A 414 -44.03 -6.61 43.89
C ALA A 414 -42.86 -6.28 44.82
N ASN A 415 -43.13 -5.88 46.07
CA ASN A 415 -42.05 -5.57 47.05
C ASN A 415 -41.79 -6.80 47.92
N SER A 416 -42.33 -7.96 47.53
CA SER A 416 -42.19 -9.18 48.36
C SER A 416 -40.71 -9.53 48.54
N THR A 417 -39.90 -9.42 47.48
CA THR A 417 -38.44 -9.68 47.63
C THR A 417 -37.81 -8.64 48.58
N PHE A 418 -38.09 -7.35 48.38
CA PHE A 418 -37.43 -6.33 49.19
C PHE A 418 -37.91 -6.36 50.63
N GLU A 419 -39.19 -6.62 50.87
CA GLU A 419 -39.63 -6.78 52.26
C GLU A 419 -38.95 -7.98 52.90
N GLU A 420 -38.78 -9.06 52.13
CA GLU A 420 -38.09 -10.22 52.65
C GLU A 420 -36.63 -9.95 52.96
N LEU A 421 -35.96 -9.14 52.14
CA LEU A 421 -34.60 -8.73 52.45
C LEU A 421 -34.53 -7.79 53.64
N GLU A 422 -35.56 -6.97 53.85
CA GLU A 422 -35.58 -6.10 55.01
C GLU A 422 -35.83 -6.86 56.30
N HIS A 423 -36.45 -8.04 56.21
CA HIS A 423 -36.68 -8.84 57.42
C HIS A 423 -35.36 -9.26 58.07
N VAL A 424 -34.33 -9.58 57.29
CA VAL A 424 -33.08 -9.98 57.91
C VAL A 424 -32.42 -8.79 58.59
N ARG A 425 -32.60 -7.58 58.05
CA ARG A 425 -32.16 -6.38 58.75
C ARG A 425 -32.88 -6.22 60.07
N LYS A 426 -34.18 -6.48 60.07
CA LYS A 426 -34.95 -6.46 61.32
C LYS A 426 -34.37 -7.45 62.33
N LEU A 427 -34.04 -8.66 61.88
CA LEU A 427 -33.51 -9.67 62.79
C LEU A 427 -32.14 -9.28 63.34
N VAL A 428 -31.26 -8.74 62.49
CA VAL A 428 -29.94 -8.37 63.00
C VAL A 428 -30.04 -7.22 63.98
N LYS A 429 -30.96 -6.28 63.75
CA LYS A 429 -31.19 -5.23 64.74
C LYS A 429 -31.71 -5.82 66.04
N ALA A 430 -32.59 -6.81 65.94
CA ALA A 430 -33.11 -7.46 67.14
C ALA A 430 -32.00 -8.10 67.96
N TRP A 431 -31.08 -8.79 67.29
CA TRP A 431 -29.97 -9.37 68.05
C TRP A 431 -29.09 -8.27 68.64
N GLU A 432 -28.80 -7.23 67.86
CA GLU A 432 -28.00 -6.14 68.38
C GLU A 432 -28.57 -5.60 69.68
N GLU A 433 -29.91 -5.52 69.76
CA GLU A 433 -30.51 -5.06 71.00
C GLU A 433 -30.49 -6.12 72.10
N VAL A 434 -30.74 -7.38 71.76
CA VAL A 434 -31.00 -8.40 72.78
C VAL A 434 -29.74 -9.08 73.31
N GLY A 435 -28.60 -8.96 72.62
CA GLY A 435 -27.39 -9.61 73.04
C GLY A 435 -26.92 -9.26 74.44
N PRO A 436 -26.90 -7.96 74.78
CA PRO A 436 -26.51 -7.57 76.14
C PRO A 436 -27.33 -8.27 77.20
N GLN A 437 -28.59 -8.58 76.90
CA GLN A 437 -29.39 -9.36 77.85
C GLN A 437 -28.82 -10.76 78.02
N ILE A 438 -28.34 -11.37 76.93
CA ILE A 438 -27.72 -12.68 77.03
C ILE A 438 -26.45 -12.60 77.89
N TRP A 439 -25.64 -11.56 77.66
CA TRP A 439 -24.42 -11.39 78.45
C TRP A 439 -24.75 -11.20 79.92
N TYR A 440 -25.79 -10.40 80.20
CA TYR A 440 -26.24 -10.18 81.58
C TYR A 440 -26.72 -11.48 82.20
N PHE A 441 -27.42 -12.32 81.43
CA PHE A 441 -27.90 -13.59 82.00
C PHE A 441 -26.73 -14.53 82.27
N PHE A 442 -25.72 -14.54 81.40
CA PHE A 442 -24.54 -15.37 81.63
C PHE A 442 -23.65 -14.83 82.76
N ASP A 443 -23.78 -13.55 83.12
CA ASP A 443 -22.96 -12.99 84.17
C ASP A 443 -23.64 -12.97 85.54
N ASN A 444 -24.89 -12.56 85.62
CA ASN A 444 -25.60 -12.39 86.90
C ASN A 444 -27.01 -12.94 86.73
N SER A 445 -27.23 -14.17 87.20
CA SER A 445 -28.52 -14.85 87.09
C SER A 445 -28.48 -16.09 87.98
N THR A 446 -29.52 -16.92 87.88
CA THR A 446 -29.51 -18.22 88.55
C THR A 446 -28.50 -19.17 87.95
N GLN A 447 -27.95 -18.84 86.77
CA GLN A 447 -26.91 -19.66 86.18
C GLN A 447 -25.67 -19.70 87.07
N MET A 448 -25.48 -18.68 87.89
CA MET A 448 -24.34 -18.67 88.81
C MET A 448 -24.51 -19.73 89.89
N ASN A 449 -25.71 -19.83 90.46
CA ASN A 449 -26.00 -20.91 91.39
C ASN A 449 -25.92 -22.26 90.68
N MET A 450 -26.35 -22.32 89.43
CA MET A 450 -26.23 -23.57 88.66
C MET A 450 -24.77 -23.98 88.51
N ILE A 451 -23.89 -23.03 88.23
CA ILE A 451 -22.47 -23.32 88.08
C ILE A 451 -21.87 -23.71 89.42
N ARG A 452 -22.29 -23.04 90.50
CA ARG A 452 -21.79 -23.39 91.83
C ARG A 452 -22.18 -24.82 92.19
N ASP A 453 -23.41 -25.23 91.86
CA ASP A 453 -23.80 -26.62 92.01
C ASP A 453 -22.95 -27.53 91.13
N THR A 454 -22.69 -27.10 89.89
CA THR A 454 -21.80 -27.85 89.01
C THR A 454 -20.38 -27.86 89.55
N LEU A 455 -19.91 -26.74 90.09
CA LEU A 455 -18.62 -26.71 90.75
C LEU A 455 -18.63 -27.57 92.01
N GLY A 456 -19.77 -27.65 92.69
CA GLY A 456 -19.94 -28.50 93.84
C GLY A 456 -20.29 -29.94 93.53
N ASN A 457 -20.33 -30.29 92.24
CA ASN A 457 -20.63 -31.68 91.88
C ASN A 457 -19.67 -32.69 92.49
N PRO A 458 -18.35 -32.47 92.55
CA PRO A 458 -17.49 -33.45 93.23
C PRO A 458 -17.90 -33.70 94.67
N THR A 459 -18.50 -32.71 95.34
CA THR A 459 -19.09 -32.92 96.65
C THR A 459 -20.56 -33.29 96.59
N VAL A 460 -21.18 -33.26 95.41
CA VAL A 460 -22.60 -33.55 95.29
C VAL A 460 -22.84 -34.68 94.29
N LYS A 461 -22.45 -34.46 93.03
CA LYS A 461 -22.71 -35.39 91.94
C LYS A 461 -21.42 -35.86 91.29
N ASP A 462 -20.44 -36.24 92.13
CA ASP A 462 -19.16 -36.70 91.62
C ASP A 462 -19.32 -37.96 90.78
N PHE A 463 -20.14 -38.90 91.24
CA PHE A 463 -20.35 -40.13 90.48
C PHE A 463 -21.01 -39.84 89.13
N LEU A 464 -22.01 -38.95 89.12
CA LEU A 464 -22.66 -38.60 87.86
C LEU A 464 -21.68 -37.91 86.91
N ASN A 465 -20.84 -37.03 87.44
CA ASN A 465 -19.84 -36.36 86.60
C ASN A 465 -18.84 -37.36 86.04
N ARG A 466 -18.38 -38.30 86.86
CA ARG A 466 -17.39 -39.27 86.41
C ARG A 466 -17.97 -40.35 85.51
N GLN A 467 -19.29 -40.56 85.54
CA GLN A 467 -19.90 -41.55 84.66
C GLN A 467 -19.71 -41.18 83.19
N LEU A 468 -19.88 -39.91 82.86
CA LEU A 468 -19.71 -39.46 81.48
C LEU A 468 -18.24 -39.20 81.16
N ASP A 498 -14.08 -18.55 78.10
CA ASP A 498 -14.42 -18.97 76.75
C ASP A 498 -15.81 -18.51 76.37
N TRP A 499 -16.73 -18.51 77.34
CA TRP A 499 -18.09 -18.04 77.08
C TRP A 499 -18.07 -16.59 76.64
N ARG A 500 -17.29 -15.76 77.34
CA ARG A 500 -17.14 -14.36 76.93
C ARG A 500 -16.63 -14.30 75.50
N ASP A 501 -15.62 -15.14 75.22
CA ASP A 501 -14.90 -15.14 73.93
C ASP A 501 -15.83 -15.53 72.79
N ILE A 502 -16.54 -16.65 72.91
CA ILE A 502 -17.49 -17.08 71.86
C ILE A 502 -18.60 -16.04 71.72
N PHE A 503 -19.11 -15.56 72.86
CA PHE A 503 -20.18 -14.52 72.83
C PHE A 503 -19.61 -13.28 72.13
N ASN A 504 -18.34 -12.99 72.43
CA ASN A 504 -17.57 -11.85 71.87
C ASN A 504 -17.54 -11.92 70.34
N ILE A 505 -17.03 -13.01 69.78
CA ILE A 505 -16.89 -13.13 68.30
C ILE A 505 -18.28 -13.09 67.66
N THR A 506 -19.26 -13.76 68.27
CA THR A 506 -20.65 -13.75 67.75
C THR A 506 -21.17 -12.31 67.75
N ASP A 507 -20.90 -11.58 68.84
CA ASP A 507 -21.35 -10.16 68.93
C ASP A 507 -20.69 -9.35 67.82
N ARG A 508 -19.39 -9.58 67.58
CA ARG A 508 -18.64 -8.83 66.55
C ARG A 508 -19.23 -9.15 65.16
N THR A 509 -19.38 -10.44 64.85
CA THR A 509 -19.80 -10.87 63.50
C THR A 509 -21.17 -10.26 63.19
N LEU A 510 -22.09 -10.27 64.16
CA LEU A 510 -23.45 -9.72 63.91
C LEU A 510 -23.36 -8.21 63.67
N ARG A 511 -22.54 -7.50 64.45
CA ARG A 511 -22.46 -6.02 64.32
C ARG A 511 -21.80 -5.67 62.98
N LEU A 512 -20.67 -6.28 62.67
CA LEU A 512 -20.03 -6.00 61.40
C LEU A 512 -20.99 -6.26 60.24
N VAL A 513 -21.78 -7.34 60.34
CA VAL A 513 -22.83 -7.57 59.35
C VAL A 513 -23.85 -6.44 59.37
N ASN A 514 -24.23 -5.99 60.57
CA ASN A 514 -25.28 -5.00 60.71
C ASN A 514 -24.90 -3.69 60.04
N GLN A 515 -23.65 -3.25 60.20
CA GLN A 515 -23.26 -1.98 59.59
C GLN A 515 -23.38 -2.01 58.07
N TYR A 516 -22.97 -3.12 57.44
CA TYR A 516 -23.16 -3.23 56.00
C TYR A 516 -24.63 -3.26 55.62
N LEU A 517 -25.41 -4.13 56.26
CA LEU A 517 -26.81 -4.28 55.86
C LEU A 517 -27.61 -3.02 56.12
N GLU A 518 -27.13 -2.14 57.00
CA GLU A 518 -27.93 -0.98 57.39
C GLU A 518 -28.25 -0.07 56.20
N CYS A 519 -27.28 0.17 55.32
CA CYS A 519 -27.50 1.18 54.29
C CYS A 519 -27.64 0.60 52.89
N LEU A 520 -28.20 -0.60 52.77
CA LEU A 520 -28.86 -1.00 51.54
C LEU A 520 -30.11 -0.15 51.34
N VAL A 521 -30.44 0.15 50.10
CA VAL A 521 -31.61 0.96 49.78
C VAL A 521 -32.71 0.00 49.37
N LEU A 522 -33.52 -0.43 50.32
CA LEU A 522 -34.61 -1.37 50.04
C LEU A 522 -35.97 -0.70 49.93
N ASP A 523 -36.01 0.61 49.75
CA ASP A 523 -37.23 1.33 49.39
C ASP A 523 -36.95 1.94 48.02
N LYS A 524 -37.24 1.18 46.96
CA LYS A 524 -36.84 1.60 45.62
C LYS A 524 -37.96 2.25 44.83
N PHE A 525 -39.13 1.62 44.74
CA PHE A 525 -40.18 2.12 43.85
C PHE A 525 -40.63 3.52 44.21
N GLU A 526 -40.29 4.48 43.36
CA GLU A 526 -40.56 5.90 43.56
C GLU A 526 -41.44 6.38 42.43
N SER A 527 -42.63 6.86 42.77
CA SER A 527 -43.62 7.20 41.76
C SER A 527 -43.21 8.45 40.98
N TYR A 528 -43.87 8.64 39.85
CA TYR A 528 -43.81 9.88 39.07
C TYR A 528 -45.12 9.99 38.28
N ASN A 529 -45.14 10.89 37.31
CA ASN A 529 -46.39 11.23 36.65
C ASN A 529 -46.34 11.26 35.14
N ASP A 530 -45.17 11.41 34.52
CA ASP A 530 -45.13 11.50 33.07
C ASP A 530 -43.79 10.95 32.58
N GLU A 531 -43.78 10.56 31.31
CA GLU A 531 -42.58 10.00 30.69
C GLU A 531 -41.42 10.98 30.70
N THR A 532 -41.67 12.24 30.32
CA THR A 532 -40.60 13.22 30.22
C THR A 532 -40.00 13.51 31.60
N GLN A 533 -40.84 13.63 32.62
CA GLN A 533 -40.32 13.84 33.97
C GLN A 533 -39.53 12.62 34.44
N LEU A 534 -39.96 11.41 34.08
CA LEU A 534 -39.18 10.22 34.41
C LEU A 534 -37.81 10.28 33.75
N THR A 535 -37.76 10.69 32.49
CA THR A 535 -36.47 10.76 31.82
C THR A 535 -35.58 11.84 32.44
N GLN A 536 -36.17 12.97 32.84
CA GLN A 536 -35.40 14.02 33.49
C GLN A 536 -34.79 13.50 34.80
N ARG A 537 -35.60 12.80 35.60
CA ARG A 537 -35.07 12.25 36.84
C ARG A 537 -34.06 11.13 36.57
N ALA A 538 -34.21 10.41 35.47
CA ALA A 538 -33.23 9.41 35.10
C ALA A 538 -31.89 10.06 34.78
N LEU A 539 -31.90 11.17 34.04
CA LEU A 539 -30.67 11.93 33.83
C LEU A 539 -30.09 12.42 35.15
N SER A 540 -30.95 12.86 36.07
CA SER A 540 -30.45 13.33 37.36
C SER A 540 -29.76 12.21 38.13
N LEU A 541 -30.33 11.01 38.10
CA LEU A 541 -29.80 9.91 38.91
C LEU A 541 -28.65 9.16 38.26
N LEU A 542 -28.61 9.08 36.93
CA LEU A 542 -27.62 8.24 36.27
C LEU A 542 -26.20 8.72 36.49
N GLU A 543 -26.01 10.02 36.71
CA GLU A 543 -24.66 10.56 36.88
C GLU A 543 -24.00 9.98 38.13
N GLU A 544 -24.77 9.83 39.20
CA GLU A 544 -24.30 9.20 40.42
C GLU A 544 -24.36 7.68 40.38
N ASN A 545 -24.84 7.11 39.27
CA ASN A 545 -24.96 5.67 39.09
C ASN A 545 -25.87 5.05 40.14
N MET A 546 -27.14 5.45 40.09
CA MET A 546 -28.17 4.87 40.94
C MET A 546 -29.32 4.30 40.13
N PHE A 547 -29.72 4.96 39.05
CA PHE A 547 -30.82 4.51 38.20
C PHE A 547 -30.75 3.02 37.90
N TRP A 548 -31.78 2.29 38.34
CA TRP A 548 -31.87 0.87 38.03
C TRP A 548 -32.74 0.66 36.80
N ALA A 549 -33.97 1.16 36.83
CA ALA A 549 -34.89 0.98 35.71
C ALA A 549 -36.06 1.93 35.89
N GLY A 550 -36.86 2.06 34.83
CA GLY A 550 -38.11 2.79 34.90
C GLY A 550 -39.21 1.97 34.28
N VAL A 551 -40.26 1.69 35.04
CA VAL A 551 -41.34 0.81 34.59
C VAL A 551 -42.51 1.70 34.19
N VAL A 552 -42.92 1.63 32.93
CA VAL A 552 -43.96 2.50 32.38
C VAL A 552 -45.13 1.62 31.95
N PHE A 553 -46.33 1.94 32.44
CA PHE A 553 -47.52 1.19 32.04
C PHE A 553 -48.27 2.02 31.00
N PRO A 554 -48.05 1.80 29.70
CA PRO A 554 -48.72 2.67 28.71
C PRO A 554 -50.23 2.58 28.76
N ASP A 555 -50.80 1.41 29.04
CA ASP A 555 -52.25 1.24 29.01
C ASP A 555 -52.96 1.94 30.16
N MET A 556 -52.23 2.43 31.15
CA MET A 556 -52.82 2.96 32.36
C MET A 556 -53.06 4.46 32.26
N TYR A 557 -54.11 4.93 32.91
CA TYR A 557 -54.47 6.31 33.12
C TYR A 557 -54.42 6.63 34.61
N PRO A 558 -54.15 7.89 34.98
CA PRO A 558 -54.06 8.22 36.41
C PRO A 558 -55.33 7.92 37.18
N TRP A 559 -56.51 8.07 36.56
CA TRP A 559 -57.77 7.76 37.22
C TRP A 559 -58.25 6.35 36.92
N THR A 560 -57.36 5.37 37.14
CA THR A 560 -57.67 3.96 36.93
C THR A 560 -57.38 3.19 38.20
N SER A 561 -58.27 2.24 38.53
CA SER A 561 -58.03 1.40 39.69
C SER A 561 -58.33 -0.07 39.44
N SER A 562 -58.80 -0.44 38.24
CA SER A 562 -59.10 -1.82 37.91
C SER A 562 -58.14 -2.30 36.82
N LEU A 563 -57.47 -3.40 37.09
CA LEU A 563 -56.51 -3.93 36.13
C LEU A 563 -57.24 -4.50 34.92
N PRO A 564 -56.87 -4.10 33.70
CA PRO A 564 -57.46 -4.71 32.52
C PRO A 564 -57.05 -6.17 32.41
N PRO A 565 -57.75 -6.97 31.63
CA PRO A 565 -57.31 -8.35 31.40
C PRO A 565 -55.89 -8.41 30.86
N HIS A 566 -55.67 -7.84 29.68
CA HIS A 566 -54.37 -7.85 29.02
C HIS A 566 -53.64 -6.57 29.41
N VAL A 567 -52.71 -6.69 30.35
CA VAL A 567 -51.95 -5.55 30.86
C VAL A 567 -50.54 -5.60 30.28
N LYS A 568 -50.03 -4.44 29.88
CA LYS A 568 -48.70 -4.33 29.33
C LYS A 568 -47.91 -3.28 30.09
N TYR A 569 -46.59 -3.46 30.11
CA TYR A 569 -45.70 -2.50 30.74
C TYR A 569 -44.41 -2.52 29.95
N LYS A 570 -43.60 -1.48 30.15
CA LYS A 570 -42.31 -1.43 29.48
C LYS A 570 -41.22 -1.08 30.48
N ILE A 571 -40.13 -1.80 30.44
CA ILE A 571 -39.02 -1.62 31.37
C ILE A 571 -37.96 -0.79 30.64
N ARG A 572 -38.01 0.51 30.84
CA ARG A 572 -36.99 1.40 30.29
C ARG A 572 -35.75 1.35 31.15
N MET A 573 -34.66 0.83 30.60
CA MET A 573 -33.39 0.74 31.31
C MET A 573 -32.35 1.55 30.57
N ASP A 574 -31.12 1.52 31.06
CA ASP A 574 -30.02 2.16 30.36
C ASP A 574 -29.71 1.40 29.07
N ILE A 575 -28.69 1.84 28.34
CA ILE A 575 -28.27 1.17 27.12
C ILE A 575 -27.00 0.35 27.32
N ASP A 576 -26.24 0.58 28.39
CA ASP A 576 -25.11 -0.25 28.73
C ASP A 576 -25.50 -1.37 29.68
N VAL A 577 -26.79 -1.55 29.94
CA VAL A 577 -27.27 -2.48 30.94
C VAL A 577 -28.30 -3.39 30.28
N VAL A 578 -28.62 -3.10 29.03
CA VAL A 578 -29.61 -3.85 28.26
C VAL A 578 -29.05 -4.11 26.87
N GLU A 579 -29.31 -5.32 26.36
CA GLU A 579 -28.85 -5.69 25.04
C GLU A 579 -29.44 -4.75 23.98
N LYS A 580 -28.82 -4.74 22.81
CA LYS A 580 -29.28 -3.87 21.73
C LYS A 580 -30.69 -4.27 21.31
N THR A 581 -31.43 -3.29 20.77
CA THR A 581 -32.85 -3.45 20.55
C THR A 581 -33.22 -3.49 19.07
N ASN A 582 -32.43 -2.90 18.19
CA ASN A 582 -32.79 -2.88 16.78
C ASN A 582 -32.56 -4.21 16.07
N LYS A 583 -31.67 -5.05 16.57
CA LYS A 583 -31.36 -6.33 15.96
C LYS A 583 -31.55 -7.45 16.96
N ILE A 584 -31.94 -8.62 16.46
CA ILE A 584 -32.33 -9.74 17.32
C ILE A 584 -31.26 -10.82 17.40
N LYS A 585 -30.32 -10.85 16.47
CA LYS A 585 -29.22 -11.80 16.52
C LYS A 585 -28.10 -11.28 15.64
N ASP A 586 -26.87 -11.71 15.93
CA ASP A 586 -25.73 -11.22 15.17
C ASP A 586 -25.85 -11.61 13.70
N ARG A 587 -25.22 -10.79 12.85
CA ARG A 587 -25.43 -10.92 11.42
C ARG A 587 -24.93 -12.26 10.89
N TYR A 588 -23.74 -12.68 11.33
CA TYR A 588 -23.10 -13.88 10.82
C TYR A 588 -23.09 -14.96 11.89
N TRP A 589 -23.59 -16.14 11.55
CA TRP A 589 -23.60 -17.26 12.47
C TRP A 589 -22.19 -17.80 12.63
N ASP A 590 -21.68 -17.79 13.86
CA ASP A 590 -20.40 -18.39 14.17
C ASP A 590 -20.56 -19.32 15.37
N SER A 591 -19.85 -20.44 15.34
CA SER A 591 -20.03 -21.46 16.34
C SER A 591 -19.53 -20.97 17.70
N GLY A 592 -20.28 -21.31 18.75
CA GLY A 592 -19.99 -20.86 20.08
C GLY A 592 -21.26 -20.64 20.88
N PRO A 593 -21.28 -21.10 22.13
CA PRO A 593 -22.51 -21.01 22.92
C PRO A 593 -22.86 -19.59 23.34
N ARG A 594 -21.95 -18.63 23.19
CA ARG A 594 -22.17 -17.25 23.61
C ARG A 594 -22.53 -17.19 25.09
N ALA A 595 -21.56 -17.58 25.92
CA ALA A 595 -21.79 -17.75 27.35
C ALA A 595 -20.81 -16.95 28.18
N ASP A 596 -20.28 -15.86 27.65
CA ASP A 596 -19.38 -15.01 28.43
C ASP A 596 -20.20 -14.29 29.50
N PRO A 597 -19.89 -14.46 30.79
CA PRO A 597 -20.77 -13.94 31.84
C PRO A 597 -20.78 -12.44 31.99
N VAL A 598 -20.12 -11.69 31.11
CA VAL A 598 -20.05 -10.23 31.22
C VAL A 598 -20.62 -9.53 30.00
N GLU A 599 -20.25 -9.98 28.80
CA GLU A 599 -20.65 -9.30 27.58
C GLU A 599 -21.86 -9.95 26.90
N ASP A 600 -22.48 -10.93 27.53
CA ASP A 600 -23.70 -11.47 26.92
C ASP A 600 -24.87 -11.54 27.90
N PHE A 601 -24.60 -11.66 29.19
CA PHE A 601 -25.68 -11.67 30.18
C PHE A 601 -25.98 -10.27 30.72
N ARG A 602 -26.14 -9.32 29.80
CA ARG A 602 -26.57 -7.99 30.21
C ARG A 602 -27.98 -8.02 30.76
N TYR A 603 -28.77 -9.00 30.35
CA TYR A 603 -30.14 -9.13 30.82
C TYR A 603 -30.17 -9.71 32.22
N ILE A 604 -29.03 -10.19 32.71
CA ILE A 604 -29.01 -10.87 34.01
C ILE A 604 -28.17 -10.09 35.02
N TRP A 605 -26.89 -9.87 34.72
CA TRP A 605 -26.12 -9.08 35.68
C TRP A 605 -26.53 -7.62 35.67
N GLY A 606 -27.19 -7.16 34.61
CA GLY A 606 -27.63 -5.79 34.54
C GLY A 606 -28.86 -5.53 35.40
N GLY A 607 -29.75 -6.51 35.49
CA GLY A 607 -30.95 -6.38 36.28
C GLY A 607 -32.25 -6.26 35.52
N PHE A 608 -32.31 -6.73 34.27
CA PHE A 608 -33.56 -6.71 33.53
C PHE A 608 -34.42 -7.92 33.86
N ALA A 609 -33.83 -9.13 33.86
CA ALA A 609 -34.61 -10.32 34.13
C ALA A 609 -35.19 -10.29 35.54
N TYR A 610 -34.39 -9.86 36.52
CA TYR A 610 -34.88 -9.78 37.89
C TYR A 610 -36.10 -8.86 37.99
N LEU A 611 -35.98 -7.64 37.49
CA LEU A 611 -37.09 -6.70 37.63
C LEU A 611 -38.31 -7.14 36.83
N GLN A 612 -38.09 -7.72 35.65
CA GLN A 612 -39.21 -8.26 34.90
C GLN A 612 -39.93 -9.32 35.73
N ASP A 613 -39.17 -10.17 36.41
CA ASP A 613 -39.79 -11.21 37.21
C ASP A 613 -40.56 -10.61 38.39
N MET A 614 -39.97 -9.65 39.09
CA MET A 614 -40.72 -9.04 40.21
C MET A 614 -42.01 -8.41 39.72
N VAL A 615 -41.95 -7.64 38.63
CA VAL A 615 -43.17 -6.95 38.20
C VAL A 615 -44.21 -7.96 37.70
N GLU A 616 -43.79 -8.99 36.97
CA GLU A 616 -44.77 -9.94 36.47
C GLU A 616 -45.36 -10.78 37.59
N GLN A 617 -44.57 -11.10 38.60
CA GLN A 617 -45.11 -11.75 39.79
C GLN A 617 -46.10 -10.85 40.49
N GLY A 618 -45.82 -9.55 40.55
CA GLY A 618 -46.80 -8.62 41.10
C GLY A 618 -48.11 -8.62 40.34
N ILE A 619 -48.03 -8.61 39.00
CA ILE A 619 -49.26 -8.62 38.19
C ILE A 619 -50.04 -9.91 38.43
N THR A 620 -49.38 -11.06 38.33
CA THR A 620 -50.09 -12.31 38.56
C THR A 620 -50.51 -12.51 40.00
N ARG A 621 -50.02 -11.68 40.92
CA ARG A 621 -50.56 -11.66 42.27
C ARG A 621 -51.75 -10.73 42.44
N SER A 622 -51.86 -9.70 41.61
CA SER A 622 -52.94 -8.74 41.76
C SER A 622 -54.20 -9.12 41.01
N GLN A 623 -54.10 -9.83 39.89
CA GLN A 623 -55.29 -10.20 39.13
C GLN A 623 -56.07 -11.29 39.85
N VAL A 624 -55.46 -12.45 40.05
CA VAL A 624 -56.09 -13.57 40.73
C VAL A 624 -55.90 -13.42 42.23
N GLN A 625 -56.95 -13.70 42.99
CA GLN A 625 -56.84 -13.67 44.45
C GLN A 625 -55.85 -14.72 44.93
N ALA A 626 -55.90 -15.91 44.34
CA ALA A 626 -54.99 -16.99 44.70
C ALA A 626 -53.56 -16.62 44.30
N GLU A 627 -52.63 -17.50 44.67
CA GLU A 627 -51.20 -17.23 44.50
C GLU A 627 -50.52 -18.19 43.54
N ALA A 628 -50.65 -19.51 43.76
CA ALA A 628 -49.97 -20.54 42.99
C ALA A 628 -48.46 -20.33 43.04
N PRO A 629 -47.82 -20.58 44.18
CA PRO A 629 -46.38 -20.27 44.30
C PRO A 629 -45.52 -21.22 43.47
N VAL A 630 -44.97 -20.71 42.37
CA VAL A 630 -44.16 -21.50 41.46
C VAL A 630 -42.93 -20.71 41.05
N GLY A 631 -41.76 -21.06 41.59
CA GLY A 631 -40.55 -20.38 41.21
C GLY A 631 -40.09 -20.75 39.82
N ILE A 632 -39.23 -19.91 39.25
CA ILE A 632 -38.76 -20.06 37.88
C ILE A 632 -37.24 -20.10 37.88
N TYR A 633 -36.69 -21.18 37.33
CA TYR A 633 -35.25 -21.38 37.21
C TYR A 633 -34.91 -21.35 35.72
N LEU A 634 -33.99 -20.49 35.31
CA LEU A 634 -33.51 -20.60 33.93
C LEU A 634 -32.52 -21.74 33.81
N GLN A 635 -32.25 -22.13 32.58
CA GLN A 635 -31.26 -23.17 32.29
C GLN A 635 -30.81 -22.98 30.86
N GLN A 636 -29.53 -22.71 30.66
CA GLN A 636 -29.02 -22.50 29.31
C GLN A 636 -28.79 -23.84 28.63
N MET A 637 -29.21 -23.92 27.38
CA MET A 637 -29.17 -25.19 26.68
C MET A 637 -27.72 -25.59 26.43
N PRO A 638 -27.42 -26.89 26.48
CA PRO A 638 -26.03 -27.34 26.31
C PRO A 638 -25.56 -27.23 24.87
N TYR A 639 -24.32 -27.60 24.60
CA TYR A 639 -23.71 -27.40 23.29
C TYR A 639 -22.77 -28.55 22.98
N PRO A 640 -22.53 -28.83 21.71
CA PRO A 640 -21.51 -29.84 21.35
C PRO A 640 -20.10 -29.28 21.48
N CYS A 641 -19.10 -30.07 21.09
CA CYS A 641 -17.70 -29.64 21.15
C CYS A 641 -17.41 -28.86 19.87
N PHE A 642 -17.18 -27.56 20.00
CA PHE A 642 -16.86 -26.76 18.83
C PHE A 642 -15.35 -26.72 18.66
N VAL A 643 -14.87 -25.95 17.68
CA VAL A 643 -13.43 -25.81 17.44
C VAL A 643 -12.94 -24.40 17.73
N ASP A 644 -13.73 -23.37 17.41
CA ASP A 644 -13.43 -21.98 17.75
C ASP A 644 -12.06 -21.59 17.15
N ASP A 645 -12.05 -21.52 15.83
CA ASP A 645 -10.86 -21.05 15.11
C ASP A 645 -10.65 -19.58 15.41
N SER A 646 -9.55 -19.25 16.08
CA SER A 646 -9.30 -17.89 16.52
C SER A 646 -8.70 -17.02 15.44
N PHE A 647 -8.38 -17.57 14.27
CA PHE A 647 -7.76 -16.79 13.21
C PHE A 647 -8.77 -16.05 12.35
N MET A 648 -9.99 -16.57 12.21
CA MET A 648 -10.96 -15.99 11.29
C MET A 648 -11.37 -14.58 11.67
N ILE A 649 -11.16 -14.15 12.91
CA ILE A 649 -11.42 -12.75 13.24
C ILE A 649 -10.39 -11.83 12.61
N ILE A 650 -9.12 -12.24 12.60
CA ILE A 650 -8.06 -11.43 12.01
C ILE A 650 -8.20 -11.40 10.49
N LEU A 651 -8.38 -12.56 9.88
CA LEU A 651 -8.47 -12.72 8.44
C LEU A 651 -9.79 -12.15 7.93
N ASN A 652 -10.69 -11.79 8.84
CA ASN A 652 -11.95 -11.19 8.46
C ASN A 652 -11.80 -9.76 7.94
N ARG A 653 -10.85 -9.00 8.47
CA ARG A 653 -10.74 -7.57 8.17
C ARG A 653 -9.47 -7.19 7.41
N CYS A 654 -8.43 -8.02 7.47
CA CYS A 654 -7.15 -7.68 6.84
C CYS A 654 -6.86 -8.53 5.61
N PHE A 655 -7.80 -9.33 5.15
CA PHE A 655 -7.55 -10.13 3.95
C PHE A 655 -7.76 -9.31 2.68
N PRO A 656 -8.89 -8.60 2.51
CA PRO A 656 -9.05 -7.83 1.26
C PRO A 656 -7.99 -6.75 1.08
N ILE A 657 -7.57 -6.08 2.17
CA ILE A 657 -6.60 -5.01 2.03
C ILE A 657 -5.25 -5.55 1.59
N PHE A 658 -4.85 -6.71 2.11
CA PHE A 658 -3.59 -7.31 1.69
C PHE A 658 -3.70 -7.86 0.27
N MET A 659 -4.82 -8.50 -0.06
CA MET A 659 -5.00 -9.00 -1.42
C MET A 659 -5.10 -7.88 -2.45
N VAL A 660 -5.39 -6.66 -2.03
CA VAL A 660 -5.35 -5.52 -2.93
C VAL A 660 -3.97 -4.90 -2.99
N LEU A 661 -3.30 -4.74 -1.84
CA LEU A 661 -1.95 -4.20 -1.85
C LEU A 661 -0.93 -5.14 -2.48
N ALA A 662 -1.30 -6.40 -2.72
CA ALA A 662 -0.36 -7.31 -3.37
C ALA A 662 0.00 -6.84 -4.78
N TRP A 663 -0.94 -6.25 -5.50
CA TRP A 663 -0.77 -5.99 -6.92
C TRP A 663 -0.38 -4.55 -7.23
N ILE A 664 -0.09 -3.74 -6.20
CA ILE A 664 0.24 -2.34 -6.45
C ILE A 664 1.56 -2.22 -7.19
N TYR A 665 2.53 -3.10 -6.88
CA TYR A 665 3.81 -3.06 -7.58
C TYR A 665 3.63 -3.40 -9.06
N SER A 666 2.84 -4.44 -9.35
CA SER A 666 2.62 -4.81 -10.74
C SER A 666 1.88 -3.71 -11.49
N VAL A 667 0.89 -3.08 -10.86
CA VAL A 667 0.16 -2.01 -11.51
C VAL A 667 1.08 -0.84 -11.82
N SER A 668 1.87 -0.41 -10.83
CA SER A 668 2.78 0.69 -11.07
C SER A 668 3.79 0.36 -12.16
N MET A 669 4.35 -0.85 -12.13
CA MET A 669 5.33 -1.21 -13.14
C MET A 669 4.74 -1.26 -14.54
N THR A 670 3.54 -1.80 -14.68
CA THR A 670 2.95 -1.85 -16.02
C THR A 670 2.66 -0.45 -16.56
N VAL A 671 2.07 0.42 -15.72
CA VAL A 671 1.76 1.76 -16.20
C VAL A 671 3.04 2.53 -16.52
N LYS A 672 4.04 2.43 -15.65
CA LYS A 672 5.32 3.11 -15.91
C LYS A 672 5.97 2.58 -17.17
N SER A 673 5.94 1.27 -17.39
CA SER A 673 6.56 0.72 -18.59
C SER A 673 5.87 1.24 -19.84
N ILE A 674 4.53 1.27 -19.85
CA ILE A 674 3.82 1.75 -21.03
C ILE A 674 4.17 3.21 -21.30
N VAL A 675 4.11 4.04 -20.26
CA VAL A 675 4.34 5.48 -20.45
C VAL A 675 5.78 5.74 -20.85
N LEU A 676 6.73 5.04 -20.22
CA LEU A 676 8.14 5.23 -20.55
C LEU A 676 8.44 4.77 -21.97
N GLU A 677 7.86 3.66 -22.40
CA GLU A 677 8.07 3.22 -23.78
C GLU A 677 7.50 4.20 -24.78
N LYS A 678 6.36 4.81 -24.47
CA LYS A 678 5.82 5.79 -25.41
C LYS A 678 6.41 7.17 -25.24
N GLU A 679 7.26 7.38 -24.23
CA GLU A 679 7.91 8.67 -24.01
C GLU A 679 9.30 8.75 -24.62
N LEU A 680 10.07 7.67 -24.56
CA LEU A 680 11.40 7.56 -25.15
C LEU A 680 11.36 7.42 -26.65
N ARG A 681 10.21 7.64 -27.26
CA ARG A 681 9.98 7.51 -28.70
C ARG A 681 10.08 6.07 -29.17
N LEU A 682 10.18 5.11 -28.25
CA LEU A 682 10.37 3.72 -28.64
C LEU A 682 9.10 3.10 -29.22
N LYS A 683 7.97 3.77 -29.16
CA LYS A 683 6.75 3.27 -29.77
C LYS A 683 6.51 3.84 -31.16
N GLU A 684 6.89 5.09 -31.40
CA GLU A 684 6.81 5.64 -32.74
C GLU A 684 7.83 5.01 -33.68
N THR A 685 9.04 4.74 -33.17
CA THR A 685 10.03 4.04 -33.99
C THR A 685 9.61 2.62 -34.33
N LEU A 686 8.66 2.05 -33.59
CA LEU A 686 8.07 0.77 -33.97
C LEU A 686 6.98 0.97 -35.00
N LYS A 687 6.13 1.98 -34.81
CA LYS A 687 5.07 2.24 -35.77
C LYS A 687 5.62 2.62 -37.13
N ASN A 688 6.83 3.16 -37.19
CA ASN A 688 7.44 3.45 -38.48
C ASN A 688 7.82 2.19 -39.23
N GLN A 689 8.22 1.15 -38.51
CA GLN A 689 8.69 -0.08 -39.14
C GLN A 689 7.56 -0.90 -39.75
N GLY A 690 6.31 -0.59 -39.44
CA GLY A 690 5.16 -1.23 -40.06
C GLY A 690 4.10 -1.71 -39.09
N VAL A 691 4.44 -1.95 -37.82
CA VAL A 691 3.46 -2.49 -36.89
C VAL A 691 2.37 -1.47 -36.63
N SER A 692 1.14 -1.96 -36.44
CA SER A 692 0.00 -1.09 -36.21
C SER A 692 -0.13 -0.81 -34.71
N ASN A 693 -1.28 -0.27 -34.30
CA ASN A 693 -1.54 -0.05 -32.88
C ASN A 693 -2.18 -1.25 -32.21
N ALA A 694 -3.02 -1.99 -32.95
CA ALA A 694 -3.66 -3.17 -32.39
C ALA A 694 -2.64 -4.19 -31.94
N VAL A 695 -1.58 -4.38 -32.74
CA VAL A 695 -0.56 -5.35 -32.39
C VAL A 695 0.16 -4.94 -31.12
N ILE A 696 0.47 -3.65 -30.98
CA ILE A 696 1.16 -3.18 -29.77
C ILE A 696 0.29 -3.40 -28.55
N TRP A 697 -1.00 -3.06 -28.63
CA TRP A 697 -1.88 -3.28 -27.48
C TRP A 697 -1.97 -4.76 -27.15
N CYS A 698 -2.08 -5.61 -28.18
CA CYS A 698 -2.22 -7.04 -27.94
C CYS A 698 -0.99 -7.63 -27.28
N THR A 699 0.21 -7.23 -27.72
CA THR A 699 1.40 -7.76 -27.06
C THR A 699 1.54 -7.25 -25.64
N TRP A 700 1.18 -5.99 -25.38
CA TRP A 700 1.23 -5.52 -24.00
C TRP A 700 0.31 -6.35 -23.11
N PHE A 701 -0.91 -6.58 -23.59
CA PHE A 701 -1.85 -7.37 -22.81
C PHE A 701 -1.35 -8.80 -22.62
N LEU A 702 -0.83 -9.41 -23.68
CA LEU A 702 -0.40 -10.81 -23.57
C LEU A 702 0.76 -10.96 -22.60
N ASP A 703 1.75 -10.08 -22.69
CA ASP A 703 2.89 -10.17 -21.79
C ASP A 703 2.48 -9.96 -20.34
N SER A 704 1.68 -8.92 -20.09
CA SER A 704 1.24 -8.66 -18.72
C SER A 704 0.41 -9.82 -18.19
N PHE A 705 -0.46 -10.38 -19.02
CA PHE A 705 -1.31 -11.49 -18.60
C PHE A 705 -0.48 -12.72 -18.27
N SER A 706 0.56 -13.01 -19.07
CA SER A 706 1.40 -14.15 -18.77
C SER A 706 2.10 -13.97 -17.42
N ILE A 707 2.64 -12.78 -17.16
CA ILE A 707 3.32 -12.55 -15.90
C ILE A 707 2.35 -12.67 -14.72
N MET A 708 1.17 -12.06 -14.83
CA MET A 708 0.19 -12.15 -13.76
C MET A 708 -0.27 -13.57 -13.54
N SER A 709 -0.43 -14.34 -14.63
CA SER A 709 -0.83 -15.74 -14.48
C SER A 709 0.22 -16.53 -13.72
N MET A 710 1.50 -16.33 -14.03
CA MET A 710 2.54 -17.04 -13.29
C MET A 710 2.49 -16.68 -11.80
N SER A 711 2.43 -15.38 -11.50
CA SER A 711 2.44 -14.98 -10.09
C SER A 711 1.19 -15.47 -9.36
N ILE A 712 0.06 -15.51 -10.05
CA ILE A 712 -1.19 -15.95 -9.45
C ILE A 712 -1.15 -17.44 -9.15
N PHE A 713 -0.64 -18.24 -10.09
CA PHE A 713 -0.49 -19.66 -9.84
C PHE A 713 0.39 -19.91 -8.61
N LEU A 714 1.50 -19.19 -8.53
CA LEU A 714 2.35 -19.30 -7.34
C LEU A 714 1.58 -18.91 -6.08
N LEU A 715 0.80 -17.83 -6.15
CA LEU A 715 0.11 -17.33 -4.97
C LEU A 715 -0.95 -18.32 -4.47
N THR A 716 -1.74 -18.90 -5.38
CA THR A 716 -2.75 -19.85 -4.94
C THR A 716 -2.11 -21.10 -4.35
N ILE A 717 -1.05 -21.61 -4.97
CA ILE A 717 -0.38 -22.76 -4.35
C ILE A 717 0.12 -22.40 -2.96
N PHE A 718 0.71 -21.21 -2.83
CA PHE A 718 1.28 -20.82 -1.54
C PHE A 718 0.21 -20.67 -0.47
N ILE A 719 -0.96 -20.12 -0.84
CA ILE A 719 -2.05 -19.96 0.13
C ILE A 719 -2.63 -21.31 0.52
N MET A 720 -2.90 -22.18 -0.47
CA MET A 720 -3.45 -23.50 -0.18
C MET A 720 -2.52 -24.31 0.73
N HIS A 721 -1.25 -24.40 0.36
CA HIS A 721 -0.37 -25.23 1.17
C HIS A 721 0.17 -24.50 2.39
N GLY A 722 -0.13 -23.22 2.55
CA GLY A 722 0.12 -22.53 3.80
C GLY A 722 -0.97 -22.70 4.81
N ARG A 723 -2.04 -23.41 4.45
CA ARG A 723 -3.18 -23.67 5.33
C ARG A 723 -3.86 -22.39 5.80
N ILE A 724 -3.74 -21.32 5.03
CA ILE A 724 -4.48 -20.10 5.36
C ILE A 724 -5.97 -20.32 5.13
N LEU A 725 -6.33 -20.95 4.02
CA LEU A 725 -7.72 -21.27 3.70
C LEU A 725 -7.84 -22.78 3.60
N HIS A 726 -8.74 -23.36 4.40
CA HIS A 726 -8.81 -24.81 4.52
C HIS A 726 -9.69 -25.44 3.45
N TYR A 727 -10.96 -25.07 3.42
CA TYR A 727 -11.95 -25.81 2.65
C TYR A 727 -12.08 -25.33 1.21
N SER A 728 -11.85 -24.04 0.96
CA SER A 728 -12.19 -23.45 -0.32
C SER A 728 -11.48 -24.15 -1.47
N ASP A 729 -12.22 -24.39 -2.54
CA ASP A 729 -11.67 -25.05 -3.72
C ASP A 729 -10.61 -24.15 -4.34
N PRO A 730 -9.37 -24.61 -4.48
CA PRO A 730 -8.34 -23.74 -5.06
C PRO A 730 -8.63 -23.30 -6.48
N PHE A 731 -9.34 -24.10 -7.27
CA PHE A 731 -9.63 -23.72 -8.64
C PHE A 731 -10.49 -22.47 -8.71
N ILE A 732 -11.47 -22.34 -7.80
CA ILE A 732 -12.28 -21.14 -7.76
C ILE A 732 -11.42 -19.92 -7.45
N LEU A 733 -10.51 -20.04 -6.49
CA LEU A 733 -9.64 -18.92 -6.17
C LEU A 733 -8.76 -18.55 -7.36
N PHE A 734 -8.26 -19.57 -8.07
CA PHE A 734 -7.41 -19.31 -9.23
C PHE A 734 -8.18 -18.57 -10.32
N LEU A 735 -9.41 -19.01 -10.59
CA LEU A 735 -10.23 -18.33 -11.59
C LEU A 735 -10.56 -16.91 -11.18
N PHE A 736 -10.87 -16.71 -9.90
CA PHE A 736 -11.15 -15.37 -9.40
C PHE A 736 -9.94 -14.46 -9.58
N LEU A 737 -8.75 -14.97 -9.27
CA LEU A 737 -7.55 -14.17 -9.44
C LEU A 737 -7.26 -13.87 -10.90
N LEU A 738 -7.53 -14.82 -11.81
CA LEU A 738 -7.39 -14.52 -13.23
C LEU A 738 -8.33 -13.40 -13.67
N ALA A 739 -9.58 -13.44 -13.21
CA ALA A 739 -10.51 -12.38 -13.56
C ALA A 739 -10.01 -11.04 -13.05
N PHE A 740 -9.50 -11.00 -11.82
CA PHE A 740 -9.01 -9.73 -11.30
C PHE A 740 -7.76 -9.26 -12.03
N SER A 741 -6.90 -10.19 -12.45
CA SER A 741 -5.72 -9.78 -13.20
C SER A 741 -6.11 -9.16 -14.53
N THR A 742 -7.08 -9.74 -15.23
CA THR A 742 -7.54 -9.14 -16.47
C THR A 742 -8.12 -7.75 -16.22
N ALA A 743 -8.93 -7.61 -15.17
CA ALA A 743 -9.52 -6.30 -14.87
C ALA A 743 -8.44 -5.27 -14.57
N THR A 744 -7.42 -5.65 -13.78
CA THR A 744 -6.40 -4.67 -13.43
C THR A 744 -5.47 -4.37 -14.60
N ILE A 745 -5.30 -5.30 -15.53
CA ILE A 745 -4.53 -5.02 -16.73
C ILE A 745 -5.25 -3.97 -17.58
N MET A 746 -6.56 -4.15 -17.78
CA MET A 746 -7.27 -3.12 -18.54
C MET A 746 -7.31 -1.80 -17.79
N LEU A 747 -7.33 -1.83 -16.45
CA LEU A 747 -7.22 -0.59 -15.69
C LEU A 747 -5.88 0.08 -15.95
N CYS A 748 -4.80 -0.71 -16.02
CA CYS A 748 -3.49 -0.14 -16.33
C CYS A 748 -3.49 0.48 -17.73
N PHE A 749 -4.13 -0.18 -18.69
CA PHE A 749 -4.24 0.40 -20.03
C PHE A 749 -4.95 1.73 -19.99
N LEU A 750 -6.05 1.82 -19.23
CA LEU A 750 -6.75 3.09 -19.10
C LEU A 750 -5.88 4.16 -18.46
N LEU A 751 -5.15 3.78 -17.41
CA LEU A 751 -4.33 4.77 -16.71
C LEU A 751 -3.18 5.26 -17.58
N SER A 752 -2.69 4.43 -18.50
CA SER A 752 -1.52 4.83 -19.27
C SER A 752 -1.83 5.89 -20.31
N THR A 753 -3.09 6.10 -20.67
CA THR A 753 -3.45 7.10 -21.65
C THR A 753 -3.66 8.48 -21.04
N PHE A 754 -3.49 8.62 -19.72
CA PHE A 754 -3.66 9.90 -19.06
C PHE A 754 -2.36 10.70 -19.06
N PHE A 755 -1.27 10.07 -18.65
CA PHE A 755 0.01 10.75 -18.47
C PHE A 755 0.88 10.61 -19.71
N SER A 756 1.94 11.41 -19.75
CA SER A 756 2.88 11.37 -20.86
C SER A 756 4.34 11.39 -20.42
N LYS A 757 4.63 11.48 -19.14
CA LYS A 757 5.99 11.41 -18.63
C LYS A 757 6.05 10.34 -17.54
N ALA A 758 7.03 9.45 -17.63
CA ALA A 758 7.12 8.37 -16.65
C ALA A 758 7.36 8.89 -15.25
N SER A 759 8.06 10.02 -15.12
CA SER A 759 8.22 10.65 -13.81
C SER A 759 6.90 11.17 -13.26
N LEU A 760 5.88 11.30 -14.11
CA LEU A 760 4.56 11.76 -13.71
C LEU A 760 3.57 10.62 -13.61
N ALA A 761 3.88 9.45 -14.15
CA ALA A 761 2.99 8.30 -14.15
C ALA A 761 3.36 7.27 -13.10
N ALA A 762 4.36 7.55 -12.26
CA ALA A 762 4.81 6.59 -11.26
C ALA A 762 4.15 6.78 -9.90
N ALA A 763 3.68 7.99 -9.60
CA ALA A 763 2.97 8.26 -8.34
C ALA A 763 1.47 8.23 -8.52
N CYS A 764 0.97 8.94 -9.53
CA CYS A 764 -0.46 9.00 -9.76
C CYS A 764 -1.03 7.61 -10.04
N SER A 765 -0.27 6.74 -10.70
CA SER A 765 -0.80 5.41 -11.01
C SER A 765 -1.13 4.64 -9.73
N GLY A 766 -0.18 4.55 -8.82
CA GLY A 766 -0.43 3.82 -7.58
C GLY A 766 -1.47 4.50 -6.71
N VAL A 767 -1.42 5.82 -6.60
CA VAL A 767 -2.39 6.50 -5.76
C VAL A 767 -3.80 6.35 -6.30
N ILE A 768 -3.99 6.48 -7.61
CA ILE A 768 -5.30 6.28 -8.20
C ILE A 768 -5.75 4.83 -8.10
N TYR A 769 -4.83 3.87 -8.20
CA TYR A 769 -5.23 2.48 -8.02
C TYR A 769 -5.76 2.24 -6.61
N PHE A 770 -5.10 2.81 -5.60
CA PHE A 770 -5.59 2.60 -4.24
C PHE A 770 -6.81 3.45 -3.92
N THR A 771 -6.96 4.61 -4.55
CA THR A 771 -8.12 5.46 -4.26
C THR A 771 -9.42 4.79 -4.67
N LEU A 772 -9.39 3.96 -5.71
CA LEU A 772 -10.57 3.23 -6.11
C LEU A 772 -10.92 2.08 -5.18
N TYR A 773 -10.19 1.93 -4.07
CA TYR A 773 -10.50 0.89 -3.09
C TYR A 773 -11.13 1.43 -1.82
N LEU A 774 -10.93 2.71 -1.50
CA LEU A 774 -11.57 3.27 -0.32
C LEU A 774 -13.09 3.13 -0.31
N PRO A 775 -13.82 3.24 -1.43
CA PRO A 775 -15.26 2.96 -1.38
C PRO A 775 -15.60 1.62 -0.78
N HIS A 776 -14.76 0.60 -0.92
CA HIS A 776 -15.04 -0.67 -0.27
C HIS A 776 -14.93 -0.55 1.24
N ILE A 777 -13.93 0.18 1.74
CA ILE A 777 -13.82 0.37 3.18
C ILE A 777 -15.00 1.18 3.70
N LEU A 778 -15.48 2.16 2.94
CA LEU A 778 -16.69 2.88 3.33
C LEU A 778 -17.89 1.96 3.34
N CYS A 779 -18.01 1.10 2.32
CA CYS A 779 -19.12 0.15 2.24
C CYS A 779 -19.06 -0.87 3.37
N PHE A 780 -17.91 -1.01 4.01
CA PHE A 780 -17.85 -1.96 5.16
C PHE A 780 -18.53 -1.32 6.38
N ALA A 781 -18.37 -0.01 6.55
CA ALA A 781 -18.95 0.69 7.72
C ALA A 781 -20.48 0.67 7.68
N TRP A 782 -21.10 0.94 6.53
CA TRP A 782 -22.58 0.99 6.55
C TRP A 782 -23.14 -0.40 6.83
N GLN A 783 -22.74 -1.41 6.05
CA GLN A 783 -23.15 -2.83 6.32
C GLN A 783 -24.67 -2.97 6.23
N ASP A 784 -25.36 -1.92 5.79
CA ASP A 784 -26.86 -1.92 5.77
C ASP A 784 -27.31 -0.82 4.81
N ARG A 785 -28.59 -0.81 4.43
CA ARG A 785 -29.07 0.18 3.44
C ARG A 785 -28.22 0.03 2.18
N MET A 786 -27.89 -1.21 1.82
CA MET A 786 -27.02 -1.46 0.63
C MET A 786 -27.83 -2.26 -0.39
N THR A 787 -28.79 -1.60 -1.05
CA THR A 787 -29.59 -2.31 -2.09
C THR A 787 -28.61 -2.96 -3.08
N ALA A 788 -28.86 -4.23 -3.44
CA ALA A 788 -27.99 -4.94 -4.36
C ALA A 788 -27.68 -4.10 -5.59
N GLU A 789 -28.64 -3.28 -6.02
CA GLU A 789 -28.39 -2.39 -7.16
C GLU A 789 -27.27 -1.40 -6.85
N LEU A 790 -27.31 -0.79 -5.66
CA LEU A 790 -26.25 0.13 -5.27
C LEU A 790 -24.94 -0.61 -5.06
N LYS A 791 -25.01 -1.86 -4.59
CA LYS A 791 -23.79 -2.64 -4.45
C LYS A 791 -23.15 -2.90 -5.80
N LYS A 792 -23.93 -3.21 -6.82
CA LYS A 792 -23.39 -3.38 -8.17
C LYS A 792 -22.82 -2.07 -8.70
N ALA A 793 -23.55 -0.97 -8.50
CA ALA A 793 -23.07 0.32 -9.00
C ALA A 793 -21.74 0.71 -8.38
N VAL A 794 -21.58 0.48 -7.08
CA VAL A 794 -20.29 0.71 -6.44
C VAL A 794 -19.26 -0.30 -6.94
N SER A 795 -19.67 -1.54 -7.20
CA SER A 795 -18.79 -2.57 -7.72
C SER A 795 -18.39 -2.32 -9.16
N LEU A 796 -18.90 -1.26 -9.79
CA LEU A 796 -18.47 -0.91 -11.15
C LEU A 796 -17.00 -0.50 -11.18
N LEU A 797 -16.32 -0.51 -10.03
CA LEU A 797 -14.87 -0.37 -9.95
C LEU A 797 -14.28 -1.72 -9.59
N SER A 798 -13.28 -2.16 -10.38
CA SER A 798 -12.77 -3.52 -10.20
C SER A 798 -12.17 -3.77 -8.82
N PRO A 799 -11.34 -2.90 -8.25
CA PRO A 799 -10.77 -3.20 -6.92
C PRO A 799 -11.80 -3.21 -5.81
N VAL A 800 -13.03 -2.78 -6.07
CA VAL A 800 -14.11 -2.92 -5.09
C VAL A 800 -14.84 -4.24 -5.25
N ALA A 801 -15.07 -4.67 -6.49
CA ALA A 801 -15.61 -6.01 -6.72
C ALA A 801 -14.68 -7.06 -6.15
N PHE A 802 -13.37 -6.83 -6.24
CA PHE A 802 -12.43 -7.77 -5.65
C PHE A 802 -12.58 -7.83 -4.13
N GLY A 803 -12.79 -6.67 -3.50
CA GLY A 803 -13.02 -6.68 -2.07
C GLY A 803 -14.28 -7.42 -1.68
N PHE A 804 -15.35 -7.24 -2.47
CA PHE A 804 -16.58 -7.97 -2.21
C PHE A 804 -16.39 -9.48 -2.34
N GLY A 805 -15.70 -9.91 -3.40
CA GLY A 805 -15.44 -11.33 -3.56
C GLY A 805 -14.60 -11.90 -2.42
N THR A 806 -13.60 -11.14 -1.96
CA THR A 806 -12.81 -11.58 -0.83
C THR A 806 -13.65 -11.69 0.43
N GLU A 807 -14.56 -10.73 0.65
CA GLU A 807 -15.47 -10.82 1.78
C GLU A 807 -16.27 -12.12 1.73
N TYR A 808 -16.79 -12.46 0.55
CA TYR A 808 -17.60 -13.68 0.47
C TYR A 808 -16.75 -14.93 0.67
N LEU A 809 -15.52 -14.92 0.17
CA LEU A 809 -14.58 -16.01 0.45
C LEU A 809 -14.42 -16.20 1.96
N VAL A 810 -14.14 -15.11 2.67
CA VAL A 810 -13.89 -15.19 4.12
C VAL A 810 -15.15 -15.66 4.84
N ARG A 811 -16.31 -15.14 4.48
CA ARG A 811 -17.55 -15.53 5.13
C ARG A 811 -17.81 -17.02 4.94
N PHE A 812 -17.66 -17.50 3.71
CA PHE A 812 -17.91 -18.91 3.46
C PHE A 812 -16.87 -19.80 4.10
N GLU A 813 -15.69 -19.25 4.42
CA GLU A 813 -14.67 -20.04 5.11
C GLU A 813 -15.04 -20.34 6.55
N GLU A 814 -15.58 -19.34 7.27
CA GLU A 814 -15.86 -19.47 8.69
C GLU A 814 -17.10 -20.31 8.98
N GLN A 815 -17.62 -21.00 7.97
CA GLN A 815 -18.80 -21.83 8.12
C GLN A 815 -18.52 -23.29 7.80
N GLY A 816 -17.27 -23.64 7.48
CA GLY A 816 -16.94 -24.97 7.05
C GLY A 816 -17.45 -25.36 5.68
N LEU A 817 -18.04 -24.41 4.96
CA LEU A 817 -18.64 -24.73 3.66
C LEU A 817 -17.62 -24.67 2.53
N GLY A 818 -17.08 -23.49 2.26
CA GLY A 818 -16.27 -23.29 1.07
C GLY A 818 -17.12 -23.17 -0.19
N LEU A 819 -16.52 -22.76 -1.30
CA LEU A 819 -17.25 -22.59 -2.56
C LEU A 819 -16.99 -23.77 -3.50
N GLN A 820 -17.65 -24.90 -3.22
CA GLN A 820 -17.52 -26.08 -4.07
C GLN A 820 -18.51 -26.03 -5.24
N TRP A 821 -18.34 -25.02 -6.09
CA TRP A 821 -18.96 -24.99 -7.40
C TRP A 821 -20.48 -24.97 -7.37
N SER A 822 -21.08 -24.97 -6.18
CA SER A 822 -22.52 -24.94 -6.04
C SER A 822 -22.88 -23.87 -5.03
N ASN A 823 -21.99 -23.65 -4.07
CA ASN A 823 -22.14 -22.56 -3.13
C ASN A 823 -22.02 -21.21 -3.82
N ILE A 824 -21.26 -21.15 -4.92
CA ILE A 824 -21.15 -19.96 -5.76
C ILE A 824 -22.52 -19.52 -6.24
N GLY A 825 -22.81 -18.23 -6.13
CA GLY A 825 -24.06 -17.68 -6.61
C GLY A 825 -25.08 -17.38 -5.54
N ASN A 826 -24.80 -17.68 -4.28
CA ASN A 826 -25.75 -17.47 -3.20
C ASN A 826 -25.01 -16.98 -1.97
N SER A 827 -25.48 -15.88 -1.42
CA SER A 827 -24.82 -15.18 -0.33
C SER A 827 -24.97 -15.96 0.98
N PRO A 828 -24.08 -15.70 1.95
CA PRO A 828 -24.18 -16.40 3.25
C PRO A 828 -24.99 -15.66 4.29
N THR A 829 -25.68 -14.60 3.90
CA THR A 829 -26.41 -13.78 4.86
C THR A 829 -27.92 -13.93 4.61
N GLU A 830 -28.70 -13.13 5.35
CA GLU A 830 -30.15 -13.29 5.36
C GLU A 830 -30.75 -13.09 3.97
N GLY A 831 -30.70 -11.88 3.45
CA GLY A 831 -31.09 -11.69 2.07
C GLY A 831 -30.18 -10.76 1.28
N ASP A 832 -29.48 -11.32 0.30
CA ASP A 832 -28.66 -10.55 -0.63
C ASP A 832 -28.88 -11.12 -2.02
N GLU A 833 -29.17 -10.26 -2.99
CA GLU A 833 -29.05 -10.67 -4.37
C GLU A 833 -27.59 -10.81 -4.78
N PHE A 834 -26.70 -10.06 -4.14
CA PHE A 834 -25.28 -10.13 -4.44
C PHE A 834 -24.73 -11.51 -4.13
N SER A 835 -23.71 -11.92 -4.89
CA SER A 835 -23.17 -13.27 -4.76
C SER A 835 -21.68 -13.21 -5.12
N PHE A 836 -21.11 -14.38 -5.42
CA PHE A 836 -19.72 -14.46 -5.84
C PHE A 836 -19.58 -14.53 -7.35
N LEU A 837 -20.36 -15.38 -8.01
CA LEU A 837 -20.34 -15.43 -9.47
C LEU A 837 -20.59 -14.06 -10.07
N LEU A 838 -21.57 -13.33 -9.54
CA LEU A 838 -21.88 -12.03 -10.10
C LEU A 838 -20.77 -11.03 -9.79
N SER A 839 -19.99 -11.28 -8.74
CA SER A 839 -18.84 -10.42 -8.46
C SER A 839 -17.82 -10.48 -9.59
N MET A 840 -17.39 -11.69 -9.97
CA MET A 840 -16.43 -11.76 -11.07
C MET A 840 -17.08 -11.48 -12.42
N GLN A 841 -18.39 -11.64 -12.55
CA GLN A 841 -19.06 -11.16 -13.76
C GLN A 841 -18.93 -9.65 -13.88
N MET A 842 -19.17 -8.93 -12.78
CA MET A 842 -18.98 -7.49 -12.79
C MET A 842 -17.53 -7.12 -13.02
N MET A 843 -16.61 -7.96 -12.54
CA MET A 843 -15.19 -7.72 -12.80
C MET A 843 -14.87 -7.80 -14.29
N LEU A 844 -15.42 -8.81 -14.97
CA LEU A 844 -15.21 -8.91 -16.41
C LEU A 844 -15.85 -7.75 -17.16
N LEU A 845 -17.03 -7.32 -16.74
CA LEU A 845 -17.64 -6.14 -17.35
C LEU A 845 -16.77 -4.91 -17.14
N ASP A 846 -16.19 -4.78 -15.95
CA ASP A 846 -15.28 -3.67 -15.67
C ASP A 846 -14.08 -3.71 -16.60
N ALA A 847 -13.52 -4.89 -16.80
CA ALA A 847 -12.37 -5.03 -17.69
C ALA A 847 -12.73 -4.60 -19.11
N ALA A 848 -13.90 -5.02 -19.59
CA ALA A 848 -14.30 -4.65 -20.94
C ALA A 848 -14.48 -3.15 -21.08
N VAL A 849 -15.15 -2.52 -20.10
CA VAL A 849 -15.38 -1.08 -20.17
C VAL A 849 -14.06 -0.32 -20.14
N TYR A 850 -13.15 -0.71 -19.23
CA TYR A 850 -11.86 -0.05 -19.16
C TYR A 850 -11.07 -0.20 -20.45
N GLY A 851 -11.07 -1.39 -21.04
CA GLY A 851 -10.34 -1.57 -22.28
C GLY A 851 -10.88 -0.71 -23.39
N LEU A 852 -12.21 -0.67 -23.54
CA LEU A 852 -12.81 0.15 -24.59
C LEU A 852 -12.51 1.63 -24.37
N LEU A 853 -12.62 2.10 -23.13
CA LEU A 853 -12.37 3.51 -22.86
C LEU A 853 -10.91 3.88 -23.08
N ALA A 854 -9.99 2.99 -22.70
CA ALA A 854 -8.57 3.25 -22.94
C ALA A 854 -8.27 3.33 -24.42
N TRP A 855 -8.83 2.40 -25.19
CA TRP A 855 -8.63 2.43 -26.63
C TRP A 855 -9.18 3.70 -27.24
N TYR A 856 -10.34 4.16 -26.78
CA TYR A 856 -10.91 5.40 -27.34
C TYR A 856 -10.06 6.61 -26.98
N LEU A 857 -9.69 6.75 -25.71
CA LEU A 857 -8.93 7.92 -25.28
C LEU A 857 -7.53 7.94 -25.85
N ASP A 858 -6.96 6.77 -26.19
CA ASP A 858 -5.60 6.76 -26.72
C ASP A 858 -5.50 7.54 -28.02
N GLN A 859 -6.54 7.49 -28.85
CA GLN A 859 -6.52 8.11 -30.17
C GLN A 859 -7.12 9.50 -30.18
N VAL A 860 -7.44 10.06 -29.02
CA VAL A 860 -7.98 11.42 -29.00
C VAL A 860 -7.03 12.29 -28.17
N PHE A 861 -6.36 11.68 -27.20
CA PHE A 861 -5.32 12.33 -26.39
C PHE A 861 -4.02 11.57 -26.61
N PRO A 862 -3.38 11.72 -27.77
CA PRO A 862 -2.20 10.89 -28.07
C PRO A 862 -0.96 11.29 -27.31
N GLY A 863 -0.84 12.53 -26.88
CA GLY A 863 0.31 12.97 -26.12
C GLY A 863 1.16 13.98 -26.86
N ASP A 864 2.44 14.02 -26.48
CA ASP A 864 3.36 14.96 -27.12
C ASP A 864 3.74 14.49 -28.52
N TYR A 865 4.35 13.30 -28.62
CA TYR A 865 4.78 12.74 -29.88
C TYR A 865 3.64 12.16 -30.68
N GLY A 866 2.40 12.46 -30.32
CA GLY A 866 1.27 11.89 -31.03
C GLY A 866 1.19 12.38 -32.46
N THR A 867 0.62 11.53 -33.30
CA THR A 867 0.34 11.82 -34.69
C THR A 867 -0.75 12.89 -34.75
N PRO A 868 -1.14 13.39 -35.94
CA PRO A 868 -2.34 14.22 -35.98
C PRO A 868 -3.52 13.51 -35.33
N LEU A 869 -3.96 14.03 -34.21
CA LEU A 869 -4.94 13.34 -33.38
C LEU A 869 -6.32 13.40 -34.02
N PRO A 870 -7.01 12.26 -34.18
CA PRO A 870 -8.35 12.28 -34.77
C PRO A 870 -9.31 13.07 -33.90
N TRP A 871 -10.35 13.61 -34.54
CA TRP A 871 -11.37 14.34 -33.81
C TRP A 871 -12.14 13.41 -32.89
N TYR A 872 -12.89 14.00 -31.96
CA TYR A 872 -13.62 13.21 -30.97
C TYR A 872 -14.75 12.39 -31.60
N PHE A 873 -15.10 12.67 -32.85
CA PHE A 873 -16.16 11.94 -33.54
C PHE A 873 -15.60 10.97 -34.57
N LEU A 874 -14.47 10.34 -34.28
CA LEU A 874 -13.88 9.37 -35.21
C LEU A 874 -14.77 8.14 -35.38
N LEU A 875 -15.43 7.68 -34.30
CA LEU A 875 -16.34 6.55 -34.42
C LEU A 875 -17.57 6.91 -35.25
N GLN A 876 -18.08 8.12 -35.07
CA GLN A 876 -19.34 8.50 -35.70
C GLN A 876 -19.24 8.47 -37.22
N GLU A 877 -18.12 8.93 -37.77
CA GLU A 877 -17.96 8.98 -39.21
C GLU A 877 -17.94 7.57 -39.80
N SER A 878 -18.58 7.43 -40.96
CA SER A 878 -18.68 6.12 -41.61
C SER A 878 -17.31 5.62 -42.05
N TYR A 879 -16.42 6.53 -42.43
CA TYR A 879 -15.06 6.14 -42.79
C TYR A 879 -14.36 5.51 -41.60
N TRP A 880 -13.56 4.48 -41.89
CA TRP A 880 -12.84 3.78 -40.83
C TRP A 880 -11.80 4.69 -40.19
N LEU A 881 -11.58 4.49 -38.91
CA LEU A 881 -10.57 5.23 -38.16
C LEU A 881 -9.17 4.72 -38.46
N HIS A 914 13.36 35.71 -54.79
CA HIS A 914 13.76 36.38 -56.02
C HIS A 914 13.41 35.45 -57.19
N ASP A 915 12.76 34.34 -56.85
CA ASP A 915 12.15 33.34 -57.73
C ASP A 915 13.00 33.05 -58.96
N SER A 916 14.33 33.12 -58.80
CA SER A 916 15.26 32.70 -59.83
C SER A 916 16.26 31.70 -59.29
N PHE A 917 16.25 31.43 -57.99
CA PHE A 917 17.12 30.43 -57.39
C PHE A 917 16.52 29.04 -57.41
N PHE A 918 15.30 28.88 -57.93
CA PHE A 918 14.61 27.59 -57.95
C PHE A 918 14.64 27.03 -59.37
N GLU A 919 15.07 25.78 -59.49
CA GLU A 919 15.12 25.14 -60.79
C GLU A 919 13.75 24.59 -61.18
N ARG A 920 13.39 24.79 -62.45
CA ARG A 920 12.12 24.27 -62.95
C ARG A 920 12.16 22.75 -63.00
N GLU A 921 11.00 22.12 -62.84
CA GLU A 921 10.92 20.67 -62.95
C GLU A 921 11.29 20.22 -64.36
N HIS A 922 12.31 19.38 -64.45
CA HIS A 922 12.78 18.86 -65.72
C HIS A 922 11.76 17.87 -66.27
N PRO A 923 11.85 17.52 -67.55
CA PRO A 923 10.98 16.46 -68.08
C PRO A 923 11.20 15.16 -67.30
N GLY A 924 10.10 14.44 -67.09
CA GLY A 924 10.13 13.32 -66.19
C GLY A 924 10.10 13.80 -64.75
N TRP A 925 11.05 13.34 -63.94
CA TRP A 925 11.19 13.78 -62.56
C TRP A 925 9.86 13.65 -61.80
N VAL A 926 9.36 12.41 -61.73
CA VAL A 926 8.08 12.21 -61.06
C VAL A 926 8.26 12.47 -59.56
N PRO A 927 7.37 13.21 -58.91
CA PRO A 927 7.58 13.56 -57.50
C PRO A 927 7.20 12.44 -56.56
N GLY A 928 7.89 12.37 -55.43
CA GLY A 928 7.65 11.34 -54.45
C GLY A 928 7.13 11.89 -53.14
N VAL A 929 7.53 13.10 -52.79
CA VAL A 929 7.07 13.78 -51.58
C VAL A 929 6.84 15.25 -51.91
N CYS A 930 5.68 15.78 -51.56
CA CYS A 930 5.36 17.17 -51.79
C CYS A 930 4.96 17.84 -50.48
N VAL A 931 5.46 19.05 -50.26
CA VAL A 931 5.10 19.86 -49.11
C VAL A 931 4.57 21.19 -49.62
N LYS A 932 3.40 21.60 -49.14
CA LYS A 932 2.74 22.80 -49.64
C LYS A 932 2.32 23.68 -48.48
N ASN A 933 2.91 24.88 -48.41
CA ASN A 933 2.52 25.92 -47.45
C ASN A 933 2.56 25.40 -46.02
N LEU A 934 3.52 24.53 -45.72
CA LEU A 934 3.64 24.02 -44.36
C LEU A 934 3.93 25.14 -43.38
N VAL A 935 3.22 25.14 -42.26
CA VAL A 935 3.47 26.06 -41.16
C VAL A 935 3.49 25.24 -39.88
N LYS A 936 4.49 25.49 -39.03
CA LYS A 936 4.54 24.84 -37.73
C LYS A 936 4.99 25.88 -36.72
N ILE A 937 4.19 26.07 -35.67
CA ILE A 937 4.42 27.12 -34.69
C ILE A 937 4.42 26.46 -33.32
N PHE A 938 5.57 26.45 -32.66
CA PHE A 938 5.61 26.04 -31.27
C PHE A 938 5.10 27.19 -30.41
N GLU A 939 4.05 26.93 -29.64
CA GLU A 939 3.24 28.00 -29.06
C GLU A 939 4.00 28.94 -28.12
N PRO A 940 4.77 28.46 -27.13
CA PRO A 940 5.17 29.35 -26.03
C PRO A 940 6.00 30.56 -26.43
N CYS A 941 6.67 30.55 -27.58
CA CYS A 941 7.56 31.64 -27.94
C CYS A 941 7.30 32.21 -29.33
N GLY A 942 6.17 31.83 -29.95
CA GLY A 942 5.90 32.15 -31.36
C GLY A 942 7.05 31.74 -32.26
N ARG A 943 7.54 32.66 -33.12
CA ARG A 943 8.74 32.36 -33.95
C ARG A 943 8.57 31.03 -34.69
N PRO A 944 7.67 30.93 -35.70
CA PRO A 944 7.40 29.62 -36.33
C PRO A 944 8.69 28.92 -36.77
N ALA A 945 8.87 27.66 -36.34
CA ALA A 945 10.08 26.90 -36.69
C ALA A 945 10.13 26.63 -38.19
N VAL A 946 9.00 26.25 -38.79
CA VAL A 946 8.94 25.96 -40.25
C VAL A 946 7.87 26.86 -40.88
N ASP A 947 8.28 27.98 -41.46
CA ASP A 947 7.35 29.04 -41.82
C ASP A 947 6.50 28.67 -43.03
N ARG A 948 7.12 28.54 -44.20
CA ARG A 948 6.38 28.24 -45.44
C ARG A 948 7.34 27.54 -46.40
N LEU A 949 7.27 26.21 -46.45
CA LEU A 949 8.05 25.49 -47.43
C LEU A 949 7.21 25.19 -48.66
N ASN A 950 7.88 25.08 -49.80
CA ASN A 950 7.26 24.61 -51.03
C ASN A 950 8.16 23.59 -51.70
N ILE A 951 8.83 22.78 -50.90
CA ILE A 951 9.76 21.76 -51.36
C ILE A 951 9.02 20.62 -52.04
N THR A 952 9.73 19.84 -52.84
CA THR A 952 9.15 18.70 -53.54
C THR A 952 10.29 17.74 -53.86
N PHE A 953 10.39 16.66 -53.11
CA PHE A 953 11.46 15.69 -53.33
C PHE A 953 11.04 14.70 -54.41
N TYR A 954 12.01 14.29 -55.22
CA TYR A 954 11.71 13.55 -56.44
C TYR A 954 12.01 12.07 -56.24
N GLU A 955 11.90 11.29 -57.32
CA GLU A 955 11.78 9.84 -57.24
C GLU A 955 13.12 9.12 -57.05
N ASN A 956 14.04 9.31 -57.98
CA ASN A 956 15.25 8.49 -58.07
C ASN A 956 16.48 9.21 -57.54
N GLN A 957 16.34 10.09 -56.55
CA GLN A 957 17.40 11.04 -56.25
C GLN A 957 17.62 11.13 -54.75
N ILE A 958 18.84 11.55 -54.39
CA ILE A 958 19.24 11.78 -53.01
C ILE A 958 19.18 13.29 -52.83
N THR A 959 18.10 13.77 -52.22
CA THR A 959 17.95 15.21 -52.04
C THR A 959 18.61 15.64 -50.73
N ALA A 960 19.66 16.43 -50.82
CA ALA A 960 20.39 16.92 -49.66
C ALA A 960 19.66 18.13 -49.10
N PHE A 961 19.46 18.15 -47.79
CA PHE A 961 18.68 19.18 -47.12
C PHE A 961 19.60 19.94 -46.19
N LEU A 962 20.06 21.11 -46.61
CA LEU A 962 21.04 21.89 -45.88
C LEU A 962 20.39 23.08 -45.21
N GLY A 963 21.10 23.69 -44.28
CA GLY A 963 20.62 24.89 -43.63
C GLY A 963 21.29 25.11 -42.29
N HIS A 964 21.28 26.37 -41.86
CA HIS A 964 21.92 26.76 -40.62
C HIS A 964 21.21 26.12 -39.43
N ASN A 965 21.78 26.30 -38.24
CA ASN A 965 21.22 25.68 -37.04
C ASN A 965 19.95 26.39 -36.60
N GLY A 966 19.00 25.60 -36.12
CA GLY A 966 17.71 26.13 -35.74
C GLY A 966 16.98 26.69 -36.93
N ALA A 967 17.03 26.00 -38.07
CA ALA A 967 16.39 26.45 -39.29
C ALA A 967 15.07 25.75 -39.59
N GLY A 968 14.89 24.52 -39.14
CA GLY A 968 13.66 23.80 -39.45
C GLY A 968 13.89 22.57 -40.30
N LYS A 969 15.03 21.91 -40.09
CA LYS A 969 15.33 20.67 -40.80
C LYS A 969 14.71 19.47 -40.09
N THR A 970 15.09 19.25 -38.83
CA THR A 970 14.56 18.11 -38.09
C THR A 970 13.07 18.22 -37.88
N THR A 971 12.57 19.44 -37.64
CA THR A 971 11.13 19.62 -37.50
C THR A 971 10.39 19.29 -38.79
N THR A 972 10.92 19.72 -39.93
CA THR A 972 10.28 19.36 -41.20
C THR A 972 10.32 17.86 -41.44
N LEU A 973 11.44 17.21 -41.12
CA LEU A 973 11.50 15.76 -41.32
C LEU A 973 10.63 15.00 -40.33
N SER A 974 10.36 15.54 -39.15
CA SER A 974 9.40 14.91 -38.26
C SER A 974 7.98 15.11 -38.73
N ILE A 975 7.66 16.29 -39.28
CA ILE A 975 6.34 16.50 -39.86
C ILE A 975 6.13 15.60 -41.06
N LEU A 976 7.20 15.34 -41.81
CA LEU A 976 7.14 14.40 -42.93
C LEU A 976 6.76 13.00 -42.46
N THR A 977 7.25 12.60 -41.30
CA THR A 977 6.82 11.38 -40.64
C THR A 977 5.56 11.73 -39.83
N GLY A 978 5.05 10.80 -39.05
CA GLY A 978 3.91 11.14 -38.23
C GLY A 978 4.22 11.73 -36.88
N LEU A 979 5.49 12.00 -36.57
CA LEU A 979 5.88 12.35 -35.21
C LEU A 979 5.28 13.66 -34.71
N LEU A 980 4.93 14.59 -35.59
CA LEU A 980 4.39 15.88 -35.17
C LEU A 980 3.22 16.23 -36.05
N PRO A 981 2.23 16.95 -35.51
CA PRO A 981 1.15 17.46 -36.36
C PRO A 981 1.47 18.84 -36.87
N PRO A 982 1.37 19.07 -38.17
CA PRO A 982 1.53 20.43 -38.69
C PRO A 982 0.34 21.28 -38.30
N THR A 983 0.58 22.58 -38.20
CA THR A 983 -0.49 23.51 -37.83
C THR A 983 -1.05 24.25 -39.03
N SER A 984 -0.68 23.86 -40.24
CA SER A 984 -1.28 24.36 -41.47
C SER A 984 -0.73 23.54 -42.63
N GLY A 985 -1.17 23.88 -43.83
CA GLY A 985 -0.63 23.26 -45.03
C GLY A 985 -0.88 21.77 -45.14
N THR A 986 -0.44 21.18 -46.25
CA THR A 986 -0.62 19.76 -46.50
C THR A 986 0.72 19.14 -46.86
N VAL A 987 0.84 17.85 -46.58
CA VAL A 987 2.08 17.10 -46.82
C VAL A 987 1.70 15.81 -47.53
N LEU A 988 1.73 15.82 -48.87
CA LEU A 988 1.51 14.61 -49.62
C LEU A 988 2.77 13.76 -49.60
N VAL A 989 2.60 12.45 -49.48
CA VAL A 989 3.71 11.50 -49.51
C VAL A 989 3.31 10.39 -50.48
N GLY A 990 3.93 10.39 -51.66
CA GLY A 990 3.62 9.37 -52.63
C GLY A 990 2.27 9.47 -53.27
N GLY A 991 1.56 10.58 -53.09
CA GLY A 991 0.22 10.75 -53.58
C GLY A 991 -0.86 10.51 -52.54
N ARG A 992 -0.51 9.91 -51.41
CA ARG A 992 -1.45 9.70 -50.31
C ARG A 992 -1.18 10.73 -49.24
N ASP A 993 -2.17 11.59 -48.97
CA ASP A 993 -1.98 12.67 -48.02
C ASP A 993 -1.67 12.08 -46.64
N ILE A 994 -1.03 12.89 -45.80
CA ILE A 994 -0.43 12.34 -44.58
C ILE A 994 -1.35 12.34 -43.36
N GLU A 995 -2.22 13.35 -43.19
CA GLU A 995 -3.11 13.30 -42.03
C GLU A 995 -4.22 12.29 -42.22
N THR A 996 -4.70 12.11 -43.46
CA THR A 996 -5.78 11.16 -43.68
C THR A 996 -5.27 9.72 -43.67
N SER A 997 -4.40 9.36 -44.62
CA SER A 997 -3.94 7.99 -44.78
C SER A 997 -2.49 7.91 -44.30
N LEU A 998 -2.31 7.65 -43.01
CA LEU A 998 -1.00 7.54 -42.41
C LEU A 998 -0.52 6.11 -42.25
N ASP A 999 -1.39 5.12 -42.45
CA ASP A 999 -0.97 3.74 -42.31
C ASP A 999 -0.35 3.21 -43.60
N ALA A 1000 -1.00 3.45 -44.73
CA ALA A 1000 -0.45 3.04 -46.00
C ALA A 1000 0.91 3.70 -46.26
N VAL A 1001 1.06 4.96 -45.82
CA VAL A 1001 2.34 5.64 -45.96
C VAL A 1001 3.40 4.96 -45.12
N ARG A 1002 3.06 4.63 -43.87
CA ARG A 1002 4.04 4.07 -42.95
C ARG A 1002 4.29 2.59 -43.15
N GLN A 1003 3.57 1.94 -44.06
CA GLN A 1003 3.94 0.57 -44.41
C GLN A 1003 5.21 0.50 -45.22
N SER A 1004 5.66 1.62 -45.80
CA SER A 1004 6.81 1.67 -46.70
C SER A 1004 7.69 2.85 -46.37
N LEU A 1005 8.05 3.01 -45.10
CA LEU A 1005 8.89 4.13 -44.68
C LEU A 1005 9.96 3.62 -43.73
N GLY A 1006 11.13 4.23 -43.83
CA GLY A 1006 12.22 3.97 -42.89
C GLY A 1006 12.91 5.26 -42.51
N MET A 1007 13.14 5.49 -41.23
CA MET A 1007 13.66 6.75 -40.75
C MET A 1007 14.87 6.55 -39.85
N CYS A 1008 15.80 7.49 -39.90
CA CYS A 1008 16.93 7.55 -38.97
C CYS A 1008 16.90 8.88 -38.24
N PRO A 1009 16.55 8.92 -36.96
CA PRO A 1009 16.41 10.20 -36.26
C PRO A 1009 17.77 10.80 -35.93
N GLN A 1010 17.75 12.10 -35.61
CA GLN A 1010 18.99 12.80 -35.28
C GLN A 1010 19.62 12.28 -34.00
N HIS A 1011 18.82 12.02 -32.97
CA HIS A 1011 19.29 11.40 -31.74
C HIS A 1011 18.92 9.93 -31.78
N ASN A 1012 19.91 9.06 -31.78
CA ASN A 1012 19.70 7.65 -32.05
C ASN A 1012 18.89 6.98 -30.95
N ILE A 1013 17.72 6.45 -31.31
CA ILE A 1013 16.83 5.77 -30.38
C ILE A 1013 16.79 4.29 -30.78
N LEU A 1014 17.24 3.44 -29.86
CA LEU A 1014 17.40 2.02 -30.12
C LEU A 1014 17.57 1.29 -28.81
N PHE A 1015 17.05 0.06 -28.76
CA PHE A 1015 16.94 -0.67 -27.50
C PHE A 1015 18.31 -0.95 -26.91
N HIS A 1016 18.38 -0.93 -25.58
CA HIS A 1016 19.67 -0.95 -24.90
C HIS A 1016 20.28 -2.35 -24.86
N HIS A 1017 19.60 -3.29 -24.20
CA HIS A 1017 20.18 -4.59 -23.93
C HIS A 1017 20.05 -5.55 -25.09
N LEU A 1018 19.57 -5.09 -26.24
CA LEU A 1018 19.58 -5.89 -27.45
C LEU A 1018 20.91 -5.68 -28.17
N THR A 1019 21.43 -6.74 -28.77
CA THR A 1019 22.71 -6.66 -29.46
C THR A 1019 22.50 -6.03 -30.84
N VAL A 1020 23.52 -6.12 -31.69
CA VAL A 1020 23.44 -5.56 -33.04
C VAL A 1020 22.77 -6.54 -33.99
N ALA A 1021 23.26 -7.78 -34.01
CA ALA A 1021 22.67 -8.81 -34.85
C ALA A 1021 21.19 -8.95 -34.57
N GLU A 1022 20.81 -8.89 -33.29
CA GLU A 1022 19.40 -9.00 -32.94
C GLU A 1022 18.61 -7.77 -33.38
N HIS A 1023 19.22 -6.59 -33.34
CA HIS A 1023 18.55 -5.42 -33.91
C HIS A 1023 18.19 -5.65 -35.37
N MET A 1024 19.18 -6.07 -36.17
CA MET A 1024 18.91 -6.20 -37.60
C MET A 1024 17.96 -7.35 -37.89
N LEU A 1025 18.08 -8.46 -37.15
CA LEU A 1025 17.13 -9.56 -37.34
C LEU A 1025 15.71 -9.15 -36.99
N PHE A 1026 15.54 -8.45 -35.87
CA PHE A 1026 14.24 -7.95 -35.46
C PHE A 1026 13.64 -7.08 -36.55
N TYR A 1027 14.39 -6.06 -37.00
CA TYR A 1027 13.80 -5.11 -37.94
C TYR A 1027 13.63 -5.70 -39.33
N ALA A 1028 14.45 -6.68 -39.71
CA ALA A 1028 14.28 -7.31 -41.02
C ALA A 1028 13.11 -8.27 -41.04
N GLN A 1029 12.90 -9.02 -39.96
CA GLN A 1029 11.75 -9.92 -39.91
C GLN A 1029 10.44 -9.17 -39.68
N LEU A 1030 10.49 -8.01 -39.03
CA LEU A 1030 9.28 -7.24 -38.77
C LEU A 1030 8.66 -6.68 -40.03
N LYS A 1031 9.23 -6.93 -41.21
CA LYS A 1031 8.71 -6.40 -42.46
C LYS A 1031 8.42 -7.49 -43.48
N GLY A 1032 8.23 -8.74 -43.04
CA GLY A 1032 7.78 -9.81 -43.90
C GLY A 1032 8.84 -10.85 -44.24
N LYS A 1033 10.10 -10.52 -43.98
CA LYS A 1033 11.24 -11.40 -44.37
C LYS A 1033 11.19 -12.69 -43.54
N SER A 1034 11.34 -13.84 -44.20
CA SER A 1034 11.38 -15.14 -43.47
C SER A 1034 12.67 -15.24 -42.65
N GLN A 1035 12.64 -16.00 -41.55
CA GLN A 1035 13.80 -16.15 -40.65
C GLN A 1035 15.10 -16.19 -41.47
N GLU A 1036 15.10 -16.99 -42.54
CA GLU A 1036 16.31 -17.26 -43.31
C GLU A 1036 16.79 -16.04 -44.08
N GLU A 1037 15.90 -15.31 -44.73
CA GLU A 1037 16.31 -14.10 -45.45
C GLU A 1037 16.81 -13.02 -44.50
N ALA A 1038 16.35 -13.02 -43.26
CA ALA A 1038 16.89 -12.10 -42.27
C ALA A 1038 18.37 -12.39 -42.04
N GLN A 1039 18.75 -13.67 -42.03
CA GLN A 1039 20.15 -14.03 -41.89
C GLN A 1039 21.01 -13.41 -42.98
N LEU A 1040 20.59 -13.58 -44.24
CA LEU A 1040 21.36 -13.04 -45.36
C LEU A 1040 21.39 -11.52 -45.33
N GLU A 1041 20.26 -10.90 -45.00
CA GLU A 1041 20.22 -9.44 -44.94
C GLU A 1041 21.16 -8.91 -43.86
N MET A 1042 21.16 -9.55 -42.69
CA MET A 1042 22.04 -9.08 -41.63
C MET A 1042 23.50 -9.27 -42.00
N GLU A 1043 23.84 -10.42 -42.61
CA GLU A 1043 25.22 -10.63 -43.01
C GLU A 1043 25.67 -9.57 -44.01
N ALA A 1044 24.84 -9.32 -45.03
CA ALA A 1044 25.18 -8.33 -46.04
C ALA A 1044 25.37 -6.95 -45.43
N MET A 1045 24.46 -6.56 -44.54
CA MET A 1045 24.51 -5.19 -44.05
C MET A 1045 25.48 -5.02 -42.88
N LEU A 1046 25.99 -6.12 -42.31
CA LEU A 1046 27.20 -6.02 -41.51
C LEU A 1046 28.43 -5.87 -42.39
N GLU A 1047 28.45 -6.51 -43.55
CA GLU A 1047 29.58 -6.30 -44.45
C GLU A 1047 29.61 -4.87 -44.97
N ASP A 1048 28.46 -4.28 -45.27
CA ASP A 1048 28.40 -2.98 -45.92
C ASP A 1048 28.62 -1.81 -44.98
N THR A 1049 28.57 -2.01 -43.66
CA THR A 1049 28.78 -0.91 -42.73
C THR A 1049 29.96 -1.12 -41.79
N GLY A 1050 30.71 -2.21 -41.95
CA GLY A 1050 31.89 -2.42 -41.13
C GLY A 1050 31.61 -2.60 -39.65
N LEU A 1051 30.59 -3.39 -39.32
CA LEU A 1051 30.25 -3.69 -37.93
C LEU A 1051 30.36 -5.17 -37.62
N HIS A 1052 31.19 -5.91 -38.37
CA HIS A 1052 31.24 -7.35 -38.21
C HIS A 1052 31.85 -7.77 -36.88
N HIS A 1053 32.90 -7.08 -36.44
CA HIS A 1053 33.55 -7.45 -35.20
C HIS A 1053 32.68 -7.14 -33.99
N LYS A 1054 31.65 -6.32 -34.17
CA LYS A 1054 30.76 -5.93 -33.08
C LYS A 1054 29.41 -6.63 -33.17
N ARG A 1055 29.41 -7.88 -33.65
CA ARG A 1055 28.14 -8.58 -33.88
C ARG A 1055 27.37 -8.79 -32.58
N ASN A 1056 28.06 -9.18 -31.52
CA ASN A 1056 27.39 -9.58 -30.29
C ASN A 1056 27.55 -8.59 -29.15
N GLU A 1057 28.02 -7.38 -29.43
CA GLU A 1057 28.11 -6.37 -28.39
C GLU A 1057 26.75 -5.69 -28.20
N GLU A 1058 26.38 -5.47 -26.95
CA GLU A 1058 25.10 -4.84 -26.67
C GLU A 1058 25.07 -3.43 -27.20
N ALA A 1059 23.89 -2.97 -27.63
CA ALA A 1059 23.77 -1.71 -28.34
C ALA A 1059 23.84 -0.52 -27.40
N GLN A 1060 24.29 -0.75 -26.16
CA GLN A 1060 24.63 0.33 -25.25
C GLN A 1060 26.12 0.43 -24.97
N ASP A 1061 26.86 -0.64 -25.22
CA ASP A 1061 28.32 -0.64 -25.11
C ASP A 1061 28.99 -0.15 -26.38
N LEU A 1062 28.22 0.18 -27.42
CA LEU A 1062 28.81 0.67 -28.65
C LEU A 1062 29.27 2.11 -28.47
N SER A 1063 30.27 2.49 -29.27
CA SER A 1063 30.69 3.87 -29.32
C SER A 1063 29.63 4.73 -29.99
N GLY A 1064 29.75 6.05 -29.85
CA GLY A 1064 28.76 6.93 -30.43
C GLY A 1064 28.66 6.81 -31.94
N GLY A 1065 29.81 6.81 -32.61
CA GLY A 1065 29.81 6.61 -34.05
C GLY A 1065 29.28 5.28 -34.50
N MET A 1066 29.52 4.22 -33.72
CA MET A 1066 29.00 2.91 -34.09
C MET A 1066 27.49 2.87 -33.94
N GLN A 1067 26.95 3.55 -32.93
CA GLN A 1067 25.49 3.66 -32.82
C GLN A 1067 24.93 4.44 -33.98
N ARG A 1068 25.62 5.51 -34.41
CA ARG A 1068 25.16 6.25 -35.57
C ARG A 1068 25.20 5.41 -36.84
N LYS A 1069 26.23 4.57 -37.01
CA LYS A 1069 26.23 3.67 -38.16
C LYS A 1069 25.11 2.64 -38.07
N LEU A 1070 24.84 2.14 -36.87
CA LEU A 1070 23.78 1.14 -36.71
C LEU A 1070 22.40 1.72 -36.99
N SER A 1071 22.16 2.98 -36.63
CA SER A 1071 20.86 3.57 -36.89
C SER A 1071 20.60 3.65 -38.39
N VAL A 1072 21.53 4.23 -39.14
CA VAL A 1072 21.36 4.32 -40.59
C VAL A 1072 21.34 2.92 -41.21
N ALA A 1073 21.99 1.94 -40.58
CA ALA A 1073 21.89 0.58 -41.08
C ALA A 1073 20.47 0.04 -40.95
N ILE A 1074 19.88 0.14 -39.76
CA ILE A 1074 18.52 -0.36 -39.55
C ILE A 1074 17.47 0.52 -40.20
N ALA A 1075 17.85 1.66 -40.78
CA ALA A 1075 16.92 2.42 -41.59
C ALA A 1075 16.72 1.83 -42.98
N PHE A 1076 17.64 0.99 -43.46
CA PHE A 1076 17.59 0.48 -44.82
C PHE A 1076 17.13 -0.97 -44.92
N VAL A 1077 17.02 -1.69 -43.80
CA VAL A 1077 16.59 -3.08 -43.85
C VAL A 1077 15.14 -3.13 -44.28
N GLY A 1078 14.82 -4.10 -45.13
CA GLY A 1078 13.55 -4.11 -45.81
C GLY A 1078 13.58 -3.16 -47.00
N ASP A 1079 12.44 -3.03 -47.65
CA ASP A 1079 12.32 -2.17 -48.82
C ASP A 1079 11.34 -1.04 -48.50
N ALA A 1080 11.87 0.16 -48.30
CA ALA A 1080 11.07 1.35 -48.03
C ALA A 1080 11.22 2.31 -49.20
N LYS A 1081 10.09 2.73 -49.77
CA LYS A 1081 10.12 3.60 -50.93
C LYS A 1081 10.29 5.07 -50.59
N VAL A 1082 10.34 5.41 -49.30
CA VAL A 1082 10.65 6.76 -48.87
C VAL A 1082 11.55 6.65 -47.66
N VAL A 1083 12.84 6.92 -47.83
CA VAL A 1083 13.82 6.73 -46.77
C VAL A 1083 14.29 8.11 -46.33
N ILE A 1084 14.08 8.43 -45.06
CA ILE A 1084 14.32 9.77 -44.54
C ILE A 1084 15.45 9.66 -43.53
N LEU A 1085 16.60 10.23 -43.87
CA LEU A 1085 17.79 10.20 -43.04
C LEU A 1085 18.05 11.57 -42.47
N ASP A 1086 18.19 11.65 -41.16
CA ASP A 1086 18.48 12.91 -40.47
C ASP A 1086 19.88 12.82 -39.87
N GLN A 1087 20.82 13.58 -40.45
CA GLN A 1087 22.23 13.51 -40.10
C GLN A 1087 22.70 12.06 -40.14
N PRO A 1088 22.77 11.44 -41.32
CA PRO A 1088 23.20 10.04 -41.36
C PRO A 1088 24.62 9.84 -40.84
N THR A 1089 25.51 10.82 -41.03
CA THR A 1089 26.89 10.74 -40.59
C THR A 1089 27.22 12.01 -39.81
N SER A 1090 26.96 12.00 -38.51
CA SER A 1090 27.36 13.08 -37.62
C SER A 1090 28.11 12.44 -36.46
N GLY A 1091 29.43 12.41 -36.56
CA GLY A 1091 30.24 11.67 -35.63
C GLY A 1091 30.83 10.40 -36.18
N VAL A 1092 31.09 10.34 -37.48
CA VAL A 1092 31.67 9.17 -38.15
C VAL A 1092 32.95 9.62 -38.83
N ASP A 1093 34.02 8.84 -38.65
CA ASP A 1093 35.33 9.24 -39.13
C ASP A 1093 35.36 9.31 -40.65
N PRO A 1094 36.35 9.99 -41.23
CA PRO A 1094 36.35 10.18 -42.69
C PRO A 1094 36.43 8.89 -43.49
N TYR A 1095 36.82 7.77 -42.89
CA TYR A 1095 36.86 6.54 -43.67
C TYR A 1095 35.55 5.78 -43.62
N SER A 1096 34.91 5.69 -42.46
CA SER A 1096 33.66 4.95 -42.39
C SER A 1096 32.53 5.68 -43.10
N ARG A 1097 32.73 6.92 -43.52
CA ARG A 1097 31.75 7.61 -44.34
C ARG A 1097 31.72 7.08 -45.77
N ARG A 1098 32.81 6.50 -46.27
CA ARG A 1098 32.76 5.91 -47.61
C ARG A 1098 31.84 4.71 -47.65
N SER A 1099 31.82 3.92 -46.57
CA SER A 1099 30.88 2.80 -46.51
C SER A 1099 29.45 3.30 -46.61
N ILE A 1100 29.12 4.36 -45.88
CA ILE A 1100 27.75 4.90 -45.93
C ILE A 1100 27.47 5.50 -47.30
N TRP A 1101 28.47 6.12 -47.93
CA TRP A 1101 28.25 6.68 -49.26
C TRP A 1101 27.90 5.59 -50.26
N ASP A 1102 28.65 4.48 -50.24
CA ASP A 1102 28.32 3.37 -51.13
C ASP A 1102 26.98 2.76 -50.76
N LEU A 1103 26.65 2.71 -49.46
CA LEU A 1103 25.37 2.18 -49.03
C LEU A 1103 24.22 2.99 -49.60
N LEU A 1104 24.33 4.32 -49.56
CA LEU A 1104 23.29 5.17 -50.13
C LEU A 1104 23.23 5.00 -51.65
N LEU A 1105 24.39 5.08 -52.31
CA LEU A 1105 24.40 5.03 -53.77
C LEU A 1105 23.95 3.68 -54.29
N LYS A 1106 23.96 2.64 -53.46
CA LYS A 1106 23.47 1.33 -53.88
C LYS A 1106 21.96 1.20 -53.74
N TYR A 1107 21.37 1.83 -52.73
CA TYR A 1107 19.93 1.77 -52.46
C TYR A 1107 19.22 3.01 -52.95
N ARG A 1108 19.59 3.52 -54.12
CA ARG A 1108 18.97 4.70 -54.67
C ARG A 1108 18.13 4.41 -55.90
N SER A 1109 17.86 3.14 -56.20
CA SER A 1109 17.18 2.79 -57.43
C SER A 1109 15.77 3.39 -57.49
N GLY A 1110 15.01 3.28 -56.40
CA GLY A 1110 13.66 3.81 -56.40
C GLY A 1110 13.14 4.43 -55.12
N ARG A 1111 14.01 5.01 -54.27
CA ARG A 1111 13.63 5.21 -52.89
C ARG A 1111 13.43 6.66 -52.44
N THR A 1112 13.73 7.66 -53.27
CA THR A 1112 13.56 9.07 -52.90
C THR A 1112 14.25 9.39 -51.57
N ILE A 1113 15.53 9.02 -51.45
CA ILE A 1113 16.24 9.26 -50.22
C ILE A 1113 16.31 10.76 -49.92
N ILE A 1114 16.18 11.11 -48.65
CA ILE A 1114 16.17 12.50 -48.20
C ILE A 1114 17.15 12.67 -47.05
N MET A 1115 18.38 13.08 -47.34
CA MET A 1115 19.44 13.16 -46.35
C MET A 1115 19.65 14.60 -45.93
N SER A 1116 19.78 14.83 -44.63
CA SER A 1116 19.94 16.16 -44.05
C SER A 1116 21.31 16.24 -43.39
N THR A 1117 22.30 16.74 -44.13
CA THR A 1117 23.69 16.64 -43.73
C THR A 1117 24.27 18.01 -43.45
N HIS A 1118 25.38 18.01 -42.71
CA HIS A 1118 26.14 19.22 -42.43
C HIS A 1118 27.56 19.17 -42.98
N HIS A 1119 27.93 18.11 -43.67
CA HIS A 1119 29.22 18.00 -44.32
C HIS A 1119 29.02 18.31 -45.81
N MET A 1120 29.64 19.39 -46.28
CA MET A 1120 29.32 19.89 -47.61
C MET A 1120 29.89 19.03 -48.73
N ASP A 1121 31.06 18.42 -48.54
CA ASP A 1121 31.58 17.51 -49.56
C ASP A 1121 30.64 16.32 -49.73
N GLU A 1122 30.10 15.82 -48.62
CA GLU A 1122 29.08 14.77 -48.70
C GLU A 1122 27.89 15.20 -49.54
N ALA A 1123 27.38 16.41 -49.31
CA ALA A 1123 26.18 16.85 -50.02
C ALA A 1123 26.48 17.16 -51.48
N ASP A 1124 27.72 17.53 -51.80
CA ASP A 1124 28.06 17.78 -53.19
C ASP A 1124 28.23 16.47 -53.94
N LEU A 1125 28.87 15.47 -53.32
CA LEU A 1125 29.06 14.19 -54.00
C LEU A 1125 27.75 13.44 -54.14
N LEU A 1126 27.09 13.18 -53.00
CA LEU A 1126 25.92 12.27 -52.94
C LEU A 1126 24.68 12.99 -53.46
N GLY A 1127 24.45 14.23 -53.00
CA GLY A 1127 23.20 14.93 -53.37
C GLY A 1127 23.07 15.12 -54.86
N ASP A 1128 21.87 14.89 -55.39
CA ASP A 1128 21.60 15.06 -56.85
C ASP A 1128 20.63 16.24 -57.00
N ARG A 1129 20.20 16.80 -55.88
CA ARG A 1129 19.45 18.05 -55.84
C ARG A 1129 19.44 18.56 -54.42
N ILE A 1130 19.97 19.75 -54.17
CA ILE A 1130 20.09 20.26 -52.80
C ILE A 1130 19.13 21.42 -52.63
N ALA A 1131 18.65 21.62 -51.41
CA ALA A 1131 17.68 22.65 -51.09
C ALA A 1131 18.05 23.25 -49.74
N ILE A 1132 18.40 24.53 -49.75
CA ILE A 1132 18.85 25.23 -48.55
C ILE A 1132 17.67 25.97 -47.93
N ILE A 1133 17.49 25.80 -46.63
CA ILE A 1133 16.45 26.53 -45.89
C ILE A 1133 17.13 27.50 -44.95
N ALA A 1134 16.41 28.55 -44.60
CA ALA A 1134 16.94 29.58 -43.73
C ALA A 1134 15.80 30.26 -43.00
N GLN A 1135 15.83 30.22 -41.67
CA GLN A 1135 14.80 30.80 -40.80
C GLN A 1135 13.43 30.15 -41.02
N GLY A 1136 13.40 28.98 -41.63
CA GLY A 1136 12.16 28.26 -41.82
C GLY A 1136 11.76 28.08 -43.26
N ARG A 1137 11.89 29.13 -44.06
CA ARG A 1137 11.44 29.12 -45.44
C ARG A 1137 12.55 28.64 -46.37
N LEU A 1138 12.16 28.11 -47.52
CA LEU A 1138 13.13 27.68 -48.51
C LEU A 1138 13.82 28.88 -49.15
N TYR A 1139 15.14 28.83 -49.26
CA TYR A 1139 15.92 29.91 -49.85
C TYR A 1139 16.28 29.65 -51.30
N CYS A 1140 16.97 28.54 -51.57
CA CYS A 1140 17.38 28.20 -52.92
C CYS A 1140 17.40 26.68 -53.06
N SER A 1141 17.16 26.21 -54.27
CA SER A 1141 17.12 24.77 -54.50
C SER A 1141 17.34 24.48 -55.98
N GLY A 1142 18.01 23.37 -56.24
CA GLY A 1142 18.26 22.96 -57.60
C GLY A 1142 19.48 22.06 -57.66
N THR A 1143 19.80 21.64 -58.88
CA THR A 1143 20.98 20.83 -59.10
C THR A 1143 22.22 21.63 -58.70
N PRO A 1144 23.19 21.02 -58.02
CA PRO A 1144 24.33 21.80 -57.50
C PRO A 1144 25.09 22.55 -58.57
N LEU A 1145 25.16 22.01 -59.79
CA LEU A 1145 25.74 22.75 -60.89
C LEU A 1145 24.96 24.04 -61.16
N PHE A 1146 23.64 23.96 -61.15
CA PHE A 1146 22.82 25.15 -61.34
C PHE A 1146 23.05 26.15 -60.22
N LEU A 1147 23.16 25.68 -58.96
CA LEU A 1147 23.38 26.60 -57.86
C LEU A 1147 24.73 27.30 -57.99
N LYS A 1148 25.78 26.56 -58.31
CA LYS A 1148 27.07 27.19 -58.51
C LYS A 1148 27.07 28.14 -59.69
N ASN A 1149 26.24 27.89 -60.70
CA ASN A 1149 26.11 28.85 -61.79
C ASN A 1149 25.33 30.09 -61.35
N CYS A 1150 24.39 29.94 -60.41
CA CYS A 1150 23.62 31.09 -59.96
C CYS A 1150 24.45 32.01 -59.08
N PHE A 1151 24.94 31.50 -57.96
CA PHE A 1151 25.82 32.27 -57.11
C PHE A 1151 27.21 32.34 -57.73
N GLY A 1152 28.10 33.09 -57.08
CA GLY A 1152 29.41 33.32 -57.65
C GLY A 1152 30.30 32.09 -57.68
N THR A 1153 30.57 31.59 -58.88
CA THR A 1153 31.51 30.48 -59.04
C THR A 1153 32.92 31.03 -59.14
N GLY A 1154 33.89 30.28 -58.61
CA GLY A 1154 35.27 30.71 -58.61
C GLY A 1154 36.20 29.54 -58.35
N LEU A 1155 37.48 29.83 -58.42
CA LEU A 1155 38.52 28.84 -58.20
C LEU A 1155 39.28 29.20 -56.93
N TYR A 1156 39.23 28.32 -55.93
CA TYR A 1156 39.79 28.59 -54.61
C TYR A 1156 41.08 27.82 -54.43
N LEU A 1157 42.13 28.49 -53.98
CA LEU A 1157 43.36 27.83 -53.58
C LEU A 1157 43.55 28.04 -52.09
N THR A 1158 43.70 26.95 -51.35
CA THR A 1158 43.67 26.98 -49.89
C THR A 1158 45.05 26.63 -49.36
N LEU A 1159 45.88 27.66 -49.20
CA LEU A 1159 47.31 27.50 -48.79
C LEU A 1159 47.43 27.61 -47.27
N VAL A 1160 47.90 26.55 -46.61
CA VAL A 1160 48.11 26.57 -45.12
C VAL A 1160 49.47 27.21 -44.80
N ARG A 1161 49.77 27.41 -43.51
CA ARG A 1161 51.09 27.98 -43.09
C ARG A 1161 51.59 27.22 -41.86
N LYS A 1162 52.90 26.94 -41.79
CA LYS A 1162 53.45 26.20 -40.65
C LYS A 1162 53.85 27.17 -39.55
N MET A 1163 54.53 26.66 -38.52
CA MET A 1163 54.90 27.44 -37.35
C MET A 1163 56.35 27.16 -36.98
N LYS A 1164 57.01 28.16 -36.42
CA LYS A 1164 58.37 27.99 -35.92
C LYS A 1164 58.46 28.41 -34.45
N GLN A 1199 56.98 28.89 -31.38
CA GLN A 1199 55.68 28.74 -32.01
C GLN A 1199 54.98 30.09 -32.15
N VAL A 1200 55.31 30.79 -33.23
CA VAL A 1200 54.42 31.79 -33.88
C VAL A 1200 54.18 31.27 -35.30
N LEU A 1201 52.99 31.47 -35.86
CA LEU A 1201 52.72 30.88 -37.20
C LEU A 1201 53.76 31.45 -38.17
N ASP A 1202 54.46 30.59 -38.92
CA ASP A 1202 55.54 31.08 -39.81
C ASP A 1202 54.95 31.85 -40.99
N GLY A 1203 55.70 32.81 -41.52
CA GLY A 1203 55.23 33.60 -42.69
C GLY A 1203 54.34 34.77 -42.30
N ASP A 1204 53.96 35.59 -43.28
CA ASP A 1204 53.06 36.74 -43.00
C ASP A 1204 52.05 36.87 -44.14
N VAL A 1205 50.90 37.48 -43.89
CA VAL A 1205 49.84 37.57 -44.93
C VAL A 1205 50.09 38.78 -45.82
N ASN A 1206 51.15 39.55 -45.55
CA ASN A 1206 51.49 40.67 -46.43
C ASN A 1206 52.20 40.21 -47.69
N GLU A 1207 53.27 39.41 -47.56
CA GLU A 1207 54.02 39.03 -48.75
C GLU A 1207 53.25 38.01 -49.59
N LEU A 1208 52.51 37.11 -48.94
CA LEU A 1208 51.66 36.19 -49.68
C LEU A 1208 50.61 36.95 -50.47
N MET A 1209 49.98 37.96 -49.85
CA MET A 1209 49.02 38.78 -50.55
C MET A 1209 49.67 39.49 -51.74
N ASP A 1210 50.86 40.03 -51.53
CA ASP A 1210 51.55 40.72 -52.63
C ASP A 1210 51.85 39.76 -53.78
N VAL A 1211 52.28 38.54 -53.45
CA VAL A 1211 52.58 37.56 -54.50
C VAL A 1211 51.33 37.22 -55.29
N VAL A 1212 50.23 36.93 -54.59
CA VAL A 1212 49.01 36.52 -55.28
C VAL A 1212 48.48 37.63 -56.18
N LEU A 1213 48.44 38.87 -55.66
CA LEU A 1213 48.01 39.97 -56.52
C LEU A 1213 49.01 40.29 -57.63
N HIS A 1214 50.29 39.95 -57.45
CA HIS A 1214 51.23 40.13 -58.55
C HIS A 1214 50.96 39.15 -59.68
N HIS A 1215 50.78 37.87 -59.35
CA HIS A 1215 50.55 36.89 -60.40
C HIS A 1215 49.14 36.95 -60.96
N VAL A 1216 48.17 37.40 -60.17
CA VAL A 1216 46.81 37.64 -60.68
C VAL A 1216 46.24 38.86 -59.97
N PRO A 1217 45.98 39.95 -60.71
CA PRO A 1217 45.63 41.22 -60.03
C PRO A 1217 44.28 41.20 -59.34
N GLU A 1218 43.28 40.51 -59.88
CA GLU A 1218 42.01 40.37 -59.17
C GLU A 1218 42.08 39.12 -58.31
N ALA A 1219 42.20 39.31 -56.99
CA ALA A 1219 42.22 38.19 -56.06
C ALA A 1219 41.76 38.70 -54.71
N LYS A 1220 40.76 38.03 -54.13
CA LYS A 1220 40.18 38.43 -52.86
C LYS A 1220 40.48 37.37 -51.82
N LEU A 1221 40.89 37.80 -50.63
CA LEU A 1221 41.18 36.89 -49.53
C LEU A 1221 39.86 36.62 -48.81
N VAL A 1222 39.47 35.35 -48.74
CA VAL A 1222 38.17 35.00 -48.16
C VAL A 1222 38.30 34.76 -46.66
N GLU A 1223 39.18 33.84 -46.26
CA GLU A 1223 39.28 33.45 -44.86
C GLU A 1223 40.74 33.42 -44.44
N CYS A 1224 40.97 33.62 -43.14
CA CYS A 1224 42.34 33.55 -42.56
C CYS A 1224 42.24 33.13 -41.11
N ILE A 1225 41.59 31.99 -40.84
CA ILE A 1225 41.39 31.54 -39.43
C ILE A 1225 42.42 30.47 -39.09
N GLY A 1226 43.36 30.77 -38.19
CA GLY A 1226 44.31 29.75 -37.72
C GLY A 1226 45.04 28.98 -38.81
N GLN A 1227 45.80 29.64 -39.69
CA GLN A 1227 46.66 28.92 -40.69
C GLN A 1227 45.90 28.45 -41.93
N GLU A 1228 44.65 28.88 -42.13
CA GLU A 1228 43.87 28.38 -43.29
C GLU A 1228 44.11 29.26 -44.51
N LEU A 1229 43.85 30.56 -44.40
CA LEU A 1229 44.23 31.57 -45.39
C LEU A 1229 43.82 31.13 -46.80
N ILE A 1230 42.50 31.06 -47.00
CA ILE A 1230 41.95 30.64 -48.28
C ILE A 1230 41.82 31.84 -49.21
N PHE A 1231 42.27 31.69 -50.45
CA PHE A 1231 42.22 32.75 -51.44
C PHE A 1231 41.09 32.45 -52.43
N LEU A 1232 40.72 33.45 -53.22
CA LEU A 1232 39.70 33.30 -54.26
C LEU A 1232 40.21 33.94 -55.53
N LEU A 1233 40.15 33.21 -56.63
CA LEU A 1233 40.59 33.68 -57.92
C LEU A 1233 39.46 33.59 -58.95
N PRO A 1234 39.41 34.51 -59.91
CA PRO A 1234 38.36 34.43 -60.93
C PRO A 1234 38.52 33.21 -61.81
N ASN A 1235 37.39 32.70 -62.28
CA ASN A 1235 37.36 31.50 -63.09
C ASN A 1235 37.14 31.78 -64.57
N LYS A 1236 36.52 32.91 -64.91
CA LYS A 1236 36.18 33.24 -66.29
C LYS A 1236 37.20 34.22 -66.87
N ASN A 1237 37.60 33.99 -68.12
CA ASN A 1237 38.48 34.88 -68.85
C ASN A 1237 39.82 35.08 -68.11
N PHE A 1238 40.53 33.98 -67.94
CA PHE A 1238 41.86 33.98 -67.35
C PHE A 1238 42.90 33.58 -68.38
N LYS A 1239 44.16 33.89 -68.08
CA LYS A 1239 45.22 33.87 -69.07
C LYS A 1239 45.72 32.48 -69.41
N HIS A 1240 45.36 31.45 -68.63
CA HIS A 1240 45.83 30.08 -68.76
C HIS A 1240 47.31 29.97 -68.42
N ARG A 1241 48.00 31.08 -68.20
CA ARG A 1241 49.43 31.11 -67.95
C ARG A 1241 49.81 31.84 -66.68
N ALA A 1242 49.08 32.90 -66.32
CA ALA A 1242 49.35 33.57 -65.05
C ALA A 1242 49.11 32.63 -63.88
N TYR A 1243 48.03 31.86 -63.92
CA TYR A 1243 47.79 30.90 -62.84
C TYR A 1243 48.90 29.86 -62.78
N ALA A 1244 49.34 29.35 -63.93
CA ALA A 1244 50.39 28.34 -63.94
C ALA A 1244 51.68 28.91 -63.35
N SER A 1245 52.01 30.15 -63.71
CA SER A 1245 53.18 30.79 -63.12
C SER A 1245 53.01 30.96 -61.62
N LEU A 1246 51.81 31.30 -61.16
CA LEU A 1246 51.57 31.44 -59.73
C LEU A 1246 51.81 30.12 -59.01
N PHE A 1247 51.32 29.02 -59.56
CA PHE A 1247 51.49 27.74 -58.88
C PHE A 1247 52.93 27.27 -58.94
N ARG A 1248 53.63 27.56 -60.05
CA ARG A 1248 55.06 27.28 -60.10
C ARG A 1248 55.81 28.06 -59.02
N GLU A 1249 55.48 29.34 -58.85
CA GLU A 1249 56.16 30.15 -57.85
C GLU A 1249 55.87 29.68 -56.44
N LEU A 1250 54.62 29.30 -56.15
CA LEU A 1250 54.31 28.77 -54.84
C LEU A 1250 55.01 27.44 -54.58
N GLU A 1251 55.09 26.58 -55.59
CA GLU A 1251 55.72 25.28 -55.37
C GLU A 1251 57.23 25.40 -55.21
N GLU A 1252 57.89 26.24 -56.01
CA GLU A 1252 59.34 26.30 -55.93
C GLU A 1252 59.83 27.01 -54.68
N THR A 1253 59.01 27.89 -54.09
CA THR A 1253 59.29 28.52 -52.81
C THR A 1253 58.15 28.18 -51.86
N LEU A 1254 58.22 27.01 -51.23
CA LEU A 1254 57.23 26.57 -50.27
C LEU A 1254 57.70 26.71 -48.83
N ALA A 1255 58.98 27.02 -48.62
CA ALA A 1255 59.53 27.20 -47.29
C ALA A 1255 59.93 28.64 -46.98
N ASP A 1256 60.31 29.41 -48.00
CA ASP A 1256 60.60 30.82 -47.77
C ASP A 1256 59.37 31.57 -47.28
N LEU A 1257 58.19 31.06 -47.59
CA LEU A 1257 56.95 31.63 -47.10
C LEU A 1257 56.36 30.85 -45.93
N GLY A 1258 56.93 29.70 -45.59
CA GLY A 1258 56.41 28.88 -44.51
C GLY A 1258 55.08 28.24 -44.80
N LEU A 1259 54.85 27.76 -46.02
CA LEU A 1259 53.51 27.39 -46.45
C LEU A 1259 53.18 25.95 -46.05
N SER A 1260 54.00 24.99 -46.52
CA SER A 1260 53.90 23.56 -46.22
C SER A 1260 52.77 22.85 -46.95
N SER A 1261 51.90 23.59 -47.64
CA SER A 1261 50.84 22.97 -48.44
C SER A 1261 50.08 24.04 -49.19
N PHE A 1262 49.48 23.63 -50.31
CA PHE A 1262 48.55 24.46 -51.06
C PHE A 1262 47.81 23.59 -52.07
N GLY A 1263 46.49 23.68 -52.09
CA GLY A 1263 45.68 22.87 -52.99
C GLY A 1263 44.54 23.66 -53.58
N ILE A 1264 44.51 23.76 -54.91
CA ILE A 1264 43.48 24.49 -55.63
C ILE A 1264 42.21 23.68 -55.59
N SER A 1265 41.10 24.29 -55.96
CA SER A 1265 39.81 23.61 -56.00
C SER A 1265 38.83 24.43 -56.80
N ASP A 1266 38.09 23.78 -57.68
CA ASP A 1266 36.95 24.44 -58.29
C ASP A 1266 35.88 24.67 -57.23
N THR A 1267 34.97 25.59 -57.51
CA THR A 1267 34.02 26.12 -56.53
C THR A 1267 33.37 25.01 -55.73
N PRO A 1268 33.65 24.92 -54.43
CA PRO A 1268 33.00 23.90 -53.61
C PRO A 1268 31.62 24.36 -53.18
N LEU A 1269 30.84 23.44 -52.58
CA LEU A 1269 29.51 23.81 -52.11
C LEU A 1269 29.56 24.63 -50.83
N GLU A 1270 30.64 24.48 -50.05
CA GLU A 1270 30.71 25.15 -48.75
C GLU A 1270 30.74 26.66 -48.91
N GLU A 1271 31.46 27.16 -49.91
CA GLU A 1271 31.52 28.61 -50.12
C GLU A 1271 30.15 29.16 -50.54
N ILE A 1272 29.43 28.40 -51.37
CA ILE A 1272 28.07 28.80 -51.72
C ILE A 1272 27.21 28.86 -50.47
N PHE A 1273 27.35 27.89 -49.58
CA PHE A 1273 26.51 27.86 -48.40
C PHE A 1273 26.86 29.04 -47.49
N LEU A 1274 28.14 29.37 -47.37
CA LEU A 1274 28.53 30.54 -46.59
C LEU A 1274 27.97 31.82 -47.18
N LYS A 1275 27.99 31.94 -48.51
CA LYS A 1275 27.40 33.11 -49.16
C LYS A 1275 25.90 33.20 -48.85
N VAL A 1276 25.20 32.06 -48.91
CA VAL A 1276 23.78 32.04 -48.59
C VAL A 1276 23.54 32.48 -47.15
N THR A 1277 24.34 31.94 -46.22
CA THR A 1277 24.17 32.28 -44.81
C THR A 1277 24.41 33.77 -44.57
N GLU A 1278 25.43 34.34 -45.20
CA GLU A 1278 25.68 35.76 -45.03
C GLU A 1278 24.55 36.59 -45.64
N ASP A 1279 24.06 36.18 -46.82
CA ASP A 1279 23.05 36.96 -47.52
C ASP A 1279 21.62 36.65 -47.09
N SER A 1280 21.42 35.67 -46.22
CA SER A 1280 20.09 35.34 -45.75
C SER A 1280 19.49 36.47 -44.91
N PRO A 1342 41.11 36.86 -9.32
CA PRO A 1342 39.71 37.05 -9.71
C PRO A 1342 38.77 36.05 -9.04
N GLN A 1343 39.11 34.76 -9.11
CA GLN A 1343 38.26 33.73 -8.53
C GLN A 1343 38.10 33.95 -7.04
N LEU A 1344 36.89 33.70 -6.54
CA LEU A 1344 36.62 33.86 -5.13
C LEU A 1344 37.40 32.83 -4.31
N ASN A 1345 37.99 33.27 -3.21
CA ASN A 1345 38.84 32.40 -2.41
C ASN A 1345 38.02 31.27 -1.79
N THR A 1346 38.73 30.23 -1.37
CA THR A 1346 38.08 29.07 -0.77
C THR A 1346 37.58 29.42 0.62
N GLY A 1347 36.96 28.43 1.27
CA GLY A 1347 36.45 28.63 2.61
C GLY A 1347 34.97 28.96 2.60
N THR A 1348 34.55 29.83 3.52
CA THR A 1348 33.13 30.12 3.68
C THR A 1348 32.54 30.76 2.42
N GLN A 1349 33.27 31.65 1.77
CA GLN A 1349 32.72 32.36 0.62
C GLN A 1349 32.35 31.41 -0.50
N LEU A 1350 33.26 30.51 -0.86
CA LEU A 1350 33.00 29.60 -1.97
C LEU A 1350 31.90 28.60 -1.63
N VAL A 1351 31.84 28.14 -0.38
CA VAL A 1351 30.79 27.19 0.00
C VAL A 1351 29.43 27.88 -0.04
N LEU A 1352 29.36 29.13 0.43
CA LEU A 1352 28.10 29.86 0.34
C LEU A 1352 27.70 30.06 -1.11
N GLN A 1353 28.65 30.39 -1.98
CA GLN A 1353 28.32 30.53 -3.40
C GLN A 1353 27.82 29.22 -4.00
N HIS A 1354 28.44 28.11 -3.64
CA HIS A 1354 27.99 26.82 -4.17
C HIS A 1354 26.59 26.50 -3.70
N VAL A 1355 26.30 26.72 -2.42
CA VAL A 1355 24.98 26.43 -1.89
C VAL A 1355 23.94 27.30 -2.57
N GLN A 1356 24.24 28.59 -2.72
CA GLN A 1356 23.31 29.50 -3.40
C GLN A 1356 23.05 29.07 -4.83
N ALA A 1357 24.11 28.72 -5.57
CA ALA A 1357 23.95 28.34 -6.96
C ALA A 1357 23.11 27.07 -7.10
N LEU A 1358 23.40 26.07 -6.26
CA LEU A 1358 22.65 24.81 -6.36
C LEU A 1358 21.19 24.99 -5.96
N LEU A 1359 20.93 25.80 -4.92
CA LEU A 1359 19.54 26.05 -4.54
C LEU A 1359 18.78 26.80 -5.63
N VAL A 1360 19.41 27.80 -6.24
CA VAL A 1360 18.74 28.54 -7.31
C VAL A 1360 18.49 27.63 -8.50
N LYS A 1361 19.43 26.74 -8.80
CA LYS A 1361 19.22 25.80 -9.90
C LYS A 1361 18.05 24.87 -9.63
N ARG A 1362 17.97 24.32 -8.41
CA ARG A 1362 16.87 23.44 -8.08
C ARG A 1362 15.53 24.17 -8.16
N PHE A 1363 15.49 25.39 -7.63
CA PHE A 1363 14.27 26.18 -7.66
C PHE A 1363 13.84 26.49 -9.09
N GLN A 1364 14.78 26.90 -9.93
CA GLN A 1364 14.47 27.25 -11.31
C GLN A 1364 14.06 26.04 -12.13
N HIS A 1365 14.54 24.85 -11.77
CA HIS A 1365 14.04 23.63 -12.41
C HIS A 1365 12.64 23.30 -11.93
N THR A 1366 12.35 23.54 -10.65
CA THR A 1366 11.06 23.15 -10.09
C THR A 1366 9.93 24.04 -10.61
N ILE A 1367 10.16 25.35 -10.63
CA ILE A 1367 9.10 26.30 -10.94
C ILE A 1367 8.57 26.14 -12.36
N ARG A 1368 9.37 25.62 -13.28
CA ARG A 1368 8.92 25.45 -14.65
C ARG A 1368 8.15 24.16 -14.88
N SER A 1369 8.50 23.08 -14.18
CA SER A 1369 7.74 21.83 -14.25
C SER A 1369 6.83 21.76 -13.04
N HIS A 1370 5.74 22.53 -13.07
CA HIS A 1370 4.86 22.60 -11.91
C HIS A 1370 3.98 21.36 -11.79
N LYS A 1371 3.66 20.70 -12.91
CA LYS A 1371 2.84 19.50 -12.85
C LYS A 1371 3.50 18.42 -12.01
N ASP A 1372 4.79 18.21 -12.21
CA ASP A 1372 5.51 17.21 -11.42
C ASP A 1372 5.54 17.58 -9.95
N PHE A 1373 5.77 18.86 -9.64
CA PHE A 1373 5.79 19.27 -8.24
C PHE A 1373 4.45 19.01 -7.58
N LEU A 1374 3.36 19.38 -8.26
CA LEU A 1374 2.04 19.12 -7.69
C LEU A 1374 1.82 17.64 -7.49
N ALA A 1375 2.02 16.83 -8.53
CA ALA A 1375 1.72 15.42 -8.44
C ALA A 1375 2.65 14.66 -7.50
N GLN A 1376 3.77 15.24 -7.09
CA GLN A 1376 4.63 14.55 -6.14
C GLN A 1376 4.61 15.13 -4.73
N ILE A 1377 4.05 16.32 -4.53
CA ILE A 1377 4.01 16.95 -3.21
C ILE A 1377 2.58 17.10 -2.71
N VAL A 1378 1.70 17.71 -3.52
CA VAL A 1378 0.37 18.05 -3.05
C VAL A 1378 -0.63 16.91 -3.20
N LEU A 1379 -0.47 16.06 -4.20
CA LEU A 1379 -1.42 14.98 -4.45
C LEU A 1379 -1.57 14.02 -3.26
N PRO A 1380 -0.47 13.59 -2.61
CA PRO A 1380 -0.67 12.73 -1.42
C PRO A 1380 -1.46 13.41 -0.31
N ALA A 1381 -1.29 14.71 -0.10
CA ALA A 1381 -2.12 15.41 0.85
C ALA A 1381 -3.58 15.38 0.44
N THR A 1382 -3.85 15.51 -0.85
CA THR A 1382 -5.23 15.38 -1.34
C THR A 1382 -5.76 13.97 -1.10
N PHE A 1383 -4.92 12.95 -1.24
CA PHE A 1383 -5.37 11.59 -0.94
C PHE A 1383 -5.76 11.44 0.53
N VAL A 1384 -4.94 11.99 1.43
CA VAL A 1384 -5.28 11.95 2.85
C VAL A 1384 -6.60 12.68 3.09
N PHE A 1385 -6.77 13.85 2.44
CA PHE A 1385 -7.99 14.61 2.63
C PHE A 1385 -9.22 13.84 2.14
N LEU A 1386 -9.08 13.13 1.03
CA LEU A 1386 -10.19 12.32 0.53
C LEU A 1386 -10.50 11.17 1.47
N ALA A 1387 -9.47 10.53 2.02
CA ALA A 1387 -9.71 9.47 3.00
C ALA A 1387 -10.46 10.02 4.21
N LEU A 1388 -10.05 11.19 4.69
CA LEU A 1388 -10.75 11.80 5.82
C LEU A 1388 -12.19 12.16 5.47
N MET A 1389 -12.42 12.68 4.26
CA MET A 1389 -13.78 13.02 3.86
C MET A 1389 -14.67 11.81 3.78
N LEU A 1390 -14.14 10.67 3.32
CA LEU A 1390 -14.93 9.43 3.41
C LEU A 1390 -15.10 8.98 4.84
N SER A 1391 -14.15 9.30 5.72
CA SER A 1391 -14.24 8.89 7.11
C SER A 1391 -15.44 9.50 7.83
N ILE A 1392 -15.91 10.67 7.40
CA ILE A 1392 -17.02 11.33 8.10
C ILE A 1392 -18.38 10.95 7.54
N VAL A 1393 -18.43 10.14 6.49
CA VAL A 1393 -19.71 9.70 5.93
C VAL A 1393 -20.04 8.38 6.64
N ILE A 1394 -20.76 8.49 7.75
CA ILE A 1394 -21.19 7.34 8.54
C ILE A 1394 -22.68 7.50 8.84
N PRO A 1395 -23.44 6.43 8.98
CA PRO A 1395 -24.88 6.56 9.18
C PRO A 1395 -25.19 7.33 10.45
N PRO A 1396 -26.20 8.19 10.43
CA PRO A 1396 -26.56 8.92 11.64
C PRO A 1396 -27.15 7.98 12.69
N PHE A 1397 -26.93 8.34 13.95
CA PHE A 1397 -27.42 7.49 15.05
C PHE A 1397 -28.91 7.65 15.21
N GLY A 1398 -29.66 6.59 14.96
CA GLY A 1398 -31.09 6.56 15.16
C GLY A 1398 -31.44 5.95 16.51
N GLU A 1399 -32.56 6.38 17.07
CA GLU A 1399 -32.98 5.90 18.37
C GLU A 1399 -33.42 4.45 18.29
N TYR A 1400 -33.42 3.78 19.44
CA TYR A 1400 -33.75 2.37 19.60
C TYR A 1400 -35.27 2.19 19.70
N PRO A 1401 -35.81 1.21 18.99
CA PRO A 1401 -37.27 1.04 18.94
C PRO A 1401 -37.85 0.36 20.17
N ALA A 1402 -39.13 -0.03 20.07
CA ALA A 1402 -39.90 -0.61 21.20
C ALA A 1402 -39.50 -2.07 21.45
N LEU A 1403 -39.46 -2.90 20.41
CA LEU A 1403 -39.01 -4.32 20.55
C LEU A 1403 -39.84 -5.08 21.60
N THR A 1404 -41.15 -5.21 21.41
CA THR A 1404 -41.95 -6.04 22.35
C THR A 1404 -41.32 -7.43 22.37
N LEU A 1405 -41.10 -8.01 23.55
CA LEU A 1405 -40.40 -9.32 23.65
C LEU A 1405 -41.41 -10.46 23.63
N HIS A 1406 -41.35 -11.29 22.58
CA HIS A 1406 -42.11 -12.53 22.49
C HIS A 1406 -41.28 -13.54 21.72
N PRO A 1407 -41.49 -14.85 21.94
CA PRO A 1407 -40.65 -15.85 21.27
C PRO A 1407 -40.77 -15.86 19.75
N TRP A 1408 -41.93 -15.49 19.18
CA TRP A 1408 -42.15 -15.58 17.74
C TRP A 1408 -41.40 -14.53 16.95
N ILE A 1409 -40.48 -13.80 17.58
CA ILE A 1409 -39.66 -12.85 16.84
C ILE A 1409 -38.89 -13.55 15.74
N TYR A 1410 -38.26 -14.67 16.08
CA TYR A 1410 -37.41 -15.39 15.12
C TYR A 1410 -38.20 -16.19 14.11
N GLY A 1411 -39.33 -16.75 14.50
CA GLY A 1411 -40.26 -17.36 13.57
C GLY A 1411 -39.86 -18.74 13.09
N GLN A 1412 -40.86 -19.62 12.97
CA GLN A 1412 -40.70 -20.97 12.42
C GLN A 1412 -39.57 -21.72 13.13
N GLN A 1413 -39.83 -22.00 14.41
CA GLN A 1413 -38.84 -22.56 15.30
C GLN A 1413 -39.37 -23.84 15.94
N TYR A 1414 -38.46 -24.54 16.63
CA TYR A 1414 -38.78 -25.72 17.41
C TYR A 1414 -38.77 -25.37 18.90
N THR A 1415 -39.81 -25.80 19.61
CA THR A 1415 -39.84 -25.67 21.05
C THR A 1415 -40.33 -26.98 21.65
N PHE A 1416 -39.96 -27.23 22.90
CA PHE A 1416 -40.27 -28.49 23.55
C PHE A 1416 -40.74 -28.22 24.97
N PHE A 1417 -41.52 -29.16 25.50
CA PHE A 1417 -41.88 -29.08 26.91
C PHE A 1417 -41.81 -30.48 27.49
N SER A 1418 -41.60 -30.56 28.80
CA SER A 1418 -41.40 -31.83 29.48
C SER A 1418 -42.16 -31.79 30.80
N MET A 1419 -43.25 -32.55 30.89
CA MET A 1419 -44.07 -32.57 32.09
C MET A 1419 -43.47 -33.57 33.08
N ASP A 1420 -42.82 -33.07 34.10
CA ASP A 1420 -42.31 -33.88 35.20
C ASP A 1420 -43.18 -33.68 36.44
N GLU A 1421 -43.13 -34.65 37.34
CA GLU A 1421 -44.01 -34.69 38.51
C GLU A 1421 -45.45 -34.66 38.00
N PRO A 1422 -45.94 -35.74 37.41
CA PRO A 1422 -47.30 -35.74 36.84
C PRO A 1422 -48.39 -36.08 37.84
N GLY A 1423 -48.06 -36.32 39.11
CA GLY A 1423 -49.08 -36.67 40.09
C GLY A 1423 -49.89 -35.50 40.60
N SER A 1424 -49.31 -34.30 40.59
CA SER A 1424 -50.02 -33.14 41.10
C SER A 1424 -51.15 -32.73 40.17
N GLU A 1425 -52.10 -31.98 40.72
CA GLU A 1425 -53.23 -31.49 39.93
C GLU A 1425 -52.94 -30.10 39.36
N GLN A 1426 -52.36 -29.22 40.18
CA GLN A 1426 -52.04 -27.88 39.71
C GLN A 1426 -51.08 -27.93 38.54
N PHE A 1427 -50.12 -28.85 38.58
CA PHE A 1427 -49.21 -28.96 37.44
C PHE A 1427 -49.91 -29.55 36.23
N THR A 1428 -50.90 -30.42 36.42
CA THR A 1428 -51.68 -30.91 35.30
C THR A 1428 -52.40 -29.76 34.60
N VAL A 1429 -53.08 -28.91 35.38
CA VAL A 1429 -53.80 -27.81 34.74
C VAL A 1429 -52.83 -26.78 34.18
N LEU A 1430 -51.65 -26.64 34.79
CA LEU A 1430 -50.64 -25.74 34.23
C LEU A 1430 -50.16 -26.24 32.87
N ALA A 1431 -49.89 -27.54 32.77
CA ALA A 1431 -49.49 -28.11 31.49
C ALA A 1431 -50.60 -27.96 30.46
N ASP A 1432 -51.86 -28.09 30.89
CA ASP A 1432 -52.97 -27.96 29.95
C ASP A 1432 -53.05 -26.52 29.44
N VAL A 1433 -53.04 -25.53 30.35
CA VAL A 1433 -53.13 -24.13 29.94
C VAL A 1433 -51.87 -23.61 29.28
N LEU A 1434 -50.79 -24.39 29.32
CA LEU A 1434 -49.62 -24.08 28.50
C LEU A 1434 -49.65 -24.79 27.16
N LEU A 1435 -50.42 -25.87 27.03
CA LEU A 1435 -50.41 -26.69 25.83
C LEU A 1435 -51.51 -26.31 24.84
N ASN A 1436 -52.77 -26.42 25.23
CA ASN A 1436 -53.88 -26.42 24.28
C ASN A 1436 -54.71 -25.15 24.29
N LYS A 1437 -55.32 -24.79 25.43
CA LYS A 1437 -56.41 -23.81 25.37
C LYS A 1437 -55.94 -22.41 25.00
N PRO A 1438 -54.99 -21.79 25.72
CA PRO A 1438 -54.53 -20.46 25.32
C PRO A 1438 -53.26 -20.42 24.49
N GLY A 1439 -52.68 -21.57 24.16
CA GLY A 1439 -51.47 -21.62 23.37
C GLY A 1439 -50.22 -21.50 24.21
N PHE A 1440 -49.07 -21.67 23.54
CA PHE A 1440 -47.79 -21.62 24.22
C PHE A 1440 -47.55 -20.25 24.83
N GLY A 1441 -47.45 -19.23 23.99
CA GLY A 1441 -47.13 -17.88 24.41
C GLY A 1441 -48.36 -17.00 24.48
N ASN A 1442 -48.16 -15.71 24.24
CA ASN A 1442 -49.24 -14.73 24.31
C ASN A 1442 -50.05 -14.65 23.03
N ARG A 1443 -49.54 -15.16 21.92
CA ARG A 1443 -50.25 -15.08 20.65
C ARG A 1443 -51.54 -15.89 20.71
N CYS A 1444 -52.53 -15.46 19.93
CA CYS A 1444 -53.78 -16.19 19.75
C CYS A 1444 -54.56 -16.25 21.07
N LEU A 1445 -54.85 -15.08 21.61
CA LEU A 1445 -55.57 -14.97 22.88
C LEU A 1445 -57.00 -14.48 22.71
N LYS A 1446 -57.61 -14.80 21.58
CA LYS A 1446 -59.05 -14.65 21.30
C LYS A 1446 -59.50 -13.20 21.19
N GLU A 1447 -58.64 -12.23 21.52
CA GLU A 1447 -58.99 -10.82 21.36
C GLU A 1447 -58.16 -10.10 20.30
N GLY A 1448 -57.05 -10.68 19.84
CA GLY A 1448 -56.22 -10.00 18.88
C GLY A 1448 -54.92 -9.48 19.49
N TRP A 1449 -53.80 -9.73 18.81
CA TRP A 1449 -52.50 -9.33 19.34
C TRP A 1449 -51.52 -9.33 18.18
N LEU A 1450 -50.97 -8.16 17.86
CA LEU A 1450 -50.01 -8.01 16.77
C LEU A 1450 -50.57 -8.58 15.47
N PRO A 1451 -51.49 -7.87 14.80
CA PRO A 1451 -52.09 -8.39 13.56
C PRO A 1451 -51.07 -8.78 12.49
N GLU A 1452 -49.80 -8.42 12.68
CA GLU A 1452 -48.75 -8.93 11.80
C GLU A 1452 -48.64 -10.44 11.91
N TYR A 1453 -48.79 -10.99 13.12
CA TYR A 1453 -48.69 -12.42 13.34
C TYR A 1453 -50.09 -13.00 13.40
N PRO A 1454 -50.50 -13.82 12.44
CA PRO A 1454 -51.88 -14.31 12.42
C PRO A 1454 -52.11 -15.45 13.40
N CYS A 1455 -53.36 -15.87 13.49
CA CYS A 1455 -53.79 -16.97 14.34
C CYS A 1455 -54.09 -18.18 13.45
N GLY A 1456 -53.14 -19.09 13.34
CA GLY A 1456 -53.30 -20.26 12.50
C GLY A 1456 -54.09 -21.35 13.17
N ASN A 1457 -54.06 -22.54 12.55
CA ASN A 1457 -54.73 -23.72 13.08
C ASN A 1457 -53.70 -24.79 13.42
N SER A 1458 -54.12 -25.73 14.27
CA SER A 1458 -53.22 -26.71 14.86
C SER A 1458 -53.17 -27.99 14.03
N THR A 1459 -52.35 -28.93 14.47
CA THR A 1459 -52.11 -30.20 13.81
C THR A 1459 -52.19 -31.31 14.87
N PRO A 1460 -52.81 -32.44 14.55
CA PRO A 1460 -52.95 -33.50 15.55
C PRO A 1460 -51.60 -34.07 15.97
N TRP A 1461 -51.64 -34.79 17.08
CA TRP A 1461 -50.45 -35.40 17.67
C TRP A 1461 -49.86 -36.42 16.72
N LYS A 1462 -48.60 -36.21 16.32
CA LYS A 1462 -47.96 -37.04 15.31
C LYS A 1462 -46.55 -37.42 15.73
N THR A 1463 -46.19 -38.68 15.46
CA THR A 1463 -44.85 -39.17 15.74
C THR A 1463 -44.14 -39.44 14.42
N PRO A 1464 -42.96 -38.88 14.19
CA PRO A 1464 -42.30 -39.07 12.89
C PRO A 1464 -41.81 -40.49 12.71
N SER A 1465 -41.63 -40.87 11.44
CA SER A 1465 -41.15 -42.19 11.09
C SER A 1465 -39.64 -42.28 11.34
N VAL A 1466 -39.07 -43.46 11.05
CA VAL A 1466 -37.66 -43.72 11.28
C VAL A 1466 -37.26 -44.96 10.51
N SER A 1467 -35.98 -45.05 10.16
CA SER A 1467 -35.48 -46.22 9.45
C SER A 1467 -35.45 -47.44 10.38
N PRO A 1468 -35.73 -48.63 9.85
CA PRO A 1468 -35.65 -49.84 10.69
C PRO A 1468 -34.24 -50.13 11.18
N ASN A 1469 -33.23 -49.55 10.54
CA ASN A 1469 -31.86 -49.64 11.02
C ASN A 1469 -31.75 -49.10 12.44
N ILE A 1470 -32.39 -47.95 12.69
CA ILE A 1470 -32.41 -47.35 14.01
C ILE A 1470 -33.09 -48.27 15.02
N THR A 1471 -34.25 -48.81 14.63
CA THR A 1471 -34.99 -49.66 15.56
C THR A 1471 -34.20 -50.92 15.90
N GLN A 1472 -33.51 -51.49 14.91
CA GLN A 1472 -32.65 -52.63 15.16
C GLN A 1472 -31.54 -52.26 16.14
N LEU A 1473 -30.92 -51.10 15.93
CA LEU A 1473 -29.88 -50.65 16.86
C LEU A 1473 -30.44 -50.48 18.27
N PHE A 1474 -31.66 -49.97 18.37
CA PHE A 1474 -32.25 -49.67 19.67
C PHE A 1474 -32.76 -50.89 20.41
N GLN A 1475 -33.12 -51.98 19.72
CA GLN A 1475 -33.44 -53.19 20.49
C GLN A 1475 -32.27 -54.16 20.53
N LYS A 1476 -31.14 -53.82 19.93
CA LYS A 1476 -29.99 -54.72 19.94
C LYS A 1476 -29.10 -54.54 21.17
N GLN A 1477 -28.56 -53.34 21.36
CA GLN A 1477 -27.57 -53.11 22.41
C GLN A 1477 -28.25 -52.88 23.74
N LYS A 1478 -27.44 -52.65 24.78
CA LYS A 1478 -27.93 -52.49 26.15
C LYS A 1478 -27.25 -51.32 26.85
N TRP A 1479 -26.95 -50.26 26.09
CA TRP A 1479 -26.48 -48.98 26.64
C TRP A 1479 -27.62 -48.17 27.30
N THR A 1480 -27.99 -48.60 28.50
CA THR A 1480 -29.16 -48.06 29.18
C THR A 1480 -28.78 -47.10 30.31
N GLN A 1481 -29.45 -45.95 30.34
CA GLN A 1481 -29.56 -45.04 31.48
C GLN A 1481 -28.28 -44.24 31.73
N VAL A 1482 -27.20 -44.62 31.05
CA VAL A 1482 -26.02 -43.78 30.87
C VAL A 1482 -25.50 -44.05 29.46
N ASN A 1483 -25.29 -42.98 28.70
CA ASN A 1483 -25.04 -43.08 27.27
C ASN A 1483 -26.26 -43.79 26.66
N PRO A 1484 -27.43 -43.15 26.67
CA PRO A 1484 -28.63 -43.81 26.14
C PRO A 1484 -28.78 -43.66 24.64
N SER A 1485 -27.89 -42.93 24.00
CA SER A 1485 -27.74 -42.90 22.55
C SER A 1485 -26.26 -43.08 22.25
N PRO A 1486 -25.93 -43.66 21.11
CA PRO A 1486 -24.51 -43.91 20.80
C PRO A 1486 -23.67 -42.67 20.98
N SER A 1487 -22.65 -42.77 21.84
CA SER A 1487 -21.84 -41.63 22.18
C SER A 1487 -21.09 -41.17 20.94
N CYS A 1488 -21.57 -40.10 20.33
CA CYS A 1488 -21.16 -39.76 18.98
C CYS A 1488 -19.81 -39.04 18.99
N ARG A 1489 -18.86 -39.61 18.25
CA ARG A 1489 -17.50 -39.09 18.19
C ARG A 1489 -17.51 -37.64 17.74
N CYS A 1490 -16.68 -36.81 18.38
CA CYS A 1490 -16.64 -35.41 17.98
C CYS A 1490 -15.21 -34.90 17.81
N SER A 1491 -14.31 -35.75 17.30
CA SER A 1491 -12.93 -35.37 17.13
C SER A 1491 -12.78 -34.27 16.07
N THR A 1492 -11.63 -33.62 16.09
CA THR A 1492 -11.33 -32.51 15.18
C THR A 1492 -9.96 -32.61 14.50
N ARG A 1493 -8.99 -33.29 15.12
CA ARG A 1493 -7.63 -33.29 14.58
C ARG A 1493 -7.57 -33.89 13.18
N GLU A 1494 -8.27 -35.01 12.97
CA GLU A 1494 -8.26 -35.65 11.65
C GLU A 1494 -8.90 -34.72 10.61
N LYS A 1495 -10.19 -34.44 10.77
CA LYS A 1495 -10.92 -33.49 9.95
C LYS A 1495 -11.52 -32.44 10.87
N LEU A 1496 -11.44 -31.17 10.47
CA LEU A 1496 -11.79 -30.09 11.38
C LEU A 1496 -13.26 -30.16 11.78
N THR A 1497 -14.15 -30.05 10.80
CA THR A 1497 -15.60 -30.28 10.95
C THR A 1497 -16.13 -29.65 12.25
N MET A 1498 -16.07 -28.33 12.31
CA MET A 1498 -16.39 -27.55 13.50
C MET A 1498 -17.61 -28.07 14.24
N LEU A 1499 -18.66 -28.40 13.52
CA LEU A 1499 -19.74 -29.10 14.21
C LEU A 1499 -19.57 -30.60 14.01
N PRO A 1500 -19.50 -31.36 15.10
CA PRO A 1500 -19.14 -32.78 14.98
C PRO A 1500 -20.13 -33.57 14.15
N GLU A 1501 -19.61 -34.60 13.49
CA GLU A 1501 -20.43 -35.56 12.76
C GLU A 1501 -20.86 -36.66 13.71
N CYS A 1502 -22.15 -37.00 13.68
CA CYS A 1502 -22.62 -37.89 14.72
C CYS A 1502 -23.47 -38.98 14.08
N PRO A 1503 -23.41 -40.23 14.58
CA PRO A 1503 -24.08 -41.34 13.90
C PRO A 1503 -25.60 -41.22 13.78
N GLU A 1504 -26.20 -42.22 13.14
CA GLU A 1504 -27.61 -42.16 12.78
C GLU A 1504 -28.51 -42.11 14.01
N GLY A 1505 -28.16 -42.84 15.06
CA GLY A 1505 -28.93 -42.80 16.28
C GLY A 1505 -28.45 -41.71 17.22
N ALA A 1506 -28.50 -40.46 16.75
CA ALA A 1506 -27.87 -39.39 17.51
C ALA A 1506 -28.57 -39.12 18.83
N GLY A 1507 -29.88 -38.95 18.83
CA GLY A 1507 -30.57 -38.54 20.03
C GLY A 1507 -31.80 -39.36 20.38
N GLY A 1508 -31.73 -40.66 20.15
CA GLY A 1508 -32.88 -41.51 20.41
C GLY A 1508 -33.92 -41.39 19.32
N LEU A 1509 -35.01 -42.12 19.50
CA LEU A 1509 -36.12 -42.03 18.56
C LEU A 1509 -36.74 -40.64 18.65
N PRO A 1510 -37.13 -40.05 17.52
CA PRO A 1510 -37.69 -38.70 17.53
C PRO A 1510 -38.93 -38.64 18.40
N PRO A 1511 -39.09 -37.59 19.19
CA PRO A 1511 -40.26 -37.45 20.04
C PRO A 1511 -41.46 -37.01 19.24
N PRO A 1512 -42.67 -37.31 19.69
CA PRO A 1512 -43.87 -36.89 18.96
C PRO A 1512 -43.94 -35.37 18.88
N GLN A 1513 -44.40 -34.87 17.75
CA GLN A 1513 -44.46 -33.44 17.50
C GLN A 1513 -45.79 -33.04 16.90
N ARG A 1514 -46.01 -31.73 16.85
CA ARG A 1514 -47.17 -31.16 16.18
C ARG A 1514 -46.92 -29.67 16.00
N THR A 1515 -47.84 -29.01 15.31
CA THR A 1515 -47.77 -27.58 15.06
C THR A 1515 -49.04 -26.94 15.64
N GLN A 1516 -48.87 -26.08 16.65
CA GLN A 1516 -50.02 -25.47 17.29
C GLN A 1516 -50.59 -24.36 16.41
N ARG A 1517 -51.53 -23.60 16.98
CA ARG A 1517 -52.09 -22.45 16.27
C ARG A 1517 -50.99 -21.47 15.89
N SER A 1518 -50.10 -21.18 16.83
CA SER A 1518 -48.88 -20.48 16.48
C SER A 1518 -47.98 -21.41 15.67
N THR A 1519 -47.33 -20.84 14.66
CA THR A 1519 -46.50 -21.65 13.76
C THR A 1519 -45.21 -22.01 14.48
N GLU A 1520 -45.17 -23.22 15.05
CA GLU A 1520 -44.01 -23.74 15.75
C GLU A 1520 -44.21 -25.23 15.95
N ILE A 1521 -43.10 -25.94 16.10
CA ILE A 1521 -43.11 -27.40 16.24
C ILE A 1521 -42.88 -27.72 17.70
N LEU A 1522 -43.87 -28.33 18.34
CA LEU A 1522 -43.78 -28.69 19.75
C LEU A 1522 -43.36 -30.16 19.86
N GLN A 1523 -42.26 -30.41 20.56
CA GLN A 1523 -41.73 -31.78 20.69
C GLN A 1523 -41.88 -32.21 22.14
N ASP A 1524 -42.76 -33.17 22.41
CA ASP A 1524 -43.04 -33.55 23.82
C ASP A 1524 -41.97 -34.52 24.31
N LEU A 1525 -40.77 -34.02 24.59
CA LEU A 1525 -39.71 -34.89 25.16
C LEU A 1525 -39.93 -34.98 26.67
N THR A 1526 -41.01 -35.65 27.10
CA THR A 1526 -41.33 -35.76 28.54
C THR A 1526 -40.41 -36.79 29.21
N ASP A 1527 -40.52 -38.05 28.82
CA ASP A 1527 -39.82 -39.10 29.55
C ASP A 1527 -38.45 -39.42 28.94
N ARG A 1528 -37.77 -38.40 28.44
CA ARG A 1528 -36.47 -38.58 27.80
C ARG A 1528 -35.38 -37.89 28.60
N ASN A 1529 -34.14 -38.32 28.39
CA ASN A 1529 -33.00 -37.45 28.65
C ASN A 1529 -33.13 -36.20 27.81
N ILE A 1530 -33.15 -35.05 28.48
CA ILE A 1530 -33.19 -33.77 27.78
C ILE A 1530 -31.81 -33.40 27.25
N SER A 1531 -30.82 -33.34 28.13
CA SER A 1531 -29.51 -32.81 27.77
C SER A 1531 -28.90 -33.59 26.62
N ASP A 1532 -28.99 -34.92 26.67
CA ASP A 1532 -28.47 -35.73 25.57
C ASP A 1532 -29.20 -35.44 24.27
N PHE A 1533 -30.53 -35.30 24.34
CA PHE A 1533 -31.29 -35.02 23.13
C PHE A 1533 -30.81 -33.75 22.46
N LEU A 1534 -30.75 -32.65 23.20
CA LEU A 1534 -30.32 -31.40 22.57
C LEU A 1534 -28.86 -31.44 22.14
N VAL A 1535 -27.96 -31.95 22.98
CA VAL A 1535 -26.55 -32.01 22.61
C VAL A 1535 -26.35 -32.79 21.34
N LYS A 1536 -26.97 -33.96 21.24
CA LYS A 1536 -26.69 -34.87 20.15
C LYS A 1536 -27.56 -34.65 18.91
N THR A 1537 -28.58 -33.80 18.98
CA THR A 1537 -29.31 -33.45 17.76
C THR A 1537 -29.16 -31.99 17.37
N TYR A 1538 -28.30 -31.23 18.04
CA TYR A 1538 -27.99 -29.90 17.53
C TYR A 1538 -27.32 -29.90 16.16
N PRO A 1539 -26.25 -30.68 15.91
CA PRO A 1539 -25.60 -30.59 14.59
C PRO A 1539 -26.49 -30.96 13.43
N ALA A 1540 -27.33 -31.99 13.59
CA ALA A 1540 -28.25 -32.35 12.52
C ALA A 1540 -29.24 -31.22 12.25
N LEU A 1541 -29.70 -30.56 13.32
CA LEU A 1541 -30.63 -29.45 13.16
C LEU A 1541 -29.99 -28.25 12.48
N ILE A 1542 -28.71 -28.02 12.71
CA ILE A 1542 -28.02 -26.96 11.98
C ILE A 1542 -27.82 -27.33 10.52
N ARG A 1543 -27.40 -28.57 10.25
CA ARG A 1543 -27.15 -28.99 8.88
C ARG A 1543 -28.41 -29.00 8.04
N SER A 1544 -29.55 -29.43 8.62
CA SER A 1544 -30.81 -29.37 7.91
C SER A 1544 -31.24 -27.95 7.60
N SER A 1545 -30.73 -26.97 8.36
CA SER A 1545 -30.98 -25.56 8.06
C SER A 1545 -30.03 -25.00 7.01
N LEU A 1546 -28.82 -25.56 6.92
CA LEU A 1546 -27.86 -25.08 5.93
C LEU A 1546 -28.37 -25.26 4.52
N LYS A 1547 -28.92 -26.42 4.21
CA LYS A 1547 -29.30 -26.72 2.83
C LYS A 1547 -30.53 -25.93 2.43
N SER A 1548 -30.66 -25.72 1.11
CA SER A 1548 -31.75 -25.00 0.46
C SER A 1548 -31.74 -23.50 0.79
N LYS A 1549 -30.80 -23.06 1.63
CA LYS A 1549 -30.67 -21.65 1.94
C LYS A 1549 -29.24 -21.13 1.94
N PHE A 1550 -28.24 -21.99 2.15
CA PHE A 1550 -26.83 -21.60 2.14
C PHE A 1550 -26.50 -20.53 3.18
N TRP A 1551 -27.42 -20.28 4.11
CA TRP A 1551 -27.10 -19.55 5.33
C TRP A 1551 -27.70 -20.32 6.50
N VAL A 1552 -26.92 -20.51 7.55
CA VAL A 1552 -27.29 -21.38 8.66
C VAL A 1552 -27.95 -20.56 9.75
N ASN A 1553 -28.88 -21.20 10.46
CA ASN A 1553 -29.51 -20.60 11.62
C ASN A 1553 -30.16 -21.69 12.45
N GLU A 1554 -30.04 -21.58 13.77
CA GLU A 1554 -30.62 -22.59 14.65
C GLU A 1554 -32.13 -22.42 14.72
N GLN A 1555 -32.83 -23.54 14.90
CA GLN A 1555 -34.28 -23.54 14.85
C GLN A 1555 -34.94 -23.79 16.19
N ARG A 1556 -34.16 -24.01 17.24
CA ARG A 1556 -34.71 -24.19 18.58
C ARG A 1556 -34.14 -23.11 19.49
N TYR A 1557 -35.02 -22.34 20.11
CA TYR A 1557 -34.61 -21.22 20.95
C TYR A 1557 -35.03 -21.38 22.40
N GLY A 1558 -35.65 -22.49 22.75
CA GLY A 1558 -35.98 -22.73 24.14
C GLY A 1558 -37.31 -23.39 24.37
N GLY A 1559 -37.56 -23.77 25.62
CA GLY A 1559 -38.82 -24.39 25.99
C GLY A 1559 -38.92 -24.43 27.49
N ILE A 1560 -40.09 -24.81 27.97
CA ILE A 1560 -40.40 -24.82 29.39
C ILE A 1560 -40.60 -26.26 29.84
N SER A 1561 -39.88 -26.66 30.87
CA SER A 1561 -39.94 -28.02 31.40
C SER A 1561 -40.59 -27.98 32.77
N ILE A 1562 -41.90 -28.18 32.81
CA ILE A 1562 -42.70 -28.13 34.03
C ILE A 1562 -42.16 -29.13 35.03
N GLY A 1563 -42.29 -28.83 36.31
CA GLY A 1563 -41.89 -29.79 37.32
C GLY A 1563 -40.55 -29.48 37.94
N GLY A 1564 -40.39 -29.90 39.18
CA GLY A 1564 -39.20 -29.63 39.95
C GLY A 1564 -39.50 -29.74 41.43
N LYS A 1565 -38.44 -29.75 42.23
CA LYS A 1565 -38.60 -29.87 43.67
C LYS A 1565 -37.39 -29.28 44.36
N LEU A 1566 -37.62 -28.70 45.52
CA LEU A 1566 -36.55 -28.15 46.35
C LEU A 1566 -36.76 -28.60 47.79
N PRO A 1567 -35.90 -29.47 48.32
CA PRO A 1567 -36.09 -29.97 49.68
C PRO A 1567 -36.13 -28.86 50.71
N VAL A 1568 -37.27 -28.69 51.37
CA VAL A 1568 -37.48 -27.63 52.35
C VAL A 1568 -37.47 -28.23 53.74
N VAL A 1569 -36.66 -27.66 54.63
CA VAL A 1569 -36.58 -28.11 56.02
C VAL A 1569 -37.95 -27.93 56.69
N PRO A 1570 -38.42 -28.90 57.47
CA PRO A 1570 -39.73 -28.78 58.14
C PRO A 1570 -39.69 -28.02 59.48
N ILE A 1571 -39.65 -26.70 59.38
CA ILE A 1571 -39.77 -25.85 60.57
C ILE A 1571 -41.23 -25.47 60.83
N THR A 1572 -42.08 -25.43 59.81
CA THR A 1572 -43.50 -25.13 59.91
C THR A 1572 -43.75 -23.73 60.47
N GLY A 1573 -42.69 -22.95 60.67
CA GLY A 1573 -42.83 -21.58 61.10
C GLY A 1573 -43.17 -21.40 62.57
N GLU A 1574 -44.37 -21.83 62.97
CA GLU A 1574 -44.82 -21.60 64.34
C GLU A 1574 -43.92 -22.32 65.35
N ALA A 1575 -43.35 -23.46 64.96
CA ALA A 1575 -42.47 -24.18 65.86
C ALA A 1575 -41.25 -23.35 66.24
N LEU A 1576 -40.67 -22.64 65.27
CA LEU A 1576 -39.47 -21.86 65.55
C LEU A 1576 -39.78 -20.70 66.49
N VAL A 1577 -40.85 -19.96 66.23
CA VAL A 1577 -41.17 -18.82 67.09
C VAL A 1577 -41.56 -19.29 68.48
N GLY A 1578 -42.29 -20.41 68.58
CA GLY A 1578 -42.60 -20.96 69.89
C GLY A 1578 -41.35 -21.41 70.63
N PHE A 1579 -40.41 -22.01 69.92
CA PHE A 1579 -39.16 -22.46 70.53
C PHE A 1579 -38.37 -21.28 71.09
N LEU A 1580 -38.23 -20.22 70.28
CA LEU A 1580 -37.54 -19.03 70.74
C LEU A 1580 -38.26 -18.36 71.90
N SER A 1581 -39.59 -18.32 71.85
CA SER A 1581 -40.34 -17.73 72.97
C SER A 1581 -40.17 -18.53 74.24
N ASP A 1582 -40.15 -19.86 74.13
CA ASP A 1582 -39.92 -20.70 75.30
C ASP A 1582 -38.55 -20.45 75.90
N LEU A 1583 -37.53 -20.33 75.04
CA LEU A 1583 -36.19 -20.00 75.54
C LEU A 1583 -36.17 -18.60 76.16
N GLY A 1584 -36.94 -17.67 75.61
CA GLY A 1584 -37.02 -16.34 76.20
C GLY A 1584 -37.63 -16.36 77.59
N ARG A 1585 -38.72 -17.10 77.76
CA ARG A 1585 -39.33 -17.21 79.08
C ARG A 1585 -38.41 -17.91 80.07
N ILE A 1586 -37.74 -18.98 79.64
CA ILE A 1586 -36.89 -19.74 80.56
C ILE A 1586 -35.61 -18.99 80.92
N MET A 1587 -35.02 -18.25 79.98
CA MET A 1587 -33.69 -17.70 80.11
C MET A 1587 -33.68 -16.25 80.59
N ASN A 1588 -34.85 -15.65 80.81
CA ASN A 1588 -34.97 -14.24 81.16
C ASN A 1588 -34.32 -13.34 80.11
N VAL A 1589 -34.33 -13.76 78.86
CA VAL A 1589 -33.76 -12.98 77.77
C VAL A 1589 -34.91 -12.35 77.00
N SER A 1590 -36.13 -12.79 77.30
CA SER A 1590 -37.31 -12.29 76.60
C SER A 1590 -37.51 -10.80 76.89
N GLY A 1591 -38.04 -10.09 75.90
CA GLY A 1591 -38.36 -8.69 76.06
C GLY A 1591 -37.58 -7.78 75.13
N GLY A 1592 -38.30 -7.07 74.26
CA GLY A 1592 -37.68 -6.09 73.39
C GLY A 1592 -38.65 -5.48 72.41
N PRO A 1593 -38.63 -4.14 72.29
CA PRO A 1593 -39.45 -3.48 71.27
C PRO A 1593 -39.09 -3.93 69.87
N ILE A 1594 -37.82 -3.72 69.49
CA ILE A 1594 -37.37 -4.13 68.17
C ILE A 1594 -37.40 -5.64 68.03
N THR A 1595 -37.12 -6.37 69.12
CA THR A 1595 -37.21 -7.83 69.07
C THR A 1595 -38.62 -8.29 68.75
N ARG A 1596 -39.62 -7.75 69.45
CA ARG A 1596 -41.01 -8.10 69.16
C ARG A 1596 -41.40 -7.69 67.74
N GLU A 1597 -40.99 -6.50 67.33
CA GLU A 1597 -41.35 -6.01 66.00
C GLU A 1597 -40.75 -6.89 64.90
N ALA A 1598 -39.52 -7.39 65.12
CA ALA A 1598 -38.89 -8.26 64.13
C ALA A 1598 -39.52 -9.64 64.15
N SER A 1599 -39.77 -10.19 65.34
CA SER A 1599 -40.30 -11.54 65.45
C SER A 1599 -41.80 -11.62 65.18
N LYS A 1600 -42.47 -10.49 64.98
CA LYS A 1600 -43.91 -10.52 64.77
C LYS A 1600 -44.25 -11.17 63.43
N GLU A 1601 -43.56 -10.77 62.37
CA GLU A 1601 -43.77 -11.36 61.05
C GLU A 1601 -42.69 -12.40 60.73
N ILE A 1602 -42.67 -13.49 61.49
CA ILE A 1602 -41.80 -14.61 61.21
C ILE A 1602 -42.37 -15.54 60.14
N PRO A 1603 -43.64 -15.95 60.20
CA PRO A 1603 -44.12 -16.92 59.19
C PRO A 1603 -43.97 -16.43 57.76
N ASP A 1604 -44.21 -15.15 57.51
CA ASP A 1604 -43.97 -14.61 56.17
C ASP A 1604 -42.49 -14.49 55.85
N PHE A 1605 -41.61 -14.56 56.85
CA PHE A 1605 -40.18 -14.63 56.60
C PHE A 1605 -39.76 -16.03 56.16
N LEU A 1606 -40.39 -17.07 56.71
CA LEU A 1606 -40.06 -18.43 56.33
C LEU A 1606 -40.88 -18.95 55.17
N LYS A 1607 -41.90 -18.17 54.75
CA LYS A 1607 -42.74 -18.57 53.60
C LYS A 1607 -41.96 -18.31 52.31
N HIS A 1608 -41.44 -17.09 52.17
CA HIS A 1608 -40.87 -16.61 50.92
C HIS A 1608 -39.39 -16.94 50.77
N LEU A 1609 -38.80 -17.66 51.72
CA LEU A 1609 -37.38 -18.00 51.60
C LEU A 1609 -37.14 -18.96 50.44
N GLU A 1610 -37.76 -20.13 50.49
CA GLU A 1610 -37.61 -21.16 49.47
C GLU A 1610 -38.98 -21.56 48.96
N THR A 1611 -39.03 -21.93 47.68
CA THR A 1611 -40.29 -22.31 47.04
C THR A 1611 -40.12 -23.66 46.36
N GLU A 1612 -41.03 -24.58 46.66
CA GLU A 1612 -41.07 -25.86 45.97
C GLU A 1612 -42.00 -25.80 44.77
N ASP A 1613 -41.99 -26.87 43.99
CA ASP A 1613 -42.83 -27.00 42.80
C ASP A 1613 -42.53 -25.88 41.80
N ASN A 1614 -41.30 -25.91 41.29
CA ASN A 1614 -40.78 -24.84 40.46
C ASN A 1614 -41.02 -25.13 38.98
N ILE A 1615 -40.49 -24.27 38.11
CA ILE A 1615 -40.55 -24.45 36.67
C ILE A 1615 -39.19 -24.09 36.09
N LYS A 1616 -38.67 -24.93 35.21
CA LYS A 1616 -37.43 -24.65 34.52
C LYS A 1616 -37.74 -24.02 33.18
N VAL A 1617 -36.83 -23.19 32.69
CA VAL A 1617 -37.00 -22.48 31.43
C VAL A 1617 -35.70 -22.64 30.64
N TRP A 1618 -35.68 -23.60 29.72
CA TRP A 1618 -34.50 -23.80 28.84
C TRP A 1618 -34.48 -22.68 27.80
N PHE A 1619 -33.34 -22.01 27.62
CA PHE A 1619 -33.20 -20.92 26.68
C PHE A 1619 -31.89 -21.05 25.91
N ASN A 1620 -31.87 -20.53 24.69
CA ASN A 1620 -30.69 -20.57 23.82
C ASN A 1620 -30.22 -19.14 23.65
N ASN A 1621 -28.95 -18.88 23.98
CA ASN A 1621 -28.46 -17.51 24.02
C ASN A 1621 -27.99 -16.98 22.68
N LYS A 1622 -27.92 -17.79 21.63
CA LYS A 1622 -27.46 -17.23 20.37
C LYS A 1622 -28.49 -16.31 19.75
N GLY A 1623 -29.74 -16.38 20.21
CA GLY A 1623 -30.71 -15.34 19.96
C GLY A 1623 -30.79 -14.46 21.19
N TRP A 1624 -30.49 -13.17 21.02
CA TRP A 1624 -30.18 -12.31 22.15
C TRP A 1624 -31.35 -12.21 23.13
N HIS A 1625 -32.57 -12.09 22.62
CA HIS A 1625 -33.74 -11.83 23.44
C HIS A 1625 -34.54 -13.09 23.72
N ALA A 1626 -33.86 -14.21 23.91
CA ALA A 1626 -34.56 -15.48 24.10
C ALA A 1626 -34.94 -15.68 25.57
N LEU A 1627 -34.02 -15.39 26.50
CA LEU A 1627 -34.27 -15.70 27.89
C LEU A 1627 -35.43 -14.88 28.44
N VAL A 1628 -35.48 -13.59 28.12
CA VAL A 1628 -36.55 -12.73 28.62
C VAL A 1628 -37.89 -13.09 27.97
N SER A 1629 -37.89 -13.40 26.68
CA SER A 1629 -39.15 -13.76 26.02
C SER A 1629 -39.71 -15.05 26.60
N PHE A 1630 -38.87 -16.05 26.83
CA PHE A 1630 -39.40 -17.28 27.40
C PHE A 1630 -39.72 -17.16 28.88
N LEU A 1631 -39.05 -16.26 29.60
CA LEU A 1631 -39.47 -15.96 30.96
C LEU A 1631 -40.88 -15.36 30.96
N ASN A 1632 -41.13 -14.46 30.01
CA ASN A 1632 -42.46 -13.87 29.87
C ASN A 1632 -43.49 -14.95 29.57
N VAL A 1633 -43.14 -15.90 28.69
CA VAL A 1633 -44.05 -17.01 28.39
C VAL A 1633 -44.35 -17.83 29.63
N ALA A 1634 -43.32 -18.11 30.44
CA ALA A 1634 -43.53 -18.88 31.65
C ALA A 1634 -44.48 -18.17 32.59
N HIS A 1635 -44.33 -16.85 32.73
CA HIS A 1635 -45.20 -16.13 33.65
C HIS A 1635 -46.63 -16.06 33.13
N ASN A 1636 -46.81 -15.94 31.81
CA ASN A 1636 -48.16 -16.10 31.26
C ASN A 1636 -48.76 -17.44 31.65
N ALA A 1637 -47.96 -18.51 31.60
CA ALA A 1637 -48.48 -19.85 31.96
C ALA A 1637 -48.91 -19.86 33.43
N ILE A 1638 -48.07 -19.37 34.34
CA ILE A 1638 -48.37 -19.39 35.80
C ILE A 1638 -49.62 -18.57 36.10
N LEU A 1639 -49.78 -17.40 35.47
CA LEU A 1639 -51.02 -16.61 35.65
C LEU A 1639 -52.21 -17.45 35.17
N ARG A 1640 -52.17 -17.92 33.91
CA ARG A 1640 -53.34 -18.58 33.36
C ARG A 1640 -53.66 -19.88 34.08
N ALA A 1641 -52.65 -20.52 34.67
CA ALA A 1641 -52.92 -21.72 35.47
C ALA A 1641 -53.56 -21.37 36.81
N SER A 1642 -53.17 -20.23 37.39
CA SER A 1642 -53.64 -19.87 38.73
C SER A 1642 -55.04 -19.25 38.74
N LEU A 1643 -55.65 -19.06 37.58
CA LEU A 1643 -56.87 -18.27 37.47
C LEU A 1643 -58.02 -18.92 38.22
N PRO A 1644 -58.97 -18.13 38.73
CA PRO A 1644 -60.18 -18.72 39.29
C PRO A 1644 -61.03 -19.38 38.22
N LYS A 1645 -61.85 -20.33 38.65
CA LYS A 1645 -62.67 -21.09 37.72
C LYS A 1645 -63.75 -20.20 37.11
N ASP A 1646 -64.32 -20.70 36.00
CA ASP A 1646 -65.44 -20.08 35.29
C ASP A 1646 -64.93 -18.86 34.52
N ARG A 1647 -63.70 -18.43 34.79
CA ARG A 1647 -63.07 -17.33 34.06
C ARG A 1647 -62.13 -17.94 33.03
N SER A 1648 -62.39 -17.61 31.76
CA SER A 1648 -61.63 -18.15 30.60
C SER A 1648 -60.16 -17.76 30.71
N PRO A 1649 -59.21 -18.71 30.61
CA PRO A 1649 -57.78 -18.40 30.64
C PRO A 1649 -57.33 -17.56 29.44
N GLU A 1650 -57.94 -17.77 28.27
CA GLU A 1650 -57.46 -17.11 27.02
C GLU A 1650 -57.50 -15.58 27.15
N GLU A 1651 -58.53 -15.02 27.77
CA GLU A 1651 -58.67 -13.53 27.82
C GLU A 1651 -57.45 -12.86 28.49
N TYR A 1652 -56.72 -13.55 29.37
CA TYR A 1652 -55.74 -12.89 30.21
C TYR A 1652 -54.33 -13.16 29.72
N GLY A 1653 -53.44 -12.22 30.01
CA GLY A 1653 -52.05 -12.38 29.60
C GLY A 1653 -51.27 -11.13 29.94
N ILE A 1654 -49.96 -11.23 29.77
CA ILE A 1654 -49.02 -10.15 30.01
C ILE A 1654 -48.12 -10.02 28.80
N THR A 1655 -47.55 -8.83 28.63
CA THR A 1655 -46.55 -8.63 27.60
C THR A 1655 -45.59 -7.54 28.03
N VAL A 1656 -44.31 -7.80 27.87
CA VAL A 1656 -43.27 -6.86 28.27
C VAL A 1656 -42.75 -6.16 27.03
N ILE A 1657 -42.39 -4.89 27.19
CA ILE A 1657 -41.84 -4.08 26.11
C ILE A 1657 -40.50 -3.55 26.60
N SER A 1658 -39.47 -3.69 25.78
CA SER A 1658 -38.12 -3.30 26.19
C SER A 1658 -37.66 -2.13 25.33
N GLN A 1659 -37.99 -0.92 25.76
CA GLN A 1659 -37.53 0.27 25.06
C GLN A 1659 -36.47 0.94 25.92
N PRO A 1660 -35.19 0.90 25.54
CA PRO A 1660 -34.13 1.42 26.42
C PRO A 1660 -34.25 2.92 26.58
N LEU A 1661 -33.58 3.44 27.61
CA LEU A 1661 -33.76 4.83 27.99
C LEU A 1661 -33.37 5.74 26.85
N ASN A 1662 -33.99 6.91 26.81
CA ASN A 1662 -34.14 7.59 25.54
C ASN A 1662 -33.02 8.62 25.45
N LEU A 1663 -31.79 8.14 25.61
CA LEU A 1663 -30.59 8.95 25.74
C LEU A 1663 -29.84 8.99 24.42
N THR A 1664 -29.17 10.11 24.16
CA THR A 1664 -28.32 10.24 22.97
C THR A 1664 -26.99 9.57 23.28
N LYS A 1665 -26.93 8.25 23.07
CA LYS A 1665 -25.75 7.49 23.41
C LYS A 1665 -25.80 6.13 22.75
N GLU A 1666 -24.63 5.66 22.31
CA GLU A 1666 -24.46 4.30 21.79
C GLU A 1666 -23.83 3.41 22.84
N GLN A 1667 -24.02 2.10 22.65
CA GLN A 1667 -23.46 1.11 23.56
C GLN A 1667 -21.94 1.09 23.43
N LEU A 1668 -21.26 0.82 24.55
CA LEU A 1668 -19.79 0.77 24.53
C LEU A 1668 -19.26 -0.29 23.58
N SER A 1669 -19.97 -1.40 23.41
CA SER A 1669 -19.45 -2.48 22.59
C SER A 1669 -19.42 -2.14 21.11
N GLU A 1670 -20.02 -1.02 20.69
CA GLU A 1670 -20.06 -0.66 19.28
C GLU A 1670 -19.38 0.66 18.97
N ILE A 1671 -19.57 1.69 19.79
CA ILE A 1671 -19.02 3.00 19.46
C ILE A 1671 -17.50 3.02 19.52
N THR A 1672 -16.88 2.37 20.50
CA THR A 1672 -15.43 2.44 20.61
C THR A 1672 -14.73 1.68 19.49
N VAL A 1673 -15.30 0.56 19.04
CA VAL A 1673 -14.68 -0.19 17.96
C VAL A 1673 -14.75 0.60 16.66
N LEU A 1674 -15.86 1.31 16.43
CA LEU A 1674 -15.98 2.11 15.21
C LEU A 1674 -14.91 3.20 15.16
N THR A 1675 -14.78 3.97 16.24
CA THR A 1675 -13.79 5.04 16.25
C THR A 1675 -12.38 4.49 16.17
N THR A 1676 -12.10 3.39 16.87
CA THR A 1676 -10.76 2.81 16.81
C THR A 1676 -10.41 2.34 15.40
N SER A 1677 -11.35 1.65 14.74
CA SER A 1677 -11.10 1.19 13.39
C SER A 1677 -10.94 2.35 12.42
N VAL A 1678 -11.76 3.39 12.57
CA VAL A 1678 -11.64 4.57 11.71
C VAL A 1678 -10.28 5.21 11.86
N ASP A 1679 -9.81 5.37 13.10
CA ASP A 1679 -8.51 5.98 13.31
C ASP A 1679 -7.38 5.10 12.79
N ALA A 1680 -7.52 3.77 12.90
CA ALA A 1680 -6.51 2.89 12.33
C ALA A 1680 -6.45 3.01 10.81
N VAL A 1681 -7.60 3.08 10.15
CA VAL A 1681 -7.62 3.23 8.70
C VAL A 1681 -7.00 4.56 8.30
N VAL A 1682 -7.31 5.63 9.05
CA VAL A 1682 -6.72 6.93 8.75
C VAL A 1682 -5.21 6.88 8.93
N ALA A 1683 -4.74 6.16 9.95
CA ALA A 1683 -3.30 6.02 10.17
C ALA A 1683 -2.63 5.31 9.00
N ILE A 1684 -3.23 4.23 8.51
CA ILE A 1684 -2.58 3.54 7.39
C ILE A 1684 -2.64 4.39 6.12
N CYS A 1685 -3.69 5.19 5.95
CA CYS A 1685 -3.71 6.10 4.81
C CYS A 1685 -2.60 7.15 4.91
N VAL A 1686 -2.36 7.67 6.11
CA VAL A 1686 -1.28 8.63 6.28
C VAL A 1686 0.07 7.97 6.01
N ILE A 1687 0.22 6.71 6.40
CA ILE A 1687 1.46 5.99 6.14
C ILE A 1687 1.67 5.81 4.64
N PHE A 1688 0.61 5.38 3.94
CA PHE A 1688 0.59 5.39 2.48
C PHE A 1688 1.15 6.69 1.92
N SER A 1689 0.47 7.79 2.24
CA SER A 1689 0.82 9.09 1.67
C SER A 1689 2.25 9.48 1.97
N MET A 1690 2.64 9.41 3.24
CA MET A 1690 3.98 9.83 3.62
C MET A 1690 5.05 8.81 3.28
N SER A 1691 4.68 7.66 2.71
CA SER A 1691 5.68 6.78 2.13
C SER A 1691 5.83 6.98 0.62
N PHE A 1692 4.80 7.49 -0.05
CA PHE A 1692 4.93 7.79 -1.46
C PHE A 1692 5.70 9.08 -1.74
N VAL A 1693 5.82 9.97 -0.76
CA VAL A 1693 6.49 11.27 -0.97
C VAL A 1693 8.00 11.14 -0.95
N PRO A 1694 8.63 10.56 0.08
CA PRO A 1694 10.10 10.56 0.13
C PRO A 1694 10.77 9.77 -0.97
N ALA A 1695 10.03 8.95 -1.72
CA ALA A 1695 10.60 8.29 -2.88
C ALA A 1695 10.63 9.19 -4.11
N SER A 1696 9.96 10.34 -4.05
CA SER A 1696 9.99 11.31 -5.14
C SER A 1696 11.22 12.18 -5.14
N PHE A 1697 12.08 12.06 -4.14
CA PHE A 1697 13.29 12.85 -4.05
C PHE A 1697 14.48 12.17 -4.71
N VAL A 1698 14.28 10.97 -5.26
CA VAL A 1698 15.34 10.26 -5.96
C VAL A 1698 15.22 10.39 -7.47
N LEU A 1699 14.14 10.99 -7.96
CA LEU A 1699 13.98 11.18 -9.39
C LEU A 1699 15.04 12.11 -9.95
N TYR A 1700 15.19 13.29 -9.36
CA TYR A 1700 16.11 14.27 -9.89
C TYR A 1700 17.56 13.85 -9.70
N LEU A 1701 17.87 13.17 -8.61
CA LEU A 1701 19.24 12.73 -8.38
C LEU A 1701 19.69 11.77 -9.48
N ILE A 1702 18.85 10.79 -9.80
CA ILE A 1702 19.19 9.84 -10.85
C ILE A 1702 19.17 10.52 -12.21
N GLN A 1703 18.27 11.48 -12.43
CA GLN A 1703 18.26 12.19 -13.70
C GLN A 1703 19.57 12.94 -13.91
N GLU A 1704 20.10 13.56 -12.86
CA GLU A 1704 21.41 14.19 -12.96
C GLU A 1704 22.51 13.16 -13.18
N ARG A 1705 22.49 12.05 -12.44
CA ARG A 1705 23.61 11.12 -12.51
C ARG A 1705 23.65 10.38 -13.85
N VAL A 1706 22.49 10.14 -14.48
CA VAL A 1706 22.46 9.43 -15.75
C VAL A 1706 23.05 10.30 -16.86
N ASN A 1707 22.68 11.57 -16.91
CA ASN A 1707 23.47 12.51 -17.68
C ASN A 1707 24.81 12.73 -16.99
N LYS A 1708 25.60 13.63 -17.53
CA LYS A 1708 26.86 13.97 -16.87
C LYS A 1708 26.74 15.30 -16.12
N SER A 1709 25.50 15.73 -15.85
CA SER A 1709 25.31 17.01 -15.18
C SER A 1709 25.91 16.99 -13.79
N LYS A 1710 25.73 15.89 -13.04
CA LYS A 1710 26.38 15.78 -11.75
C LYS A 1710 27.89 15.76 -11.90
N HIS A 1711 28.39 15.00 -12.87
CA HIS A 1711 29.83 14.94 -13.07
C HIS A 1711 30.37 16.28 -13.57
N LEU A 1712 29.61 16.98 -14.43
CA LEU A 1712 30.04 18.29 -14.88
C LEU A 1712 30.08 19.31 -13.75
N GLN A 1713 29.12 19.22 -12.82
CA GLN A 1713 29.19 20.09 -11.65
C GLN A 1713 30.37 19.71 -10.76
N PHE A 1714 30.71 18.42 -10.71
CA PHE A 1714 31.87 18.00 -9.93
C PHE A 1714 33.17 18.47 -10.55
N ILE A 1715 33.20 18.59 -11.89
CA ILE A 1715 34.42 19.08 -12.61
C ILE A 1715 34.60 20.54 -12.21
N SER A 1716 33.53 21.18 -11.74
CA SER A 1716 33.63 22.57 -11.23
C SER A 1716 33.96 22.50 -9.74
N GLY A 1717 33.89 23.63 -9.04
CA GLY A 1717 34.30 23.66 -7.62
C GLY A 1717 33.45 22.80 -6.70
N VAL A 1718 32.22 22.44 -7.10
CA VAL A 1718 31.31 21.71 -6.16
C VAL A 1718 32.02 20.45 -5.67
N SER A 1719 32.00 20.22 -4.35
CA SER A 1719 32.63 19.01 -3.78
C SER A 1719 31.56 18.23 -3.01
N PRO A 1720 31.62 16.86 -2.94
CA PRO A 1720 30.47 15.98 -2.65
C PRO A 1720 29.71 16.38 -1.41
N THR A 1721 30.40 16.86 -0.38
CA THR A 1721 29.73 17.27 0.85
C THR A 1721 28.75 18.41 0.59
N THR A 1722 29.20 19.45 -0.12
CA THR A 1722 28.34 20.60 -0.40
C THR A 1722 27.14 20.18 -1.25
N TYR A 1723 27.38 19.36 -2.27
CA TYR A 1723 26.30 18.92 -3.14
C TYR A 1723 25.24 18.17 -2.34
N TRP A 1724 25.67 17.23 -1.50
CA TRP A 1724 24.71 16.41 -0.78
C TRP A 1724 24.00 17.21 0.30
N VAL A 1725 24.71 18.11 0.98
CA VAL A 1725 24.07 18.93 2.02
C VAL A 1725 23.02 19.84 1.41
N THR A 1726 23.33 20.49 0.28
CA THR A 1726 22.36 21.36 -0.36
C THR A 1726 21.15 20.57 -0.85
N ASN A 1727 21.37 19.38 -1.41
CA ASN A 1727 20.25 18.56 -1.84
C ASN A 1727 19.38 18.17 -0.65
N PHE A 1728 20.01 17.87 0.49
CA PHE A 1728 19.26 17.52 1.68
C PHE A 1728 18.42 18.69 2.17
N LEU A 1729 18.98 19.90 2.10
CA LEU A 1729 18.21 21.09 2.50
C LEU A 1729 16.98 21.25 1.61
N TRP A 1730 17.15 21.10 0.30
CA TRP A 1730 16.00 21.26 -0.59
C TRP A 1730 14.94 20.20 -0.31
N ASP A 1731 15.38 18.95 -0.11
CA ASP A 1731 14.42 17.89 0.15
C ASP A 1731 13.69 18.12 1.47
N ILE A 1732 14.39 18.61 2.49
CA ILE A 1732 13.75 18.93 3.76
C ILE A 1732 12.69 20.00 3.57
N MET A 1733 13.00 21.03 2.78
CA MET A 1733 12.00 22.08 2.55
C MET A 1733 10.74 21.51 1.88
N ASN A 1734 10.92 20.70 0.85
CA ASN A 1734 9.75 20.17 0.14
C ASN A 1734 8.92 19.24 1.04
N TYR A 1735 9.59 18.34 1.77
CA TYR A 1735 8.85 17.48 2.68
C TYR A 1735 8.16 18.28 3.76
N SER A 1736 8.78 19.37 4.24
CA SER A 1736 8.13 20.20 5.23
C SER A 1736 6.85 20.81 4.68
N VAL A 1737 6.87 21.21 3.41
CA VAL A 1737 5.63 21.72 2.80
C VAL A 1737 4.55 20.65 2.82
N SER A 1738 4.90 19.43 2.40
CA SER A 1738 3.90 18.36 2.35
C SER A 1738 3.36 18.04 3.74
N ALA A 1739 4.24 17.94 4.74
CA ALA A 1739 3.81 17.65 6.09
C ALA A 1739 2.96 18.78 6.67
N GLY A 1740 3.28 20.03 6.34
CA GLY A 1740 2.44 21.12 6.76
C GLY A 1740 1.04 21.01 6.18
N LEU A 1741 0.94 20.58 4.91
CA LEU A 1741 -0.37 20.37 4.32
C LEU A 1741 -1.16 19.30 5.08
N VAL A 1742 -0.50 18.18 5.40
CA VAL A 1742 -1.19 17.10 6.11
C VAL A 1742 -1.66 17.57 7.49
N VAL A 1743 -0.78 18.24 8.22
CA VAL A 1743 -1.13 18.71 9.56
C VAL A 1743 -2.26 19.73 9.50
N GLY A 1744 -2.22 20.64 8.52
CA GLY A 1744 -3.32 21.58 8.36
C GLY A 1744 -4.64 20.88 8.07
N ILE A 1745 -4.59 19.80 7.29
CA ILE A 1745 -5.81 19.03 7.04
C ILE A 1745 -6.35 18.43 8.32
N PHE A 1746 -5.47 17.86 9.14
CA PHE A 1746 -5.91 17.29 10.42
C PHE A 1746 -6.50 18.35 11.33
N ILE A 1747 -5.88 19.53 11.39
CA ILE A 1747 -6.46 20.63 12.18
C ILE A 1747 -7.84 21.00 11.64
N GLY A 1748 -7.99 21.00 10.32
CA GLY A 1748 -9.26 21.39 9.74
C GLY A 1748 -10.37 20.40 10.07
N PHE A 1749 -10.06 19.11 10.09
CA PHE A 1749 -11.11 18.13 10.36
C PHE A 1749 -11.26 17.80 11.83
N GLN A 1750 -10.53 18.48 12.71
CA GLN A 1750 -10.71 18.37 14.16
C GLN A 1750 -10.65 16.93 14.64
N LYS A 1751 -9.70 16.18 14.13
CA LYS A 1751 -9.44 14.82 14.63
C LYS A 1751 -8.84 14.95 16.01
N LYS A 1752 -9.65 14.72 17.04
CA LYS A 1752 -9.22 14.99 18.41
C LYS A 1752 -8.04 14.13 18.82
N ALA A 1753 -7.89 12.94 18.21
CA ALA A 1753 -6.81 12.05 18.60
C ALA A 1753 -5.44 12.67 18.34
N TYR A 1754 -5.31 13.45 17.26
CA TYR A 1754 -4.03 14.01 16.84
C TYR A 1754 -3.92 15.51 17.06
N THR A 1755 -5.01 16.26 16.91
CA THR A 1755 -4.97 17.72 16.95
C THR A 1755 -5.41 18.29 18.29
N SER A 1756 -5.54 17.45 19.32
CA SER A 1756 -5.80 17.95 20.65
C SER A 1756 -4.62 18.78 21.13
N PRO A 1757 -4.87 19.84 21.92
CA PRO A 1757 -3.78 20.76 22.31
C PRO A 1757 -2.65 20.07 23.06
N GLU A 1758 -2.85 18.82 23.45
CA GLU A 1758 -1.79 18.04 24.07
C GLU A 1758 -1.12 17.07 23.10
N ASN A 1759 -1.77 16.76 21.98
CA ASN A 1759 -1.24 15.77 21.03
C ASN A 1759 -0.80 16.38 19.71
N LEU A 1760 -0.80 17.71 19.58
CA LEU A 1760 -0.38 18.34 18.33
C LEU A 1760 1.15 18.36 18.21
N PRO A 1761 1.89 18.76 19.25
CA PRO A 1761 3.36 18.67 19.13
C PRO A 1761 3.85 17.28 18.85
N ALA A 1762 3.19 16.25 19.38
CA ALA A 1762 3.60 14.88 19.07
C ALA A 1762 3.49 14.60 17.57
N LEU A 1763 2.37 14.99 16.96
CA LEU A 1763 2.20 14.77 15.52
C LEU A 1763 3.23 15.56 14.72
N VAL A 1764 3.43 16.83 15.07
CA VAL A 1764 4.39 17.64 14.32
C VAL A 1764 5.78 17.04 14.39
N ALA A 1765 6.22 16.69 15.60
CA ALA A 1765 7.55 16.09 15.77
C ALA A 1765 7.65 14.78 15.01
N LEU A 1766 6.60 13.95 15.08
CA LEU A 1766 6.62 12.67 14.38
C LEU A 1766 6.83 12.86 12.88
N LEU A 1767 6.00 13.71 12.27
CA LEU A 1767 6.07 13.88 10.82
C LEU A 1767 7.41 14.50 10.40
N LEU A 1768 7.82 15.58 11.07
CA LEU A 1768 9.05 16.26 10.66
C LEU A 1768 10.26 15.37 10.85
N LEU A 1769 10.33 14.64 11.97
CA LEU A 1769 11.48 13.76 12.17
C LEU A 1769 11.46 12.57 11.23
N TYR A 1770 10.27 12.08 10.85
CA TYR A 1770 10.24 11.03 9.84
C TYR A 1770 10.78 11.53 8.52
N GLY A 1771 10.43 12.76 8.15
CA GLY A 1771 11.02 13.35 6.95
C GLY A 1771 12.53 13.48 7.07
N TRP A 1772 13.01 13.97 8.21
CA TRP A 1772 14.44 14.10 8.44
C TRP A 1772 15.16 12.77 8.45
N ALA A 1773 14.47 11.68 8.76
CA ALA A 1773 15.14 10.39 8.93
C ALA A 1773 14.99 9.43 7.77
N VAL A 1774 14.05 9.64 6.87
CA VAL A 1774 13.87 8.69 5.77
C VAL A 1774 14.52 9.17 4.46
N ILE A 1775 14.73 10.46 4.29
CA ILE A 1775 15.32 10.98 3.05
C ILE A 1775 16.76 10.50 2.88
N PRO A 1776 17.64 10.63 3.89
CA PRO A 1776 19.01 10.11 3.72
C PRO A 1776 19.04 8.60 3.62
N MET A 1777 17.91 7.95 3.84
CA MET A 1777 17.78 6.54 3.53
C MET A 1777 17.47 6.29 2.06
N MET A 1778 16.86 7.26 1.40
CA MET A 1778 16.61 7.19 -0.03
C MET A 1778 17.75 7.73 -0.88
N TYR A 1779 18.68 8.48 -0.28
CA TYR A 1779 19.82 8.95 -1.06
C TYR A 1779 20.69 7.83 -1.61
N PRO A 1780 21.13 6.84 -0.82
CA PRO A 1780 21.99 5.80 -1.39
C PRO A 1780 21.36 4.97 -2.48
N ALA A 1781 20.03 4.95 -2.58
CA ALA A 1781 19.38 4.20 -3.64
C ALA A 1781 19.50 4.86 -5.00
N SER A 1782 20.02 6.08 -5.07
CA SER A 1782 20.22 6.76 -6.35
C SER A 1782 21.46 6.27 -7.07
N PHE A 1783 22.26 5.40 -6.46
CA PHE A 1783 23.42 4.82 -7.11
C PHE A 1783 23.15 3.44 -7.70
N LEU A 1784 21.97 2.87 -7.48
CA LEU A 1784 21.64 1.56 -8.01
C LEU A 1784 20.90 1.65 -9.34
N PHE A 1785 19.73 2.28 -9.33
CA PHE A 1785 18.90 2.37 -10.52
C PHE A 1785 19.49 3.37 -11.50
N ASP A 1786 19.44 3.02 -12.79
CA ASP A 1786 19.99 3.86 -13.84
C ASP A 1786 18.92 4.47 -14.72
N VAL A 1787 17.66 4.43 -14.28
CA VAL A 1787 16.57 5.08 -15.00
C VAL A 1787 15.59 5.65 -13.99
N PRO A 1788 15.28 6.94 -14.05
CA PRO A 1788 14.27 7.50 -13.16
C PRO A 1788 12.90 6.94 -13.50
N SER A 1789 12.00 7.02 -12.53
CA SER A 1789 10.65 6.47 -12.51
C SER A 1789 10.63 4.97 -12.34
N THR A 1790 11.78 4.31 -12.35
CA THR A 1790 11.90 2.94 -11.87
C THR A 1790 12.45 2.87 -10.46
N ALA A 1791 13.35 3.79 -10.12
CA ALA A 1791 13.70 3.99 -8.72
C ALA A 1791 12.50 4.51 -7.93
N TYR A 1792 11.71 5.39 -8.54
CA TYR A 1792 10.55 5.93 -7.85
C TYR A 1792 9.57 4.83 -7.48
N VAL A 1793 9.22 3.97 -8.44
CA VAL A 1793 8.26 2.91 -8.18
C VAL A 1793 8.81 1.93 -7.16
N ALA A 1794 10.05 1.50 -7.33
CA ALA A 1794 10.61 0.50 -6.43
C ALA A 1794 10.72 1.03 -5.00
N LEU A 1795 11.24 2.24 -4.83
CA LEU A 1795 11.37 2.79 -3.50
C LEU A 1795 10.01 3.04 -2.86
N SER A 1796 9.05 3.55 -3.64
CA SER A 1796 7.72 3.78 -3.10
C SER A 1796 7.07 2.47 -2.64
N CYS A 1797 7.20 1.42 -3.44
CA CYS A 1797 6.62 0.13 -3.06
C CYS A 1797 7.32 -0.46 -1.84
N ALA A 1798 8.64 -0.31 -1.75
CA ALA A 1798 9.34 -0.81 -0.57
C ALA A 1798 8.90 -0.08 0.69
N ASN A 1799 8.80 1.25 0.63
CA ASN A 1799 8.35 2.01 1.79
C ASN A 1799 6.93 1.63 2.17
N LEU A 1800 6.05 1.52 1.18
CA LEU A 1800 4.68 1.06 1.43
C LEU A 1800 4.68 -0.26 2.17
N PHE A 1801 5.41 -1.24 1.66
CA PHE A 1801 5.40 -2.57 2.25
C PHE A 1801 5.91 -2.52 3.69
N ILE A 1802 7.04 -1.87 3.92
CA ILE A 1802 7.64 -1.87 5.26
C ILE A 1802 6.70 -1.18 6.25
N GLY A 1803 6.23 0.02 5.92
CA GLY A 1803 5.39 0.75 6.85
C GLY A 1803 4.08 0.06 7.14
N ILE A 1804 3.40 -0.41 6.08
CA ILE A 1804 2.11 -1.06 6.26
C ILE A 1804 2.26 -2.35 7.04
N ASN A 1805 3.30 -3.14 6.76
CA ASN A 1805 3.47 -4.38 7.50
C ASN A 1805 3.77 -4.11 8.96
N SER A 1806 4.62 -3.13 9.27
CA SER A 1806 4.94 -2.84 10.66
C SER A 1806 3.71 -2.37 11.43
N SER A 1807 2.92 -1.49 10.82
CA SER A 1807 1.71 -1.01 11.51
C SER A 1807 0.67 -2.11 11.65
N ALA A 1808 0.51 -2.95 10.62
CA ALA A 1808 -0.41 -4.07 10.73
C ALA A 1808 0.00 -5.01 11.85
N ILE A 1809 1.31 -5.26 12.00
CA ILE A 1809 1.76 -6.11 13.09
C ILE A 1809 1.45 -5.48 14.43
N THR A 1810 1.80 -4.20 14.61
CA THR A 1810 1.58 -3.58 15.91
C THR A 1810 0.10 -3.35 16.19
N PHE A 1811 -0.75 -3.60 15.19
CA PHE A 1811 -2.20 -3.39 15.42
C PHE A 1811 -2.89 -4.74 15.64
N ILE A 1812 -2.92 -5.59 14.62
CA ILE A 1812 -3.67 -6.87 14.71
C ILE A 1812 -3.09 -7.73 15.85
N LEU A 1813 -1.76 -7.84 15.94
CA LEU A 1813 -1.18 -8.73 16.97
C LEU A 1813 -1.58 -8.20 18.35
N GLU A 1814 -1.48 -6.88 18.55
CA GLU A 1814 -1.79 -6.30 19.88
C GLU A 1814 -3.27 -6.59 20.20
N LEU A 1815 -4.15 -6.46 19.21
CA LEU A 1815 -5.61 -6.56 19.49
C LEU A 1815 -6.07 -8.01 19.62
N PHE A 1816 -5.55 -8.92 18.80
CA PHE A 1816 -6.08 -10.32 18.81
C PHE A 1816 -4.99 -11.39 18.93
N GLU A 1817 -3.97 -11.19 19.79
CA GLU A 1817 -2.96 -12.25 20.00
C GLU A 1817 -2.79 -12.51 21.50
N ASN A 1818 -3.77 -13.20 22.11
CA ASN A 1818 -3.73 -13.49 23.57
C ASN A 1818 -2.56 -14.42 23.91
N ASN A 1819 -2.12 -15.28 22.98
CA ASN A 1819 -1.08 -16.28 23.32
C ASN A 1819 0.18 -15.58 23.84
N ARG A 1820 0.73 -16.09 24.95
CA ARG A 1820 1.91 -15.44 25.60
C ARG A 1820 3.20 -15.75 24.82
N THR A 1821 3.25 -16.88 24.11
CA THR A 1821 4.47 -17.23 23.33
C THR A 1821 4.67 -16.24 22.18
N LEU A 1822 3.57 -15.89 21.49
CA LEU A 1822 3.65 -14.89 20.39
C LEU A 1822 4.16 -13.57 20.97
N LEU A 1823 3.59 -13.17 22.12
CA LEU A 1823 3.90 -11.83 22.70
C LEU A 1823 5.41 -11.75 22.96
N ARG A 1824 6.01 -12.84 23.43
CA ARG A 1824 7.46 -12.83 23.74
C ARG A 1824 8.26 -12.53 22.47
N PHE A 1825 7.91 -13.18 21.35
CA PHE A 1825 8.60 -12.90 20.06
C PHE A 1825 8.30 -11.47 19.62
N ASN A 1826 7.04 -11.04 19.77
CA ASN A 1826 6.61 -9.68 19.34
C ASN A 1826 7.43 -8.64 20.10
N ALA A 1827 7.49 -8.76 21.42
CA ALA A 1827 8.24 -7.77 22.23
C ALA A 1827 9.64 -7.60 21.66
N VAL A 1828 10.30 -8.70 21.29
CA VAL A 1828 11.70 -8.63 20.76
C VAL A 1828 11.67 -7.83 19.46
N LEU A 1829 10.75 -8.18 18.56
CA LEU A 1829 10.65 -7.67 17.20
C LEU A 1829 10.47 -6.15 17.19
N ARG A 1830 9.85 -5.58 18.22
CA ARG A 1830 9.87 -4.12 18.36
C ARG A 1830 11.30 -3.58 18.30
N LYS A 1831 12.19 -4.15 19.12
CA LYS A 1831 13.57 -3.66 19.16
C LYS A 1831 14.34 -4.04 17.91
N LEU A 1832 13.98 -5.14 17.25
CA LEU A 1832 14.62 -5.45 15.98
C LEU A 1832 14.22 -4.45 14.89
N LEU A 1833 12.95 -4.05 14.87
CA LEU A 1833 12.43 -3.20 13.79
C LEU A 1833 12.56 -1.72 14.09
N ILE A 1834 13.06 -1.33 15.26
CA ILE A 1834 13.30 0.09 15.54
C ILE A 1834 14.16 0.72 14.44
N VAL A 1835 14.89 -0.10 13.67
CA VAL A 1835 15.88 0.41 12.72
C VAL A 1835 15.21 1.11 11.54
N PHE A 1836 13.94 0.81 11.28
CA PHE A 1836 13.27 1.41 10.13
C PHE A 1836 12.40 2.57 10.58
N PRO A 1837 12.65 3.80 10.08
CA PRO A 1837 11.82 4.94 10.49
C PRO A 1837 10.35 4.80 10.12
N HIS A 1838 10.04 4.02 9.09
CA HIS A 1838 8.63 3.78 8.77
C HIS A 1838 7.92 3.09 9.92
N PHE A 1839 8.60 2.12 10.54
CA PHE A 1839 8.05 1.44 11.70
C PHE A 1839 7.82 2.43 12.84
N CYS A 1840 8.75 3.35 13.02
CA CYS A 1840 8.63 4.35 14.08
C CYS A 1840 7.41 5.24 13.85
N LEU A 1841 7.22 5.71 12.63
CA LEU A 1841 6.05 6.54 12.34
C LEU A 1841 4.76 5.76 12.52
N GLY A 1842 4.75 4.50 12.08
CA GLY A 1842 3.54 3.70 12.22
C GLY A 1842 3.16 3.48 13.68
N ARG A 1843 4.14 3.11 14.50
CA ARG A 1843 3.89 2.94 15.92
C ARG A 1843 3.42 4.24 16.55
N GLY A 1844 4.04 5.36 16.19
CA GLY A 1844 3.63 6.63 16.75
C GLY A 1844 2.17 6.95 16.44
N LEU A 1845 1.78 6.79 15.18
CA LEU A 1845 0.41 7.11 14.81
C LEU A 1845 -0.61 6.17 15.46
N ILE A 1846 -0.32 4.87 15.45
CA ILE A 1846 -1.27 3.92 16.01
C ILE A 1846 -1.41 4.11 17.52
N ASP A 1847 -0.29 4.36 18.22
CA ASP A 1847 -0.37 4.61 19.65
C ASP A 1847 -1.09 5.91 19.96
N LEU A 1848 -0.89 6.95 19.14
CA LEU A 1848 -1.65 8.18 19.34
C LEU A 1848 -3.14 7.97 19.12
N ALA A 1849 -3.53 7.02 18.27
CA ALA A 1849 -4.96 6.70 18.15
C ALA A 1849 -5.47 5.93 19.36
N LEU A 1850 -4.72 4.91 19.78
CA LEU A 1850 -5.18 4.04 20.86
C LEU A 1850 -5.25 4.78 22.19
N SER A 1851 -4.27 5.65 22.46
CA SER A 1851 -4.30 6.41 23.70
C SER A 1851 -5.53 7.28 23.79
N GLN A 1852 -5.88 7.95 22.69
CA GLN A 1852 -7.09 8.78 22.69
C GLN A 1852 -8.34 7.92 22.83
N ALA A 1853 -8.36 6.75 22.20
CA ALA A 1853 -9.52 5.87 22.36
C ALA A 1853 -9.71 5.48 23.83
N VAL A 1854 -8.62 5.11 24.50
CA VAL A 1854 -8.71 4.72 25.90
C VAL A 1854 -9.11 5.90 26.77
N THR A 1855 -8.57 7.08 26.47
CA THR A 1855 -8.94 8.27 27.24
C THR A 1855 -10.41 8.60 27.07
N ASP A 1856 -10.95 8.44 25.86
CA ASP A 1856 -12.38 8.67 25.65
C ASP A 1856 -13.21 7.67 26.43
N VAL A 1857 -12.79 6.40 26.43
CA VAL A 1857 -13.52 5.38 27.20
C VAL A 1857 -13.54 5.77 28.67
N TYR A 1858 -12.39 6.20 29.21
CA TYR A 1858 -12.34 6.58 30.62
C TYR A 1858 -13.20 7.80 30.91
N ALA A 1859 -13.11 8.84 30.07
CA ALA A 1859 -13.88 10.05 30.29
C ALA A 1859 -15.37 9.83 30.13
N ARG A 1860 -15.77 8.75 29.44
CA ARG A 1860 -17.19 8.43 29.34
C ARG A 1860 -17.78 8.15 30.72
N PHE A 1861 -17.04 7.41 31.56
CA PHE A 1861 -17.51 7.15 32.91
C PHE A 1861 -17.40 8.38 33.81
N GLY A 1862 -16.37 9.21 33.61
CA GLY A 1862 -16.25 10.42 34.40
C GLY A 1862 -14.98 10.55 35.22
N GLU A 1863 -13.87 9.99 34.73
CA GLU A 1863 -12.58 10.13 35.41
C GLU A 1863 -11.69 11.18 34.78
N GLU A 1864 -11.81 11.44 33.48
CA GLU A 1864 -10.99 12.41 32.75
C GLU A 1864 -9.50 12.20 33.02
N HIS A 1865 -9.00 11.05 32.56
CA HIS A 1865 -7.58 10.76 32.65
C HIS A 1865 -6.85 11.37 31.45
N SER A 1866 -5.85 12.20 31.74
CA SER A 1866 -5.09 12.90 30.71
C SER A 1866 -3.65 12.42 30.70
N ALA A 1867 -3.10 12.27 29.49
CA ALA A 1867 -1.77 11.71 29.30
C ALA A 1867 -0.94 12.64 28.43
N ASN A 1868 0.38 12.62 28.65
CA ASN A 1868 1.32 13.30 27.78
C ASN A 1868 1.91 12.30 26.79
N PRO A 1869 2.03 12.64 25.51
CA PRO A 1869 2.49 11.64 24.53
C PRO A 1869 3.98 11.40 24.56
N PHE A 1870 4.77 12.32 25.11
CA PHE A 1870 6.23 12.26 24.99
C PHE A 1870 6.88 11.33 26.00
N HIS A 1871 6.13 10.42 26.60
CA HIS A 1871 6.73 9.44 27.51
C HIS A 1871 7.70 8.55 26.76
N TRP A 1872 8.86 8.29 27.36
CA TRP A 1872 9.93 7.60 26.63
C TRP A 1872 9.54 6.20 26.19
N ASP A 1873 8.52 5.60 26.78
CA ASP A 1873 8.04 4.31 26.30
C ASP A 1873 6.96 4.46 25.24
N LEU A 1874 6.31 5.61 25.15
CA LEU A 1874 5.18 5.75 24.24
C LEU A 1874 5.66 6.05 22.82
N ILE A 1875 6.21 7.25 22.60
CA ILE A 1875 6.73 7.61 21.29
C ILE A 1875 8.11 8.25 21.38
N GLY A 1876 8.53 8.63 22.59
CA GLY A 1876 9.80 9.33 22.73
C GLY A 1876 10.97 8.52 22.20
N LYS A 1877 10.94 7.21 22.41
CA LYS A 1877 11.97 6.35 21.84
C LYS A 1877 11.97 6.44 20.33
N ASN A 1878 10.78 6.53 19.71
CA ASN A 1878 10.72 6.67 18.27
C ASN A 1878 11.38 7.97 17.80
N LEU A 1879 11.14 9.07 18.52
CA LEU A 1879 11.72 10.34 18.13
C LEU A 1879 13.24 10.31 18.23
N PHE A 1880 13.77 9.83 19.35
CA PHE A 1880 15.23 9.79 19.50
C PHE A 1880 15.85 8.85 18.47
N ALA A 1881 15.22 7.70 18.24
CA ALA A 1881 15.71 6.78 17.23
C ALA A 1881 15.69 7.42 15.85
N MET A 1882 14.66 8.19 15.54
CA MET A 1882 14.58 8.85 14.24
C MET A 1882 15.72 9.85 14.06
N VAL A 1883 16.02 10.62 15.11
CA VAL A 1883 17.14 11.55 15.03
C VAL A 1883 18.43 10.80 14.71
N VAL A 1884 18.71 9.75 15.49
CA VAL A 1884 19.96 9.01 15.29
C VAL A 1884 19.98 8.37 13.90
N GLU A 1885 18.84 7.84 13.45
CA GLU A 1885 18.78 7.20 12.15
C GLU A 1885 19.07 8.20 11.04
N GLY A 1886 18.51 9.40 11.14
CA GLY A 1886 18.77 10.40 10.12
C GLY A 1886 20.24 10.77 10.02
N VAL A 1887 20.87 11.02 11.18
CA VAL A 1887 22.29 11.38 11.14
C VAL A 1887 23.12 10.23 10.59
N VAL A 1888 22.84 9.01 11.05
CA VAL A 1888 23.64 7.86 10.63
C VAL A 1888 23.49 7.61 9.14
N TYR A 1889 22.26 7.65 8.62
CA TYR A 1889 22.07 7.44 7.19
C TYR A 1889 22.68 8.55 6.35
N PHE A 1890 22.71 9.80 6.82
CA PHE A 1890 23.38 10.82 6.03
C PHE A 1890 24.89 10.57 5.97
N LEU A 1891 25.49 10.24 7.11
CA LEU A 1891 26.92 9.86 7.05
C LEU A 1891 27.12 8.66 6.15
N LEU A 1892 26.19 7.71 6.14
CA LEU A 1892 26.35 6.52 5.31
C LEU A 1892 26.26 6.87 3.83
N THR A 1893 25.37 7.77 3.45
CA THR A 1893 25.28 8.13 2.03
C THR A 1893 26.51 8.93 1.60
N LEU A 1894 27.07 9.75 2.49
CA LEU A 1894 28.34 10.39 2.15
C LEU A 1894 29.43 9.36 1.94
N LEU A 1895 29.48 8.34 2.81
CA LEU A 1895 30.48 7.29 2.65
C LEU A 1895 30.31 6.53 1.34
N VAL A 1896 29.06 6.21 0.99
CA VAL A 1896 28.81 5.51 -0.28
C VAL A 1896 29.24 6.38 -1.45
N GLN A 1897 29.00 7.68 -1.37
CA GLN A 1897 29.50 8.58 -2.41
C GLN A 1897 31.02 8.50 -2.52
N ARG A 1898 31.72 8.63 -1.40
CA ARG A 1898 33.18 8.75 -1.45
C ARG A 1898 33.83 7.43 -1.83
N HIS A 1899 33.42 6.33 -1.19
CA HIS A 1899 34.05 5.03 -1.37
C HIS A 1899 33.17 4.12 -2.21
N PHE A 1900 33.80 3.29 -3.03
CA PHE A 1900 33.14 2.31 -3.90
C PHE A 1900 31.82 2.83 -4.47
N PHE A 1901 31.87 4.03 -5.05
CA PHE A 1901 30.67 4.60 -5.66
C PHE A 1901 30.24 3.78 -6.87
N LEU A 1902 28.95 3.51 -6.96
CA LEU A 1902 28.41 2.71 -8.05
C LEU A 1902 27.94 3.60 -9.21
N ASP A 1916 56.70 -3.57 -31.50
CA ASP A 1916 57.44 -2.73 -32.43
C ASP A 1916 56.49 -1.65 -32.97
N GLU A 1917 56.60 -0.45 -32.42
CA GLU A 1917 55.76 0.66 -32.83
C GLU A 1917 56.54 1.58 -33.75
N ASP A 1918 55.95 2.74 -34.06
CA ASP A 1918 56.55 3.69 -34.98
C ASP A 1918 57.79 4.32 -34.33
N ASP A 1919 58.42 5.25 -35.05
CA ASP A 1919 59.59 5.94 -34.53
C ASP A 1919 59.23 7.15 -33.68
N ASP A 1920 58.24 7.94 -34.12
CA ASP A 1920 57.86 9.13 -33.35
C ASP A 1920 57.21 8.76 -32.03
N VAL A 1921 56.33 7.76 -32.04
CA VAL A 1921 55.70 7.33 -30.79
C VAL A 1921 56.73 6.78 -29.84
N ALA A 1922 57.68 5.99 -30.35
CA ALA A 1922 58.74 5.46 -29.50
C ALA A 1922 59.61 6.56 -28.93
N GLU A 1923 59.93 7.57 -29.74
CA GLU A 1923 60.73 8.69 -29.25
C GLU A 1923 60.00 9.43 -28.14
N GLU A 1924 58.70 9.68 -28.31
CA GLU A 1924 57.95 10.33 -27.26
C GLU A 1924 57.86 9.47 -26.00
N ARG A 1925 57.70 8.16 -26.18
CA ARG A 1925 57.65 7.27 -25.03
C ARG A 1925 58.95 7.32 -24.24
N GLN A 1926 60.09 7.33 -24.94
CA GLN A 1926 61.36 7.50 -24.25
C GLN A 1926 61.43 8.84 -23.55
N ARG A 1927 60.98 9.91 -24.22
CA ARG A 1927 61.05 11.24 -23.61
C ARG A 1927 60.25 11.30 -22.33
N ILE A 1928 59.08 10.67 -22.29
CA ILE A 1928 58.29 10.65 -21.07
C ILE A 1928 58.90 9.74 -20.02
N ILE A 1929 59.36 8.54 -20.41
CA ILE A 1929 59.79 7.56 -19.43
C ILE A 1929 61.10 7.99 -18.77
N THR A 1930 62.14 8.25 -19.57
CA THR A 1930 63.44 8.53 -18.99
C THR A 1930 63.41 9.79 -18.13
N GLY A 1931 63.19 10.95 -18.74
CA GLY A 1931 63.05 12.15 -17.95
C GLY A 1931 61.83 12.96 -18.35
N GLY A 1932 60.86 13.04 -17.44
CA GLY A 1932 59.66 13.80 -17.72
C GLY A 1932 59.96 15.28 -17.84
N ASN A 1933 59.29 15.94 -18.76
CA ASN A 1933 59.51 17.36 -18.95
C ASN A 1933 58.81 18.15 -17.84
N LYS A 1934 59.35 19.33 -17.57
CA LYS A 1934 58.86 20.18 -16.47
C LYS A 1934 58.01 21.34 -16.96
N THR A 1935 57.65 21.37 -18.24
CA THR A 1935 56.82 22.43 -18.78
C THR A 1935 55.46 21.97 -19.27
N ASP A 1936 55.22 20.67 -19.38
CA ASP A 1936 53.95 20.18 -19.86
C ASP A 1936 52.85 20.40 -18.82
N ILE A 1937 51.62 20.48 -19.30
CA ILE A 1937 50.47 20.53 -18.41
C ILE A 1937 49.95 19.12 -18.23
N LEU A 1938 49.59 18.47 -19.33
CA LEU A 1938 49.11 17.10 -19.30
C LEU A 1938 50.26 16.16 -19.65
N ARG A 1939 50.54 15.22 -18.76
CA ARG A 1939 51.66 14.29 -18.95
C ARG A 1939 51.13 12.87 -18.75
N LEU A 1940 50.61 12.28 -19.82
CA LEU A 1940 50.12 10.90 -19.75
C LEU A 1940 51.33 9.99 -19.57
N HIS A 1941 51.13 8.85 -18.90
CA HIS A 1941 52.23 7.93 -18.62
C HIS A 1941 51.67 6.52 -18.44
N GLU A 1942 51.79 5.70 -19.48
CA GLU A 1942 51.32 4.31 -19.46
C GLU A 1942 49.86 4.20 -19.04
N LEU A 1943 49.01 5.03 -19.64
CA LEU A 1943 47.58 4.89 -19.41
C LEU A 1943 47.07 3.62 -20.06
N THR A 1944 46.10 2.97 -19.41
CA THR A 1944 45.55 1.71 -19.89
C THR A 1944 44.19 1.50 -19.27
N LYS A 1945 43.28 0.89 -20.03
CA LYS A 1945 42.00 0.48 -19.47
C LYS A 1945 41.50 -0.75 -20.20
N ILE A 1946 41.17 -1.79 -19.46
CA ILE A 1946 40.54 -2.99 -19.99
C ILE A 1946 39.12 -3.03 -19.46
N TYR A 1947 38.15 -2.90 -20.35
CA TYR A 1947 36.76 -2.87 -19.92
C TYR A 1947 36.35 -4.22 -19.35
N PRO A 1948 35.49 -4.23 -18.33
CA PRO A 1948 35.15 -5.49 -17.67
C PRO A 1948 34.46 -6.49 -18.59
N GLY A 1949 35.11 -7.61 -18.84
CA GLY A 1949 34.57 -8.63 -19.71
C GLY A 1949 34.79 -8.31 -21.18
N THR A 1950 36.01 -7.93 -21.53
CA THR A 1950 36.33 -7.61 -22.92
C THR A 1950 37.56 -8.37 -23.38
N SER A 1951 38.52 -8.56 -22.47
CA SER A 1951 39.77 -9.27 -22.73
C SER A 1951 40.60 -8.61 -23.83
N SER A 1952 40.41 -7.32 -24.05
CA SER A 1952 41.19 -6.56 -25.02
C SER A 1952 41.13 -5.08 -24.64
N PRO A 1953 42.27 -4.42 -24.49
CA PRO A 1953 42.26 -3.06 -23.93
C PRO A 1953 41.58 -2.08 -24.87
N ALA A 1954 40.60 -1.34 -24.33
CA ALA A 1954 39.99 -0.26 -25.10
C ALA A 1954 41.02 0.81 -25.43
N VAL A 1955 41.82 1.19 -24.43
CA VAL A 1955 42.98 2.12 -24.59
C VAL A 1955 44.21 1.55 -23.90
N ASP A 1956 45.33 1.39 -24.61
CA ASP A 1956 46.51 0.71 -24.02
C ASP A 1956 47.83 1.47 -24.23
N ARG A 1957 48.59 1.73 -23.15
CA ARG A 1957 49.95 2.34 -23.25
C ARG A 1957 50.04 3.69 -23.99
N LEU A 1958 49.26 4.70 -23.59
CA LEU A 1958 49.40 6.05 -24.20
C LEU A 1958 50.48 6.86 -23.45
N CYS A 1959 51.34 7.58 -24.18
CA CYS A 1959 52.37 8.48 -23.63
C CYS A 1959 52.43 9.71 -24.51
N VAL A 1960 51.84 10.81 -24.04
CA VAL A 1960 51.93 12.10 -24.71
C VAL A 1960 52.18 13.18 -23.67
N GLY A 1961 52.65 14.33 -24.15
CA GLY A 1961 52.81 15.48 -23.29
C GLY A 1961 52.36 16.73 -24.00
N VAL A 1962 51.39 17.44 -23.42
CA VAL A 1962 50.81 18.61 -24.04
C VAL A 1962 51.42 19.85 -23.40
N ARG A 1963 52.16 20.61 -24.20
CA ARG A 1963 52.77 21.85 -23.75
C ARG A 1963 51.69 22.91 -23.58
N PRO A 1964 51.98 24.00 -22.88
CA PRO A 1964 50.93 24.99 -22.59
C PRO A 1964 50.62 25.93 -23.75
N GLY A 1965 51.03 25.59 -24.97
CA GLY A 1965 50.73 26.47 -26.08
C GLY A 1965 50.35 25.80 -27.37
N GLU A 1966 49.73 24.62 -27.32
CA GLU A 1966 49.43 23.89 -28.55
C GLU A 1966 48.08 23.20 -28.43
N CYS A 1967 47.46 22.96 -29.59
CA CYS A 1967 46.16 22.29 -29.67
C CYS A 1967 46.37 20.86 -30.17
N PHE A 1968 46.72 19.99 -29.23
CA PHE A 1968 46.90 18.58 -29.53
C PHE A 1968 45.61 17.97 -30.05
N GLY A 1969 45.65 17.42 -31.26
CA GLY A 1969 44.46 16.87 -31.89
C GLY A 1969 44.42 15.36 -31.90
N LEU A 1970 43.40 14.77 -31.29
CA LEU A 1970 43.32 13.32 -31.10
C LEU A 1970 42.38 12.71 -32.13
N LEU A 1971 42.86 12.56 -33.35
CA LEU A 1971 42.07 11.87 -34.37
C LEU A 1971 41.97 10.40 -34.06
N GLY A 1972 41.08 9.71 -34.77
CA GLY A 1972 40.97 8.27 -34.60
C GLY A 1972 39.77 7.64 -35.26
N VAL A 1973 39.93 6.38 -35.66
CA VAL A 1973 38.82 5.60 -36.21
C VAL A 1973 37.75 5.42 -35.12
N ASN A 1974 36.52 5.13 -35.56
CA ASN A 1974 35.45 4.88 -34.61
C ASN A 1974 35.78 3.69 -33.71
N GLY A 1975 35.47 3.83 -32.44
CA GLY A 1975 35.74 2.78 -31.49
C GLY A 1975 37.21 2.50 -31.34
N ALA A 1976 38.01 3.56 -31.29
CA ALA A 1976 39.45 3.43 -31.10
C ALA A 1976 39.90 3.77 -29.69
N GLY A 1977 39.04 4.39 -28.88
CA GLY A 1977 39.41 4.70 -27.51
C GLY A 1977 39.74 6.17 -27.29
N LYS A 1978 38.95 7.06 -27.87
CA LYS A 1978 39.15 8.49 -27.67
C LYS A 1978 38.36 9.01 -26.48
N THR A 1979 37.04 8.81 -26.50
CA THR A 1979 36.20 9.28 -25.39
C THR A 1979 36.58 8.60 -24.08
N THR A 1980 37.06 7.36 -24.14
CA THR A 1980 37.52 6.70 -22.92
C THR A 1980 38.72 7.41 -22.32
N THR A 1981 39.62 7.91 -23.16
CA THR A 1981 40.76 8.67 -22.63
C THR A 1981 40.29 9.90 -21.88
N PHE A 1982 39.33 10.63 -22.44
CA PHE A 1982 38.79 11.80 -21.73
C PHE A 1982 38.09 11.38 -20.45
N LYS A 1983 37.33 10.29 -20.49
CA LYS A 1983 36.60 9.86 -19.30
C LYS A 1983 37.56 9.54 -18.17
N MET A 1984 38.66 8.83 -18.46
CA MET A 1984 39.63 8.54 -17.41
C MET A 1984 40.47 9.76 -17.05
N LEU A 1985 40.59 10.73 -17.95
CA LEU A 1985 41.37 11.93 -17.64
C LEU A 1985 40.63 12.84 -16.68
N THR A 1986 39.32 13.01 -16.88
CA THR A 1986 38.55 13.81 -15.94
C THR A 1986 38.30 13.06 -14.64
N GLY A 1987 37.96 11.77 -14.73
CA GLY A 1987 37.77 10.98 -13.54
C GLY A 1987 36.46 10.23 -13.48
N ASP A 1988 35.80 10.07 -14.63
CA ASP A 1988 34.53 9.38 -14.66
C ASP A 1988 34.71 7.89 -14.40
N THR A 1989 35.43 7.20 -15.29
CA THR A 1989 35.67 5.77 -15.13
C THR A 1989 36.94 5.57 -14.30
N THR A 1990 37.42 4.33 -14.23
CA THR A 1990 38.53 3.98 -13.35
C THR A 1990 39.74 3.58 -14.20
N VAL A 1991 40.86 4.26 -13.95
CA VAL A 1991 42.11 3.90 -14.60
C VAL A 1991 42.54 2.50 -14.16
N THR A 1992 43.15 1.76 -15.08
CA THR A 1992 43.67 0.44 -14.77
C THR A 1992 45.18 0.41 -14.56
N SER A 1993 45.93 1.32 -15.17
CA SER A 1993 47.37 1.37 -14.96
C SER A 1993 47.88 2.78 -15.24
N GLY A 1994 48.98 3.12 -14.58
CA GLY A 1994 49.72 4.33 -14.89
C GLY A 1994 49.03 5.60 -14.41
N ASP A 1995 49.84 6.64 -14.27
CA ASP A 1995 49.39 7.96 -13.86
C ASP A 1995 48.96 8.77 -15.07
N ALA A 1996 48.37 9.93 -14.78
CA ALA A 1996 48.09 10.93 -15.81
C ALA A 1996 48.12 12.29 -15.11
N THR A 1997 49.27 12.93 -15.12
CA THR A 1997 49.51 14.11 -14.31
C THR A 1997 49.00 15.35 -15.05
N VAL A 1998 48.14 16.11 -14.39
CA VAL A 1998 47.62 17.36 -14.94
C VAL A 1998 48.24 18.49 -14.12
N ALA A 1999 49.20 19.19 -14.71
CA ALA A 1999 49.83 20.36 -14.09
C ALA A 1999 50.44 20.03 -12.73
N GLY A 2000 50.99 18.82 -12.60
CA GLY A 2000 51.67 18.45 -11.39
C GLY A 2000 50.90 17.50 -10.48
N LYS A 2001 49.58 17.64 -10.45
CA LYS A 2001 48.75 16.88 -9.54
C LYS A 2001 48.24 15.62 -10.25
N SER A 2002 48.58 14.46 -9.72
CA SER A 2002 48.22 13.20 -10.36
C SER A 2002 46.71 13.01 -10.32
N ILE A 2003 46.25 11.94 -10.97
CA ILE A 2003 44.83 11.62 -11.03
C ILE A 2003 44.45 10.57 -9.99
N LEU A 2004 45.24 9.52 -9.86
CA LEU A 2004 44.85 8.41 -8.99
C LEU A 2004 44.74 8.86 -7.53
N THR A 2005 45.71 9.65 -7.07
CA THR A 2005 45.73 10.01 -5.65
C THR A 2005 44.69 11.06 -5.33
N ASN A 2006 44.81 12.25 -5.92
CA ASN A 2006 43.96 13.38 -5.59
C ASN A 2006 43.44 14.03 -6.88
N ILE A 2007 42.11 14.06 -7.02
CA ILE A 2007 41.48 14.52 -8.26
C ILE A 2007 40.89 15.91 -8.13
N SER A 2008 40.82 16.47 -6.92
CA SER A 2008 40.20 17.78 -6.75
C SER A 2008 40.97 18.85 -7.51
N GLU A 2009 42.30 18.84 -7.41
CA GLU A 2009 43.09 19.86 -8.09
C GLU A 2009 43.12 19.63 -9.60
N VAL A 2010 43.14 18.37 -10.04
CA VAL A 2010 43.01 18.08 -11.46
C VAL A 2010 41.72 18.67 -12.00
N HIS A 2011 40.63 18.53 -11.25
CA HIS A 2011 39.37 19.13 -11.66
C HIS A 2011 39.43 20.65 -11.60
N GLN A 2012 40.21 21.21 -10.68
CA GLN A 2012 40.35 22.65 -10.61
C GLN A 2012 41.12 23.21 -11.80
N ASN A 2013 41.93 22.38 -12.44
CA ASN A 2013 42.74 22.81 -13.58
C ASN A 2013 42.27 22.21 -14.89
N MET A 2014 40.96 22.14 -15.11
CA MET A 2014 40.45 21.42 -16.27
C MET A 2014 39.04 21.87 -16.63
N GLY A 2015 38.76 21.93 -17.92
CA GLY A 2015 37.42 22.11 -18.43
C GLY A 2015 37.08 21.06 -19.45
N TYR A 2016 35.89 20.47 -19.38
CA TYR A 2016 35.57 19.29 -20.16
C TYR A 2016 34.26 19.51 -20.90
N CYS A 2017 34.24 19.17 -22.18
CA CYS A 2017 33.03 19.24 -23.01
C CYS A 2017 32.66 17.86 -23.48
N PRO A 2018 31.65 17.22 -22.91
CA PRO A 2018 31.39 15.81 -23.22
C PRO A 2018 30.94 15.62 -24.66
N GLN A 2019 31.17 14.41 -25.17
CA GLN A 2019 30.71 14.09 -26.51
C GLN A 2019 29.20 14.22 -26.62
N PHE A 2020 28.47 13.65 -25.67
CA PHE A 2020 27.03 13.79 -25.60
C PHE A 2020 26.68 14.88 -24.61
N ASP A 2021 25.91 15.86 -25.06
CA ASP A 2021 25.64 17.05 -24.29
C ASP A 2021 25.00 16.74 -22.95
N ALA A 2022 25.51 17.36 -21.90
CA ALA A 2022 25.02 17.17 -20.53
C ALA A 2022 24.47 18.50 -20.05
N ILE A 2023 23.19 18.73 -20.28
CA ILE A 2023 22.54 19.98 -19.91
C ILE A 2023 21.24 19.67 -19.18
N ASP A 2024 20.74 20.65 -18.45
CA ASP A 2024 19.46 20.54 -17.75
C ASP A 2024 18.36 21.00 -18.69
N GLU A 2025 17.33 20.16 -18.87
CA GLU A 2025 16.36 20.39 -19.93
C GLU A 2025 15.42 21.54 -19.66
N LEU A 2026 15.47 22.13 -18.46
CA LEU A 2026 14.52 23.18 -18.10
C LEU A 2026 15.18 24.47 -17.64
N LEU A 2027 16.44 24.70 -17.98
CA LEU A 2027 17.11 25.96 -17.69
C LEU A 2027 17.59 26.59 -18.99
N THR A 2028 17.35 27.88 -19.15
CA THR A 2028 17.77 28.55 -20.37
C THR A 2028 19.30 28.53 -20.48
N GLY A 2029 19.80 29.00 -21.61
CA GLY A 2029 21.24 29.08 -21.77
C GLY A 2029 21.87 30.03 -20.77
N ARG A 2030 21.24 31.19 -20.55
CA ARG A 2030 21.81 32.17 -19.65
C ARG A 2030 21.93 31.63 -18.24
N GLU A 2031 20.91 30.93 -17.76
CA GLU A 2031 20.99 30.39 -16.41
C GLU A 2031 21.98 29.25 -16.30
N HIS A 2032 22.21 28.49 -17.38
CA HIS A 2032 23.30 27.53 -17.37
C HIS A 2032 24.64 28.21 -17.19
N LEU A 2033 24.88 29.29 -17.94
CA LEU A 2033 26.15 29.99 -17.80
C LEU A 2033 26.28 30.64 -16.43
N TYR A 2034 25.18 31.17 -15.89
CA TYR A 2034 25.21 31.73 -14.54
C TYR A 2034 25.56 30.67 -13.51
N LEU A 2035 24.94 29.49 -13.62
CA LEU A 2035 25.23 28.40 -12.69
C LEU A 2035 26.70 27.99 -12.76
N TYR A 2036 27.19 27.76 -13.97
CA TYR A 2036 28.56 27.25 -14.08
C TYR A 2036 29.61 28.33 -13.90
N ALA A 2037 29.24 29.61 -13.91
CA ALA A 2037 30.15 30.65 -13.54
C ALA A 2037 30.16 30.89 -12.04
N ARG A 2038 29.02 30.71 -11.38
CA ARG A 2038 29.00 30.75 -9.93
C ARG A 2038 29.78 29.59 -9.34
N LEU A 2039 29.65 28.41 -9.95
CA LEU A 2039 30.28 27.22 -9.39
C LEU A 2039 31.80 27.35 -9.41
N ARG A 2040 32.36 27.85 -10.51
CA ARG A 2040 33.81 27.98 -10.62
C ARG A 2040 34.35 29.11 -9.76
N GLY A 2041 33.50 29.93 -9.16
CA GLY A 2041 33.97 30.95 -8.24
C GLY A 2041 34.16 32.32 -8.82
N VAL A 2042 33.62 32.60 -10.00
CA VAL A 2042 33.70 33.96 -10.54
C VAL A 2042 32.93 34.90 -9.63
N PRO A 2043 33.49 36.05 -9.24
CA PRO A 2043 32.80 36.93 -8.30
C PRO A 2043 31.47 37.41 -8.85
N ALA A 2044 30.53 37.66 -7.94
CA ALA A 2044 29.16 37.99 -8.34
C ALA A 2044 29.05 39.29 -9.12
N GLU A 2045 30.07 40.16 -9.06
CA GLU A 2045 30.04 41.40 -9.82
C GLU A 2045 30.45 41.22 -11.27
N GLU A 2046 31.29 40.22 -11.57
CA GLU A 2046 31.83 40.00 -12.89
C GLU A 2046 31.26 38.73 -13.52
N ILE A 2047 29.98 38.46 -13.29
CA ILE A 2047 29.33 37.32 -13.93
C ILE A 2047 28.47 37.75 -15.11
N GLU A 2048 27.88 38.95 -15.07
CA GLU A 2048 27.12 39.45 -16.21
C GLU A 2048 28.00 39.56 -17.45
N LYS A 2049 29.25 40.04 -17.29
CA LYS A 2049 30.13 40.20 -18.43
C LYS A 2049 30.55 38.85 -18.98
N VAL A 2050 30.83 37.88 -18.11
CA VAL A 2050 31.21 36.55 -18.58
C VAL A 2050 30.08 35.92 -19.37
N ALA A 2051 28.85 36.01 -18.84
CA ALA A 2051 27.70 35.45 -19.55
C ALA A 2051 27.48 36.16 -20.88
N ASN A 2052 27.61 37.49 -20.91
CA ASN A 2052 27.42 38.21 -22.16
C ASN A 2052 28.47 37.82 -23.19
N TRP A 2053 29.73 37.67 -22.77
CA TRP A 2053 30.77 37.29 -23.70
C TRP A 2053 30.55 35.88 -24.23
N SER A 2054 30.24 34.92 -23.35
CA SER A 2054 30.02 33.56 -23.82
C SER A 2054 28.74 33.41 -24.62
N ILE A 2055 27.80 34.35 -24.49
CA ILE A 2055 26.61 34.32 -25.32
C ILE A 2055 26.83 35.00 -26.67
N LYS A 2056 27.62 36.06 -26.73
CA LYS A 2056 27.83 36.78 -27.97
C LYS A 2056 28.88 36.14 -28.86
N SER A 2057 29.93 35.55 -28.27
CA SER A 2057 31.07 35.06 -29.03
C SER A 2057 30.94 33.60 -29.42
N LEU A 2058 29.75 33.03 -29.32
CA LEU A 2058 29.55 31.63 -29.71
C LEU A 2058 28.21 31.42 -30.40
N GLY A 2059 27.67 32.45 -31.03
CA GLY A 2059 26.34 32.35 -31.59
C GLY A 2059 25.33 32.68 -30.53
N LEU A 2060 24.34 31.82 -30.33
CA LEU A 2060 23.52 31.78 -29.12
C LEU A 2060 22.86 33.12 -28.77
N THR A 2061 22.94 34.13 -29.65
CA THR A 2061 22.39 35.42 -29.27
C THR A 2061 20.87 35.40 -29.24
N VAL A 2062 20.26 34.58 -30.09
CA VAL A 2062 18.80 34.54 -30.21
C VAL A 2062 18.20 33.54 -29.23
N TYR A 2063 18.84 32.39 -29.05
CA TYR A 2063 18.33 31.31 -28.20
C TYR A 2063 18.92 31.33 -26.80
N ALA A 2064 19.35 32.50 -26.32
CA ALA A 2064 19.93 32.62 -25.00
C ALA A 2064 18.89 32.72 -23.90
N ASP A 2065 17.60 32.77 -24.26
CA ASP A 2065 16.53 32.91 -23.28
C ASP A 2065 15.42 31.90 -23.51
N CYS A 2066 15.73 30.76 -24.13
CA CYS A 2066 14.79 29.66 -24.27
C CYS A 2066 15.38 28.43 -23.59
N LEU A 2067 14.50 27.59 -23.07
CA LEU A 2067 14.94 26.46 -22.26
C LEU A 2067 15.89 25.56 -23.04
N ALA A 2068 16.83 24.95 -22.34
CA ALA A 2068 17.79 24.09 -23.02
C ALA A 2068 17.11 22.89 -23.68
N GLY A 2069 15.90 22.56 -23.25
CA GLY A 2069 15.14 21.52 -23.93
C GLY A 2069 14.67 21.97 -25.30
N THR A 2070 14.26 23.22 -25.43
CA THR A 2070 13.78 23.77 -26.70
C THR A 2070 14.95 24.32 -27.54
N TYR A 2071 15.97 23.49 -27.67
CA TYR A 2071 17.15 23.83 -28.45
C TYR A 2071 17.27 22.91 -29.64
N SER A 2072 18.00 23.34 -30.66
CA SER A 2072 18.27 22.52 -31.83
C SER A 2072 19.40 21.57 -31.52
N GLY A 2073 19.77 20.76 -32.50
CA GLY A 2073 20.81 19.78 -32.28
C GLY A 2073 22.17 20.40 -32.06
N GLY A 2074 22.52 21.40 -32.85
CA GLY A 2074 23.85 21.99 -32.75
C GLY A 2074 23.92 23.09 -31.71
N ASN A 2075 22.76 23.67 -31.37
CA ASN A 2075 22.74 24.69 -30.33
C ASN A 2075 22.95 24.11 -28.95
N LYS A 2076 22.91 22.79 -28.81
CA LYS A 2076 23.31 22.18 -27.56
C LYS A 2076 24.81 21.99 -27.49
N ARG A 2077 25.45 21.70 -28.64
CA ARG A 2077 26.91 21.70 -28.69
C ARG A 2077 27.47 23.09 -28.42
N LYS A 2078 26.81 24.11 -28.95
CA LYS A 2078 27.25 25.47 -28.65
C LYS A 2078 27.21 25.74 -27.16
N LEU A 2079 26.13 25.33 -26.49
CA LEU A 2079 26.03 25.52 -25.06
C LEU A 2079 27.07 24.71 -24.29
N SER A 2080 27.31 23.47 -24.70
CA SER A 2080 28.30 22.65 -24.01
C SER A 2080 29.70 23.26 -24.14
N THR A 2081 30.04 23.74 -25.34
CA THR A 2081 31.32 24.40 -25.51
C THR A 2081 31.41 25.66 -24.67
N ALA A 2082 30.33 26.45 -24.61
CA ALA A 2082 30.37 27.65 -23.79
C ALA A 2082 30.54 27.31 -22.32
N ILE A 2083 29.89 26.24 -21.86
CA ILE A 2083 30.04 25.81 -20.47
C ILE A 2083 31.46 25.37 -20.19
N ALA A 2084 32.08 24.66 -21.13
CA ALA A 2084 33.43 24.13 -20.91
C ALA A 2084 34.45 25.24 -20.78
N LEU A 2085 34.13 26.44 -21.22
CA LEU A 2085 35.12 27.50 -21.32
C LEU A 2085 34.99 28.57 -20.25
N ILE A 2086 34.01 28.47 -19.36
CA ILE A 2086 33.80 29.48 -18.34
C ILE A 2086 34.77 29.24 -17.19
N GLY A 2087 35.44 30.31 -16.76
CA GLY A 2087 36.33 30.23 -15.62
C GLY A 2087 37.81 30.17 -15.93
N CYS A 2088 38.18 30.08 -17.21
CA CYS A 2088 39.57 30.09 -17.68
C CYS A 2088 40.38 28.96 -17.07
N PRO A 2089 40.14 27.70 -17.43
CA PRO A 2089 41.03 26.63 -17.01
C PRO A 2089 42.20 26.50 -17.96
N PRO A 2090 43.40 26.20 -17.43
CA PRO A 2090 44.58 26.14 -18.30
C PRO A 2090 44.74 24.82 -19.03
N LEU A 2091 43.68 24.03 -19.13
CA LEU A 2091 43.68 22.80 -19.92
C LEU A 2091 42.24 22.46 -20.24
N VAL A 2092 41.83 22.65 -21.48
CA VAL A 2092 40.43 22.54 -21.86
C VAL A 2092 40.31 21.31 -22.75
N LEU A 2093 39.60 20.29 -22.29
CA LEU A 2093 39.46 19.05 -23.05
C LEU A 2093 38.14 19.06 -23.79
N LEU A 2094 38.17 19.42 -25.07
CA LEU A 2094 37.01 19.37 -25.94
C LEU A 2094 36.92 18.00 -26.60
N ASP A 2095 35.80 17.33 -26.41
CA ASP A 2095 35.57 16.01 -26.99
C ASP A 2095 34.50 16.21 -28.07
N GLN A 2096 34.95 16.39 -29.30
CA GLN A 2096 34.10 16.59 -30.45
C GLN A 2096 33.19 17.79 -30.24
N PRO A 2097 33.75 18.99 -30.18
CA PRO A 2097 32.90 20.17 -29.98
C PRO A 2097 32.02 20.48 -31.17
N THR A 2098 32.47 20.18 -32.39
CA THR A 2098 31.74 20.51 -33.60
C THR A 2098 31.28 19.21 -34.26
N THR A 2099 30.14 18.72 -33.80
CA THR A 2099 29.42 17.66 -34.50
C THR A 2099 28.00 18.16 -34.74
N GLY A 2100 27.59 18.21 -35.99
CA GLY A 2100 26.28 18.72 -36.32
C GLY A 2100 26.16 20.23 -36.23
N MET A 2101 27.26 20.96 -36.41
CA MET A 2101 27.21 22.42 -36.43
C MET A 2101 27.41 22.94 -37.85
N ASP A 2102 26.66 23.99 -38.18
CA ASP A 2102 26.79 24.85 -39.35
C ASP A 2102 28.25 25.14 -39.64
N PRO A 2103 28.65 25.23 -40.91
CA PRO A 2103 29.98 25.77 -41.23
C PRO A 2103 30.26 27.12 -40.57
N GLN A 2104 29.28 28.02 -40.54
CA GLN A 2104 29.50 29.31 -39.90
C GLN A 2104 29.74 29.17 -38.39
N ALA A 2105 28.93 28.34 -37.73
CA ALA A 2105 29.10 28.17 -36.30
C ALA A 2105 30.45 27.56 -35.97
N ARG A 2106 30.88 26.57 -36.74
CA ARG A 2106 32.19 26.00 -36.45
C ARG A 2106 33.31 26.96 -36.81
N ARG A 2107 33.09 27.87 -37.77
CA ARG A 2107 34.08 28.91 -38.00
C ARG A 2107 34.25 29.78 -36.76
N MET A 2108 33.13 30.19 -36.16
CA MET A 2108 33.23 31.01 -34.94
C MET A 2108 33.88 30.23 -33.82
N LEU A 2109 33.62 28.93 -33.72
CA LEU A 2109 34.27 28.16 -32.67
C LEU A 2109 35.77 28.02 -32.91
N TRP A 2110 36.19 27.90 -34.18
CA TRP A 2110 37.61 27.91 -34.48
C TRP A 2110 38.23 29.22 -34.06
N ASN A 2111 37.54 30.33 -34.30
CA ASN A 2111 38.05 31.62 -33.86
C ASN A 2111 38.28 31.62 -32.35
N VAL A 2112 37.31 31.08 -31.60
CA VAL A 2112 37.43 31.03 -30.15
C VAL A 2112 38.66 30.20 -29.74
N ILE A 2113 38.82 29.02 -30.35
CA ILE A 2113 39.89 28.12 -29.93
C ILE A 2113 41.26 28.70 -30.29
N VAL A 2114 41.35 29.32 -31.46
CA VAL A 2114 42.60 29.96 -31.85
C VAL A 2114 42.96 31.07 -30.87
N SER A 2115 41.97 31.86 -30.47
CA SER A 2115 42.23 32.87 -29.45
C SER A 2115 42.73 32.23 -28.16
N ILE A 2116 42.15 31.09 -27.79
CA ILE A 2116 42.56 30.40 -26.56
C ILE A 2116 44.02 30.04 -26.62
N ILE A 2117 44.40 29.23 -27.62
CA ILE A 2117 45.78 28.72 -27.67
C ILE A 2117 46.76 29.84 -27.97
N ARG A 2118 46.32 30.95 -28.55
CA ARG A 2118 47.21 32.09 -28.70
C ARG A 2118 47.40 32.82 -27.37
N GLU A 2119 46.41 32.75 -26.49
CA GLU A 2119 46.50 33.47 -25.23
C GLU A 2119 47.53 32.82 -24.30
N GLY A 2120 47.73 31.52 -24.42
CA GLY A 2120 48.77 30.85 -23.65
C GLY A 2120 48.34 29.62 -22.89
N ARG A 2121 47.22 29.03 -23.25
CA ARG A 2121 46.71 27.81 -22.65
C ARG A 2121 46.84 26.66 -23.64
N ALA A 2122 46.30 25.50 -23.25
CA ALA A 2122 46.38 24.30 -24.07
C ALA A 2122 45.00 23.67 -24.18
N VAL A 2123 44.75 23.04 -25.33
CA VAL A 2123 43.46 22.40 -25.56
C VAL A 2123 43.68 21.06 -26.27
N VAL A 2124 43.05 20.01 -25.77
CA VAL A 2124 43.11 18.69 -26.38
C VAL A 2124 41.83 18.48 -27.16
N LEU A 2125 41.94 18.47 -28.49
CA LEU A 2125 40.79 18.55 -29.36
C LEU A 2125 40.63 17.24 -30.12
N THR A 2126 39.44 16.67 -30.07
CA THR A 2126 39.09 15.47 -30.82
C THR A 2126 38.05 15.85 -31.85
N SER A 2127 38.29 15.50 -33.11
CA SER A 2127 37.34 15.84 -34.16
C SER A 2127 37.40 14.80 -35.27
N HIS A 2128 36.32 14.75 -36.04
CA HIS A 2128 36.20 13.86 -37.18
C HIS A 2128 36.07 14.62 -38.49
N SER A 2129 36.35 15.92 -38.48
CA SER A 2129 36.37 16.74 -39.67
C SER A 2129 37.80 17.19 -39.91
N MET A 2130 38.41 16.72 -41.00
CA MET A 2130 39.84 16.89 -41.16
C MET A 2130 40.20 18.29 -41.62
N GLU A 2131 39.24 19.03 -42.18
CA GLU A 2131 39.48 20.45 -42.43
C GLU A 2131 39.74 21.18 -41.12
N GLU A 2132 38.98 20.85 -40.08
CA GLU A 2132 39.23 21.40 -38.76
C GLU A 2132 40.64 21.06 -38.28
N CYS A 2133 40.89 19.79 -38.03
CA CYS A 2133 42.16 19.36 -37.45
C CYS A 2133 43.33 19.56 -38.40
N GLU A 2134 43.10 20.09 -39.59
CA GLU A 2134 44.16 20.61 -40.43
C GLU A 2134 44.33 22.11 -40.28
N ALA A 2135 43.26 22.82 -39.94
CA ALA A 2135 43.35 24.27 -39.77
C ALA A 2135 44.02 24.65 -38.46
N LEU A 2136 43.42 24.29 -37.33
CA LEU A 2136 43.79 24.87 -36.05
C LEU A 2136 44.58 23.92 -35.14
N CYS A 2137 44.99 22.75 -35.62
CA CYS A 2137 45.68 21.78 -34.78
C CYS A 2137 47.19 21.90 -34.95
N THR A 2138 47.91 21.94 -33.83
CA THR A 2138 49.36 22.08 -33.88
C THR A 2138 50.06 20.74 -34.01
N ARG A 2139 49.63 19.74 -33.24
CA ARG A 2139 50.19 18.40 -33.30
C ARG A 2139 49.07 17.39 -33.34
N LEU A 2140 49.18 16.40 -34.21
CA LEU A 2140 48.16 15.38 -34.37
C LEU A 2140 48.60 14.07 -33.76
N ALA A 2141 47.64 13.16 -33.61
CA ALA A 2141 47.94 11.81 -33.17
C ALA A 2141 46.78 10.91 -33.59
N ILE A 2142 47.00 10.10 -34.61
CA ILE A 2142 45.96 9.20 -35.11
C ILE A 2142 46.01 7.93 -34.27
N MET A 2143 44.90 7.61 -33.62
CA MET A 2143 44.80 6.53 -32.66
C MET A 2143 43.91 5.44 -33.22
N VAL A 2144 44.45 4.23 -33.34
CA VAL A 2144 43.68 3.07 -33.79
C VAL A 2144 43.90 1.92 -32.80
N LYS A 2145 42.81 1.27 -32.42
CA LYS A 2145 42.84 0.16 -31.46
C LYS A 2145 43.52 0.54 -30.16
N GLY A 2146 43.33 1.78 -29.72
CA GLY A 2146 43.82 2.19 -28.42
C GLY A 2146 45.31 2.49 -28.34
N ALA A 2147 45.95 2.80 -29.46
CA ALA A 2147 47.36 3.17 -29.40
C ALA A 2147 47.66 4.10 -30.58
N PHE A 2148 48.58 5.03 -30.37
CA PHE A 2148 48.94 5.96 -31.43
C PHE A 2148 49.73 5.25 -32.51
N ARG A 2149 49.76 5.90 -33.68
CA ARG A 2149 50.54 5.42 -34.85
C ARG A 2149 51.49 6.54 -35.32
N CYS A 2150 51.09 7.81 -35.22
CA CYS A 2150 51.96 8.89 -35.77
C CYS A 2150 52.45 9.85 -34.68
N MET A 2151 51.55 10.58 -34.03
CA MET A 2151 51.92 11.57 -32.96
C MET A 2151 52.99 12.56 -33.45
N GLY A 2152 52.78 13.19 -34.60
CA GLY A 2152 53.75 14.18 -35.14
C GLY A 2152 53.06 15.43 -35.62
N THR A 2153 53.82 16.52 -35.83
CA THR A 2153 53.25 17.79 -36.35
C THR A 2153 52.72 17.60 -37.77
N ILE A 2154 51.89 18.54 -38.24
CA ILE A 2154 51.19 18.43 -39.51
C ILE A 2154 52.17 18.31 -40.67
N GLN A 2155 53.15 19.21 -40.73
CA GLN A 2155 54.08 19.23 -41.85
C GLN A 2155 54.84 17.92 -41.93
N HIS A 2156 55.37 17.46 -40.81
CA HIS A 2156 56.17 16.24 -40.79
C HIS A 2156 55.33 15.01 -41.14
N LEU A 2157 54.08 14.96 -40.68
CA LEU A 2157 53.19 13.87 -41.03
C LEU A 2157 52.91 13.84 -42.53
N LYS A 2158 52.47 14.97 -43.08
CA LYS A 2158 52.16 14.99 -44.50
C LYS A 2158 53.40 14.82 -45.36
N SER A 2159 54.58 14.90 -44.73
CA SER A 2159 55.84 14.63 -45.46
C SER A 2159 56.19 13.14 -45.40
N LYS A 2160 56.34 12.57 -44.20
CA LYS A 2160 56.78 11.16 -44.07
C LYS A 2160 55.75 10.20 -44.69
N PHE A 2161 54.46 10.42 -44.45
CA PHE A 2161 53.43 9.46 -44.94
C PHE A 2161 52.68 10.03 -46.14
N GLY A 2162 53.38 10.57 -47.14
CA GLY A 2162 52.68 10.96 -48.35
C GLY A 2162 53.61 11.39 -49.45
N ASP A 2163 53.14 11.23 -50.68
CA ASP A 2163 53.86 11.69 -51.85
C ASP A 2163 52.87 11.86 -52.98
N GLY A 2164 53.27 12.68 -53.96
CA GLY A 2164 52.45 12.88 -55.13
C GLY A 2164 51.25 13.75 -54.86
N TYR A 2165 50.43 13.99 -55.89
CA TYR A 2165 49.27 14.84 -55.80
C TYR A 2165 48.01 13.99 -55.86
N ILE A 2166 46.89 14.60 -55.48
CA ILE A 2166 45.60 13.93 -55.48
C ILE A 2166 44.67 14.70 -56.40
N VAL A 2167 44.46 14.19 -57.60
CA VAL A 2167 43.61 14.83 -58.59
C VAL A 2167 42.23 14.23 -58.45
N THR A 2168 41.35 14.89 -57.69
CA THR A 2168 39.99 14.42 -57.50
C THR A 2168 39.07 15.14 -58.48
N MET A 2169 38.22 14.37 -59.16
CA MET A 2169 37.40 14.85 -60.26
C MET A 2169 35.94 14.54 -59.97
N LYS A 2170 35.07 15.11 -60.81
CA LYS A 2170 33.64 14.84 -60.75
C LYS A 2170 33.06 15.02 -62.14
N ILE A 2171 32.76 13.93 -62.81
CA ILE A 2171 32.31 13.95 -64.19
C ILE A 2171 30.80 14.09 -64.25
N LYS A 2172 30.30 14.68 -65.31
CA LYS A 2172 28.88 14.86 -65.50
C LYS A 2172 28.41 14.07 -66.72
N SER A 2173 27.13 13.71 -66.72
CA SER A 2173 26.56 12.93 -67.81
C SER A 2173 26.40 13.79 -69.07
N LEU A 2178 26.97 8.96 -66.06
CA LEU A 2178 26.99 7.92 -65.03
C LEU A 2178 28.24 7.05 -65.16
N LEU A 2179 28.23 5.88 -64.51
CA LEU A 2179 29.41 5.07 -64.29
C LEU A 2179 30.15 4.67 -65.58
N PRO A 2180 29.47 4.19 -66.64
CA PRO A 2180 30.20 3.87 -67.87
C PRO A 2180 30.87 5.05 -68.53
N ASP A 2181 30.62 6.28 -68.08
CA ASP A 2181 31.32 7.44 -68.62
C ASP A 2181 32.70 7.62 -67.99
N LEU A 2182 33.05 6.79 -67.01
CA LEU A 2182 34.31 6.93 -66.29
C LEU A 2182 35.49 6.35 -67.05
N ASN A 2183 35.25 5.69 -68.18
CA ASN A 2183 36.30 4.97 -68.91
C ASN A 2183 37.25 5.93 -69.63
N PRO A 2184 36.75 6.93 -70.38
CA PRO A 2184 37.69 7.80 -71.11
C PRO A 2184 38.71 8.49 -70.22
N VAL A 2185 38.31 8.91 -69.02
CA VAL A 2185 39.25 9.62 -68.15
C VAL A 2185 40.30 8.66 -67.60
N GLU A 2186 39.91 7.41 -67.34
CA GLU A 2186 40.90 6.43 -66.91
C GLU A 2186 41.92 6.19 -68.01
N GLN A 2187 41.44 6.09 -69.25
CA GLN A 2187 42.39 5.94 -70.36
C GLN A 2187 43.28 7.17 -70.49
N PHE A 2188 42.72 8.36 -70.27
CA PHE A 2188 43.50 9.59 -70.37
C PHE A 2188 44.60 9.62 -69.32
N PHE A 2189 44.28 9.26 -68.08
CA PHE A 2189 45.29 9.21 -67.03
C PHE A 2189 46.35 8.16 -67.31
N GLN A 2190 45.93 6.97 -67.76
CA GLN A 2190 46.92 5.94 -68.06
C GLN A 2190 47.77 6.29 -69.28
N GLY A 2191 47.28 7.15 -70.16
CA GLY A 2191 48.06 7.54 -71.33
C GLY A 2191 48.91 8.77 -71.10
N ASN A 2192 48.63 9.53 -70.05
CA ASN A 2192 49.41 10.73 -69.74
C ASN A 2192 50.28 10.55 -68.51
N PHE A 2193 49.69 10.14 -67.38
CA PHE A 2193 50.41 10.02 -66.12
C PHE A 2193 50.69 8.55 -65.87
N PRO A 2194 51.92 8.07 -66.10
CA PRO A 2194 52.16 6.62 -66.13
C PRO A 2194 51.87 5.90 -64.82
N GLY A 2195 52.54 6.31 -63.75
CA GLY A 2195 52.31 5.68 -62.46
C GLY A 2195 51.29 6.44 -61.64
N SER A 2196 50.05 5.99 -61.66
CA SER A 2196 48.96 6.71 -61.01
C SER A 2196 47.92 5.69 -60.54
N VAL A 2197 47.94 5.38 -59.25
CA VAL A 2197 46.93 4.49 -58.70
C VAL A 2197 45.56 5.16 -58.72
N GLN A 2198 44.52 4.36 -58.54
CA GLN A 2198 43.16 4.85 -58.44
C GLN A 2198 42.64 4.57 -57.04
N ARG A 2199 42.16 5.61 -56.37
CA ARG A 2199 41.61 5.49 -55.03
C ARG A 2199 40.20 6.06 -55.02
N GLU A 2200 39.29 5.37 -54.36
CA GLU A 2200 37.96 5.89 -54.04
C GLU A 2200 37.22 6.31 -55.31
N ARG A 2201 36.89 5.31 -56.13
CA ARG A 2201 36.03 5.54 -57.29
C ARG A 2201 34.58 5.32 -56.85
N HIS A 2202 33.86 6.41 -56.66
CA HIS A 2202 32.45 6.33 -56.27
C HIS A 2202 31.58 6.35 -57.53
N TYR A 2203 30.28 6.57 -57.34
CA TYR A 2203 29.35 6.51 -58.46
C TYR A 2203 29.68 7.54 -59.53
N ASN A 2204 30.09 8.74 -59.13
CA ASN A 2204 30.25 9.82 -60.09
C ASN A 2204 31.61 10.50 -60.02
N MET A 2205 32.39 10.30 -58.98
CA MET A 2205 33.65 10.99 -58.81
C MET A 2205 34.83 10.03 -58.96
N LEU A 2206 36.01 10.61 -59.11
CA LEU A 2206 37.26 9.86 -59.22
C LEU A 2206 38.32 10.57 -58.40
N GLN A 2207 39.32 9.82 -57.97
CA GLN A 2207 40.38 10.41 -57.16
C GLN A 2207 41.66 9.64 -57.44
N PHE A 2208 42.47 10.15 -58.37
CA PHE A 2208 43.73 9.53 -58.72
C PHE A 2208 44.88 10.15 -57.94
N GLN A 2209 45.82 9.32 -57.54
CA GLN A 2209 47.01 9.77 -56.83
C GLN A 2209 48.13 9.90 -57.84
N VAL A 2210 48.14 10.99 -58.56
CA VAL A 2210 49.11 11.26 -59.61
C VAL A 2210 50.48 11.47 -58.99
N SER A 2211 51.52 11.02 -59.70
CA SER A 2211 52.89 11.23 -59.25
C SER A 2211 53.68 12.02 -60.28
N SER A 2212 53.10 13.12 -60.79
CA SER A 2212 53.75 13.95 -61.78
C SER A 2212 54.84 14.79 -61.13
N SER A 2213 55.43 15.70 -61.90
CA SER A 2213 56.54 16.51 -61.41
C SER A 2213 56.06 17.71 -60.59
N SER A 2214 55.29 18.60 -61.22
CA SER A 2214 54.85 19.83 -60.58
C SER A 2214 53.36 20.04 -60.82
N LEU A 2215 52.75 20.81 -59.92
CA LEU A 2215 51.30 20.99 -59.96
C LEU A 2215 50.85 21.84 -61.13
N ALA A 2216 51.71 22.71 -61.66
CA ALA A 2216 51.32 23.51 -62.81
C ALA A 2216 51.08 22.64 -64.04
N ARG A 2217 51.91 21.62 -64.23
CA ARG A 2217 51.71 20.71 -65.36
C ARG A 2217 50.37 20.00 -65.25
N ILE A 2218 50.06 19.48 -64.06
CA ILE A 2218 48.78 18.81 -63.86
C ILE A 2218 47.63 19.77 -64.12
N PHE A 2219 47.73 20.98 -63.58
CA PHE A 2219 46.67 21.97 -63.78
C PHE A 2219 46.44 22.25 -65.26
N GLN A 2220 47.51 22.58 -65.98
CA GLN A 2220 47.33 22.95 -67.38
C GLN A 2220 46.82 21.78 -68.21
N LEU A 2221 47.38 20.58 -67.99
CA LEU A 2221 46.97 19.43 -68.77
C LEU A 2221 45.53 19.05 -68.50
N LEU A 2222 45.10 19.10 -67.23
CA LEU A 2222 43.74 18.76 -66.90
C LEU A 2222 42.75 19.82 -67.35
N LEU A 2223 43.15 21.09 -67.37
CA LEU A 2223 42.24 22.14 -67.78
C LEU A 2223 42.08 22.17 -69.30
N SER A 2224 43.16 21.92 -70.04
CA SER A 2224 43.06 21.97 -71.50
C SER A 2224 42.17 20.87 -72.06
N HIS A 2225 41.99 19.77 -71.33
CA HIS A 2225 41.13 18.67 -71.75
C HIS A 2225 39.79 18.68 -71.03
N LYS A 2226 39.47 19.76 -70.31
CA LYS A 2226 38.24 19.80 -69.54
C LYS A 2226 37.01 19.78 -70.42
N ASP A 2227 37.05 20.49 -71.55
CA ASP A 2227 35.91 20.51 -72.46
C ASP A 2227 35.81 19.22 -73.26
N SER A 2228 36.95 18.62 -73.64
CA SER A 2228 36.91 17.37 -74.38
C SER A 2228 36.27 16.25 -73.56
N LEU A 2229 36.59 16.18 -72.27
CA LEU A 2229 35.88 15.32 -71.36
C LEU A 2229 34.66 16.06 -70.82
N LEU A 2230 34.00 15.48 -69.83
CA LEU A 2230 32.81 16.06 -69.25
C LEU A 2230 33.02 16.37 -67.77
N ILE A 2231 34.14 17.01 -67.46
CA ILE A 2231 34.53 17.29 -66.08
C ILE A 2231 33.60 18.40 -65.54
N GLU A 2232 32.86 18.10 -64.49
CA GLU A 2232 31.99 19.11 -63.90
C GLU A 2232 32.74 19.93 -62.84
N GLU A 2233 33.39 19.24 -61.91
CA GLU A 2233 34.23 19.88 -60.91
C GLU A 2233 35.57 19.16 -60.86
N TYR A 2234 36.55 19.79 -60.25
CA TYR A 2234 37.89 19.24 -60.16
C TYR A 2234 38.64 19.89 -59.02
N SER A 2235 39.73 19.26 -58.61
CA SER A 2235 40.54 19.75 -57.49
C SER A 2235 41.86 19.01 -57.50
N VAL A 2236 42.95 19.75 -57.33
CA VAL A 2236 44.29 19.17 -57.39
C VAL A 2236 44.96 19.51 -56.06
N THR A 2237 44.82 18.62 -55.09
CA THR A 2237 45.37 18.84 -53.77
C THR A 2237 46.83 18.37 -53.75
N GLN A 2238 47.53 18.64 -52.66
CA GLN A 2238 48.90 18.20 -52.48
C GLN A 2238 49.00 17.42 -51.17
N THR A 2239 48.67 16.13 -51.23
CA THR A 2239 48.80 15.20 -50.11
C THR A 2239 48.08 15.73 -48.86
N THR A 2240 46.77 15.80 -48.98
CA THR A 2240 45.94 16.24 -47.87
C THR A 2240 46.01 15.24 -46.73
N LEU A 2241 45.46 15.63 -45.58
CA LEU A 2241 45.50 14.77 -44.40
C LEU A 2241 44.51 13.61 -44.51
N ASP A 2242 43.44 13.79 -45.29
CA ASP A 2242 42.52 12.69 -45.54
C ASP A 2242 43.23 11.49 -46.13
N GLN A 2243 44.24 11.72 -46.98
CA GLN A 2243 45.01 10.61 -47.52
C GLN A 2243 45.68 9.81 -46.42
N VAL A 2244 46.31 10.52 -45.46
CA VAL A 2244 46.99 9.84 -44.36
C VAL A 2244 46.00 9.04 -43.52
N PHE A 2245 44.88 9.67 -43.16
CA PHE A 2245 43.92 8.97 -42.33
C PHE A 2245 43.32 7.77 -43.03
N VAL A 2246 43.00 7.90 -44.33
CA VAL A 2246 42.43 6.79 -45.06
C VAL A 2246 43.44 5.67 -45.20
N ASN A 2247 44.72 5.99 -45.37
CA ASN A 2247 45.74 4.94 -45.40
C ASN A 2247 45.76 4.17 -44.08
N PHE A 2248 45.76 4.90 -42.96
CA PHE A 2248 45.73 4.20 -41.67
C PHE A 2248 44.49 3.35 -41.50
N ALA A 2249 43.32 3.88 -41.86
CA ALA A 2249 42.09 3.11 -41.68
C ALA A 2249 42.06 1.89 -42.58
N LYS A 2250 42.61 2.00 -43.79
CA LYS A 2250 42.69 0.83 -44.67
C LYS A 2250 43.61 -0.23 -44.09
N GLN A 2251 44.76 0.16 -43.55
CA GLN A 2251 45.68 -0.82 -43.00
C GLN A 2251 45.03 -1.60 -41.85
N GLN A 2252 44.70 -0.91 -40.77
CA GLN A 2252 43.92 -1.54 -39.69
C GLN A 2252 42.60 -0.79 -39.50
C1 NAG B . -41.60 -1.53 49.14
C2 NAG B . -42.75 -0.61 49.36
C3 NAG B . -42.38 0.38 50.47
C4 NAG B . -41.76 -0.33 51.67
C5 NAG B . -40.87 -1.54 51.32
C6 NAG B . -40.64 -2.47 52.48
C7 NAG B . -44.28 0.70 47.95
C8 NAG B . -44.45 1.41 46.64
N2 NAG B . -43.08 0.12 48.14
O3 NAG B . -43.54 1.09 50.88
O4 NAG B . -40.90 0.60 52.35
O5 NAG B . -41.43 -2.32 50.26
O6 NAG B . -39.27 -2.50 52.86
O7 NAG B . -45.16 0.65 48.79
C1 NAG B . -41.50 1.19 53.51
C2 NAG B . -40.51 2.23 54.06
C3 NAG B . -41.09 2.90 55.29
C4 NAG B . -42.47 3.49 54.99
C5 NAG B . -43.38 2.45 54.31
C6 NAG B . -44.66 3.05 53.79
C7 NAG B . -38.98 0.75 55.32
C8 NAG B . -37.55 0.30 55.45
N2 NAG B . -39.21 1.65 54.36
O3 NAG B . -40.21 3.93 55.73
O4 NAG B . -43.09 3.89 56.20
O5 NAG B . -42.72 1.85 53.18
O6 NAG B . -44.43 3.87 52.65
O7 NAG B . -39.87 0.31 56.03
C1 BMA B . -42.98 5.30 56.47
C2 BMA B . -43.66 5.50 57.86
C3 BMA B . -43.31 6.85 58.48
C4 BMA B . -41.81 7.17 58.34
C5 BMA B . -41.43 7.09 56.88
C6 BMA B . -39.97 7.44 56.64
O2 BMA B . -43.23 4.51 58.78
O3 BMA B . -43.68 6.92 59.85
O4 BMA B . -41.54 8.47 58.83
O5 BMA B . -41.63 5.73 56.45
O6 BMA B . -39.17 6.70 57.55
C1 NAG C . -28.52 -38.40 30.38
C2 NAG C . -28.48 -39.04 31.76
C3 NAG C . -27.25 -38.56 32.52
C4 NAG C . -25.98 -38.72 31.70
C5 NAG C . -26.17 -38.10 30.33
C6 NAG C . -25.01 -38.31 29.39
C7 NAG C . -30.07 -39.38 33.61
C8 NAG C . -31.34 -38.92 34.24
N2 NAG C . -29.70 -38.73 32.50
O3 NAG C . -27.12 -39.26 33.76
O4 NAG C . -24.88 -38.10 32.36
O5 NAG C . -27.32 -38.66 29.70
O6 NAG C . -24.82 -37.19 28.54
O7 NAG C . -29.40 -40.29 34.09
C1 NAG C . -23.78 -39.03 32.47
C2 NAG C . -22.47 -38.26 32.28
C3 NAG C . -21.35 -38.92 33.06
C4 NAG C . -21.63 -38.77 34.55
C5 NAG C . -23.08 -39.13 34.88
C6 NAG C . -23.91 -37.95 35.34
C7 NAG C . -21.82 -39.17 30.07
C8 NAG C . -21.47 -38.82 28.65
N2 NAG C . -22.10 -38.14 30.87
O3 NAG C . -20.11 -38.31 32.72
O4 NAG C . -20.76 -39.63 35.28
O5 NAG C . -23.76 -39.73 33.77
O6 NAG C . -25.28 -38.30 35.45
O7 NAG C . -21.85 -40.33 30.46
C1 BMA C . -19.68 -38.86 35.83
C2 BMA C . -19.28 -39.54 37.14
C3 BMA C . -18.07 -38.82 37.73
C4 BMA C . -16.96 -38.63 36.70
C5 BMA C . -17.50 -38.03 35.39
C6 BMA C . -16.47 -38.00 34.28
O2 BMA C . -18.87 -40.87 36.89
O3 BMA C . -17.55 -39.54 38.84
O4 BMA C . -15.96 -37.76 37.21
O5 BMA C . -18.60 -38.83 34.93
O6 BMA C . -15.18 -38.20 34.85
C1 BMA C . -18.40 -39.35 40.00
C2 BMA C . -18.83 -40.74 40.51
C3 BMA C . -19.57 -40.61 41.83
C4 BMA C . -18.80 -39.72 42.83
C5 BMA C . -18.50 -38.37 42.18
C6 BMA C . -17.69 -37.45 43.08
O2 BMA C . -17.68 -41.54 40.77
O3 BMA C . -19.83 -41.88 42.42
O4 BMA C . -19.57 -39.53 44.01
O5 BMA C . -17.72 -38.61 41.00
O6 BMA C . -16.36 -37.95 43.16
C1 BMA C . -14.52 -39.27 34.14
C2 BMA C . -13.28 -39.69 34.97
C3 BMA C . -12.69 -41.00 34.45
C4 BMA C . -13.77 -42.05 34.21
C5 BMA C . -14.82 -41.49 33.26
C6 BMA C . -15.92 -42.48 32.92
O2 BMA C . -13.65 -39.92 36.33
O3 BMA C . -11.70 -41.51 35.34
O4 BMA C . -13.19 -43.22 33.64
O5 BMA C . -15.42 -40.35 33.91
O6 BMA C . -16.63 -42.00 31.78
C09 6OU D . -27.18 2.80 12.69
C10 6OU D . -26.58 1.46 12.27
C11 6OU D . -25.51 1.04 13.27
C12 6OU D . -24.99 -0.35 12.92
C13 6OU D . -23.48 -0.31 12.75
C14 6OU D . -23.05 -1.43 11.80
C15 6OU D . -21.94 -2.25 12.45
C16 6OU D . -20.69 -2.17 11.59
O17 6OU D . -20.55 -1.30 10.81
O18 6OU D . -19.68 -3.14 11.74
C19 6OU D . -18.61 -2.71 12.54
C20 6OU D . -17.29 -2.84 11.78
C21 6OU D . -16.51 -4.04 12.32
O22 6OU D . -17.22 -5.22 12.08
P23 6OU D . -16.58 -6.63 12.62
O24 6OU D . -15.34 -6.95 11.80
O25 6OU D . -17.58 -7.75 12.47
O26 6OU D . -16.16 -6.47 14.20
C27 6OU D . -17.16 -6.62 15.16
C28 6OU D . -16.52 -6.92 16.52
N29 6OU D . -15.17 -6.39 16.53
O30 6OU D . -16.55 -1.68 12.00
C31 6OU D . -15.93 -1.19 10.85
O32 6OU D . -15.38 -1.92 10.11
C33 6OU D . -15.98 0.31 10.57
C34 6OU D . -14.90 0.68 9.55
C35 6OU D . -15.04 2.16 9.21
C36 6OU D . -13.96 2.54 8.19
C37 6OU D . -14.22 3.96 7.70
C38 6OU D . -15.69 4.13 7.34
C39 6OU D . -16.05 5.61 7.38
C10 6OU E . -10.13 9.40 -12.57
C11 6OU E . -9.87 10.89 -12.57
C12 6OU E . -8.96 11.25 -13.74
C13 6OU E . -7.89 12.24 -13.30
C14 6OU E . -6.86 12.38 -14.42
C15 6OU E . -5.58 13.01 -13.86
C16 6OU E . -4.83 13.67 -15.01
O17 6OU E . -5.40 13.94 -16.01
O18 6OU E . -3.46 13.93 -14.90
C19 6OU E . -2.92 14.63 -15.98
C20 6OU E . -1.95 15.69 -15.47
C21 6OU E . -0.87 15.98 -16.51
O22 6OU E . -0.53 14.83 -17.22
P23 6OU E . 0.21 15.03 -18.68
O24 6OU E . 1.07 13.83 -19.01
O25 6OU E . 1.09 16.24 -18.64
O26 6OU E . -0.93 15.23 -19.86
C27 6OU E . -0.78 14.53 -21.06
C28 6OU E . -2.06 14.63 -21.88
N29 6OU E . -2.83 13.41 -21.74
O30 6OU E . -1.37 15.27 -14.27
C31 6OU E . -1.67 16.12 -13.20
O32 6OU E . -1.90 17.26 -13.39
C33 6OU E . -1.74 15.58 -11.77
C34 6OU E . -1.78 16.76 -10.81
C35 6OU E . -2.95 16.57 -9.84
C10 6OU F . 15.48 -1.32 -1.97
C11 6OU F . 15.40 -1.55 -3.48
C12 6OU F . 14.14 -2.34 -3.81
C13 6OU F . 14.47 -3.38 -4.89
C14 6OU F . 13.57 -3.17 -6.10
C15 6OU F . 13.75 -4.34 -7.07
C16 6OU F . 13.98 -3.82 -8.49
O17 6OU F . 13.05 -3.59 -9.19
O18 6OU F . 15.28 -3.61 -8.96
C19 6OU F . 15.35 -2.86 -10.14
C20 6OU F . 16.82 -2.64 -10.50
C21 6OU F . 16.97 -2.46 -12.01
O22 6OU F . 17.02 -1.09 -12.29
P23 6OU F . 17.97 -0.54 -13.51
O24 6OU F . 17.42 -1.01 -14.83
O25 6OU F . 18.01 0.96 -13.49
O26 6OU F . 19.49 -1.14 -13.30
C27 6OU F . 20.44 -0.96 -14.33
C28 6OU F . 21.83 -1.01 -13.73
N29 6OU F . 21.75 -1.39 -12.33
O30 6OU F . 17.58 -3.72 -10.05
C31 6OU F . 18.73 -3.33 -9.36
O32 6OU F . 19.37 -2.42 -9.75
C33 6OU F . 19.16 -4.08 -8.10
C34 6OU F . 17.93 -4.42 -7.26
C35 6OU F . 18.28 -5.58 -6.33
C36 6OU F . 17.12 -5.80 -5.35
C37 6OU F . 17.24 -7.18 -4.71
C38 6OU F . 16.03 -7.45 -3.81
C310 POV G . -22.25 -9.45 53.24
C311 POV G . -21.19 -8.47 53.73
C312 POV G . -19.81 -8.97 53.31
C313 POV G . -18.73 -8.35 54.19
C314 POV G . -18.65 -9.12 55.51
C34 POV G . -27.11 -9.67 50.82
C35 POV G . -26.44 -8.88 49.71
C36 POV G . -24.95 -8.74 50.01
C37 POV G . -24.72 -7.62 51.02
C38 POV G . -23.37 -7.82 51.71
C39 POV G . -23.54 -8.70 52.94
C310 POV H . -15.90 -7.85 44.26
C311 POV H . -14.67 -7.06 44.73
C312 POV H . -13.64 -7.03 43.60
C313 POV H . -13.31 -8.45 43.16
C35 POV H . -20.74 -5.66 46.54
C36 POV H . -19.27 -5.97 46.31
C37 POV H . -18.88 -5.59 44.89
C38 POV H . -17.41 -5.91 44.65
C39 POV H . -17.13 -7.37 45.01
C210 POV I . -24.18 -8.23 42.81
C211 POV I . -23.65 -8.56 41.42
C212 POV I . -22.20 -9.02 41.52
C213 POV I . -21.63 -9.23 40.12
C214 POV I . -20.68 -8.09 39.78
C215 POV I . -20.98 -7.57 38.37
C216 POV I . -20.08 -8.27 37.35
C22 POV I . -32.03 -5.23 46.62
C23 POV I . -30.80 -6.12 46.80
C24 POV I . -30.24 -6.50 45.44
C25 POV I . -29.04 -7.43 45.61
C26 POV I . -28.74 -8.09 44.28
C27 POV I . -27.44 -8.88 44.39
C28 POV I . -26.25 -7.96 44.16
C29 POV I . -25.70 -8.18 42.75
C210 POV J . -22.00 -11.40 45.61
C211 POV J . -20.93 -10.98 44.62
C212 POV J . -19.67 -11.80 44.89
C213 POV J . -18.76 -11.76 43.67
C214 POV J . -17.65 -12.80 43.82
C215 POV J . -16.55 -12.55 42.80
C216 POV J . -16.34 -13.82 41.97
C217 POV J . -15.78 -14.92 42.86
C218 POV J . -15.95 -16.27 42.16
C21 POV J . -26.74 -17.83 51.11
C22 POV J . -26.03 -16.49 51.26
C23 POV J . -25.27 -16.16 49.97
C24 POV J . -24.65 -14.77 50.08
C25 POV J . -24.03 -14.40 48.74
C26 POV J . -23.94 -12.89 48.60
C27 POV J . -23.99 -12.50 47.13
C28 POV J . -24.01 -10.98 46.99
C29 POV J . -22.93 -10.55 45.99
C1 POV K . -36.95 -30.43 48.23
C210 POV K . -27.57 -21.05 53.39
C21 POV K . -30.42 -28.91 48.31
C22 POV K . -29.55 -27.95 49.12
C23 POV K . -29.96 -27.98 50.59
C24 POV K . -29.02 -27.10 51.41
C25 POV K . -29.65 -26.79 52.76
C26 POV K . -28.74 -25.84 53.54
C27 POV K . -28.46 -24.60 52.71
C28 POV K . -27.96 -23.48 53.61
C29 POV K . -27.72 -22.22 52.79
C1 NAG L . -23.76 -9.06 90.03
C2 NAG L . -23.52 -10.04 91.17
C3 NAG L . -22.53 -9.48 92.18
C4 NAG L . -21.28 -9.01 91.47
C5 NAG L . -21.64 -8.01 90.37
C6 NAG L . -20.40 -7.53 89.64
C7 NAG L . -25.45 -11.48 91.50
C8 NAG L . -24.68 -12.76 91.55
N2 NAG L . -24.77 -10.39 91.83
O3 NAG L . -22.20 -10.50 93.13
O4 NAG L . -20.41 -8.38 92.41
O5 NAG L . -22.54 -8.62 89.43
O6 NAG L . -20.75 -6.49 88.73
O7 NAG L . -26.63 -11.43 91.16
C1 NAG M . -13.57 -10.07 74.80
C2 NAG M . -12.15 -9.58 74.55
C3 NAG M . -11.45 -9.20 75.87
C4 NAG M . -12.31 -9.44 77.11
C5 NAG M . -13.83 -9.30 76.94
C6 NAG M . -14.42 -8.17 77.75
C7 NAG M . -11.32 -11.87 74.20
C8 NAG M . -10.45 -12.75 73.37
N2 NAG M . -11.37 -10.59 73.84
O3 NAG M . -11.04 -7.84 75.80
O4 NAG M . -12.01 -10.70 77.72
O5 NAG M . -14.24 -9.13 75.57
O6 NAG M . -13.77 -6.93 77.50
O7 NAG M . -11.98 -12.31 75.15
C1 NAG N . -29.00 -50.15 8.16
C2 NAG N . -28.75 -51.56 7.55
C3 NAG N . -27.25 -51.83 7.34
C4 NAG N . -26.60 -50.68 6.58
C5 NAG N . -26.83 -49.39 7.34
C6 NAG N . -26.24 -48.18 6.64
C7 NAG N . -29.16 -53.06 9.56
C8 NAG N . -28.11 -52.33 10.37
N2 NAG N . -29.38 -52.64 8.29
O3 NAG N . -27.09 -53.05 6.62
O4 NAG N . -25.20 -50.92 6.43
O5 NAG N . -28.24 -49.16 7.44
O6 NAG N . -25.45 -48.56 5.53
O7 NAG N . -29.79 -54.00 10.04
C1 NAG O . -34.37 -10.82 84.67
C2 NAG O . -35.34 -10.92 85.83
C3 NAG O . -35.63 -9.54 86.40
C4 NAG O . -34.33 -8.85 86.78
C5 NAG O . -33.36 -8.83 85.59
C6 NAG O . -32.00 -8.30 85.96
C7 NAG O . -37.09 -12.63 86.07
C8 NAG O . -36.32 -13.12 87.25
N2 NAG O . -36.58 -11.57 85.43
O3 NAG O . -36.47 -9.64 87.53
O4 NAG O . -34.59 -7.50 87.19
O5 NAG O . -33.16 -10.17 85.11
O6 NAG O . -31.99 -6.87 85.99
O7 NAG O . -38.15 -13.16 85.70
C1 NAG P . -38.02 9.39 22.91
C2 NAG P . -38.80 10.68 23.10
C3 NAG P . -39.87 10.78 22.02
C4 NAG P . -39.25 10.58 20.64
C5 NAG P . -38.37 9.34 20.61
C6 NAG P . -37.60 9.16 19.32
C7 NAG P . -38.90 11.47 25.42
C8 NAG P . -39.65 11.41 26.72
N2 NAG P . -39.40 10.74 24.42
O3 NAG P . -40.50 12.06 22.10
O4 NAG P . -40.29 10.44 19.66
O5 NAG P . -37.40 9.39 21.67
O6 NAG P . -37.11 7.83 19.20
O7 NAG P . -37.89 12.15 25.29
C1 NAG Q . -28.12 -35.73 45.79
C2 NAG Q . -27.20 -36.61 46.63
C3 NAG Q . -27.93 -37.79 47.23
C4 NAG Q . -29.16 -37.31 47.96
C5 NAG Q . -30.03 -36.50 47.01
C6 NAG Q . -31.29 -36.00 47.70
C7 NAG Q . -24.88 -36.42 45.95
C8 NAG Q . -24.25 -36.03 44.64
N2 NAG Q . -26.05 -37.06 45.86
O3 NAG Q . -27.06 -38.46 48.16
O4 NAG Q . -29.91 -38.42 48.46
O5 NAG Q . -29.30 -35.38 46.49
O6 NAG Q . -31.94 -37.11 48.34
O7 NAG Q . -24.36 -36.16 47.02
MG MG R . 33.48 8.71 -29.55
MG MG S . 18.29 18.68 -36.44
PG ATP T . 20.31 21.43 -36.51
O1G ATP T . 19.84 20.25 -37.33
O2G ATP T . 21.39 22.26 -37.15
O3G ATP T . 20.59 21.13 -35.06
PB ATP T . 17.57 21.76 -36.56
O1B ATP T . 17.58 20.38 -35.95
O2B ATP T . 17.09 21.95 -37.97
O3B ATP T . 19.04 22.38 -36.45
PA ATP T . 15.16 22.29 -35.35
O1A ATP T . 15.12 21.06 -34.48
O2A ATP T . 14.48 22.33 -36.68
O3A ATP T . 16.69 22.69 -35.61
O5' ATP T . 14.62 23.54 -34.51
C5' ATP T . 13.73 24.45 -35.13
C4' ATP T . 13.32 25.49 -34.11
O4' ATP T . 12.26 24.97 -33.35
C3' ATP T . 14.46 25.80 -33.17
O3' ATP T . 14.84 27.17 -33.31
C2' ATP T . 13.92 25.58 -31.78
O2' ATP T . 14.03 26.81 -31.05
C1' ATP T . 12.47 25.21 -31.96
N9 ATP T . 12.17 23.97 -31.21
C8 ATP T . 12.79 22.79 -31.37
N7 ATP T . 12.28 21.86 -30.54
C5 ATP T . 11.31 22.44 -29.82
C6 ATP T . 10.38 22.02 -28.75
N6 ATP T . 10.38 20.75 -28.29
N1 ATP T . 9.52 22.95 -28.27
C2 ATP T . 9.50 24.20 -28.72
N3 ATP T . 10.33 24.65 -29.68
C4 ATP T . 11.24 23.83 -30.26
PG ATP U . 33.86 7.39 -31.41
O1G ATP U . 34.75 8.54 -31.03
O2G ATP U . 32.48 7.46 -30.80
O3G ATP U . 33.89 7.03 -32.86
PB ATP U . 35.14 6.45 -29.21
O1B ATP U . 34.10 7.21 -28.44
O2B ATP U . 36.50 7.06 -29.40
O3B ATP U . 34.55 6.16 -30.67
PA ATP U . 35.18 4.85 -26.95
O1A ATP U . 36.36 5.54 -26.33
O2A ATP U . 33.78 5.25 -26.58
O3A ATP U . 35.33 5.01 -28.54
O5' ATP U . 35.36 3.27 -26.71
C5' ATP U . 35.83 2.45 -27.77
C4' ATP U . 35.56 1.01 -27.40
O4' ATP U . 35.19 0.93 -26.03
C3' ATP U . 34.38 0.46 -28.20
O3' ATP U . 34.85 -0.59 -29.04
C2' ATP U . 33.42 -0.09 -27.19
O2' ATP U . 33.14 -1.46 -27.48
C1' ATP U . 34.14 -0.02 -25.86
N9 ATP U . 33.20 0.40 -24.80
C8 ATP U . 32.69 1.63 -24.62
N7 ATP U . 31.86 1.66 -23.55
C5 ATP U . 31.82 0.42 -23.03
C6 ATP U . 31.15 -0.25 -21.90
N6 ATP U . 30.31 0.45 -21.09
N1 ATP U . 31.38 -1.56 -21.72
C2 ATP U . 32.20 -2.26 -22.51
N3 ATP U . 32.85 -1.71 -23.56
C4 ATP U . 32.70 -0.41 -23.87
#